data_9LII
#
_entry.id   9LII
#
loop_
_entity.id
_entity.type
_entity.pdbx_description
1 polymer 'DNA topoisomerase medium subunit'
2 polymer 'DNA topoisomerase large subunit,DNA topoisomerase small subunit'
#
loop_
_entity_poly.entity_id
_entity_poly.type
_entity_poly.pdbx_seq_one_letter_code
_entity_poly.pdbx_strand_id
1 'polypeptide(L)'
;MQLNNRDLKSIIDNEALAYAMYTVENRAIPNMIDGFKPVQRFVIARALDLARGNKDKFHKLASIAGGVADLGYHHGENSA
QDAGALMANTWNNNFPLLDGQGNFGSRTVQKAAASRYIFARVSKNFYNVYKDTEYAPVHQDKEHIPPAFYLPIIPTVLLN
GVSGIATGYATYILPHSVSSVKKAVLQALQGKKVTKPKVEFPEFRGEVVEIDGQYEIRGTYKFTSRTQMHITEIPYKYDR
ETYVSKILDPLENKGFITWDDACGEHGFGFKVKFRKEYSLSDNEEERHAKIMKDFGLIERRSQNITVINEKGKLQVYDNV
VDLIKDFVEVRKTYVQKRIDNKIKETESAFRLAFAKAHFIKKVISGEIVVQGKTRKELTEELSKIDMYSSYVDKLVGMNI
FHMTSDEAKKLAEEAKAKKEENEYWKTTDVVTEYTKDLEEIKHHHHHHHHHH
;
C,D
2 'polypeptide(L)'
;MIKNEIKILSDIEHIKKRSGMYIGSSANETHERFMFGKWESVQYVPGLVKLIDEIIDNSVDEGIRTKFKFANKINVTIKN
NQVTVEDNGRGIPQAMVKTPTGEEIPGPVAAWTIPKAGGNFGDDKERVTGGMNGVGSSLTNIFSVMFVGETGDGQNNIVV
RCSNGMENKSWEDIPGKWKGTRVTFIPDFMSFETNELSQVYLDITLDRLQTLAVVYPDIQFTFNGKKVQGNFKKYARQYD
EHAIVQEQENCSIAVGRSPDGFRQLTYVNNIHTKNGGHHIDCAMDDICEDLIPQIKRKFKIDVTKARVKECLTIVMFVRD
MKNMRLIRQTKERLTSPFGEIRSHIQLDAKKISRDILNNEAILMPIIEAALARKLAAEKAAETKAAKKASKAKVHKHIKA
NLCGKDADTTLFLTEGDSAIGYLIDVRDKELHGGYPLRGKVLNSWGMSYADMLKNKELFDICAITGLVLGEKAFEEKEDG
EWFTFELNGDTIIVNENDEVQINGKWITVGELRKNLMKFVKIDSSSVDMKKYKLQNNVRRSIKSSSMNYANVAIMTDADH
DGLGSIYPSLLGFFSNWPELFEQGRIRFVKTPVIIAQVGKKQEWFYTVAEYESAKDALPKHSIRYIKGLGSLEKSEYREM
IQNPVYDVVKLPENWKELFEMLMGDNADLRKEWMSQHHHHHH
;
A,B
#
# COMPACT_ATOMS: atom_id res chain seq x y z
N MET A 1 10.16 -33.18 23.47
CA MET A 1 10.02 -32.22 24.56
C MET A 1 11.38 -31.77 25.08
N GLN A 2 12.05 -30.90 24.32
CA GLN A 2 13.36 -30.40 24.72
C GLN A 2 13.17 -29.18 25.61
N LEU A 3 13.77 -29.21 26.80
CA LEU A 3 13.75 -28.08 27.70
C LEU A 3 15.13 -27.42 27.72
N ASN A 4 15.15 -26.10 27.48
CA ASN A 4 16.35 -25.30 27.59
C ASN A 4 16.38 -24.57 28.93
N ASN A 5 17.51 -23.94 29.23
CA ASN A 5 17.67 -23.24 30.49
C ASN A 5 18.07 -21.79 30.25
N ARG A 6 17.34 -21.10 29.38
CA ARG A 6 17.80 -19.80 28.87
C ARG A 6 17.88 -18.71 29.92
N ASP A 7 17.28 -18.91 31.09
CA ASP A 7 17.24 -17.94 32.20
C ASP A 7 16.67 -16.60 31.75
N LEU A 8 16.74 -15.58 32.61
CA LEU A 8 16.14 -14.30 32.29
C LEU A 8 17.13 -13.32 31.65
N LYS A 9 18.43 -13.50 31.90
CA LYS A 9 19.43 -12.62 31.31
C LYS A 9 19.41 -12.69 29.79
N SER A 10 19.35 -13.89 29.24
CA SER A 10 19.35 -14.04 27.78
C SER A 10 18.08 -13.49 27.16
N ILE A 11 16.93 -13.71 27.80
CA ILE A 11 15.67 -13.23 27.24
C ILE A 11 15.61 -11.71 27.33
N ILE A 12 16.24 -11.12 28.34
CA ILE A 12 16.23 -9.66 28.45
C ILE A 12 17.28 -9.05 27.53
N ASP A 13 18.32 -9.81 27.20
CA ASP A 13 19.31 -9.36 26.23
C ASP A 13 18.86 -9.54 24.78
N ASN A 14 17.87 -10.40 24.54
CA ASN A 14 17.28 -10.51 23.22
C ASN A 14 16.05 -9.64 23.05
N GLU A 15 15.32 -9.38 24.14
CA GLU A 15 14.25 -8.39 24.07
C GLU A 15 14.80 -7.01 23.75
N ALA A 16 15.90 -6.65 24.40
CA ALA A 16 16.74 -5.57 23.91
C ALA A 16 17.67 -6.12 22.83
N LEU A 17 18.41 -5.21 22.18
CA LEU A 17 19.38 -5.56 21.14
C LEU A 17 18.62 -6.02 19.89
N ALA A 18 17.30 -6.18 20.01
CA ALA A 18 16.45 -6.29 18.84
C ALA A 18 15.76 -4.97 18.55
N TYR A 19 15.39 -4.24 19.60
CA TYR A 19 15.00 -2.84 19.42
C TYR A 19 16.16 -2.01 18.91
N ALA A 20 17.37 -2.27 19.41
CA ALA A 20 18.55 -1.56 18.91
C ALA A 20 18.79 -1.87 17.44
N MET A 21 18.66 -3.14 17.05
CA MET A 21 18.82 -3.48 15.63
C MET A 21 17.71 -2.83 14.80
N TYR A 22 16.49 -2.81 15.33
CA TYR A 22 15.37 -2.23 14.60
C TYR A 22 15.58 -0.74 14.36
N THR A 23 16.08 -0.02 15.37
CA THR A 23 16.37 1.40 15.19
C THR A 23 17.63 1.65 14.38
N VAL A 24 18.56 0.70 14.34
CA VAL A 24 19.73 0.84 13.49
C VAL A 24 19.34 0.69 12.02
N GLU A 25 18.44 -0.24 11.72
CA GLU A 25 18.09 -0.51 10.33
C GLU A 25 17.41 0.70 9.70
N ASN A 26 16.77 1.55 10.51
CA ASN A 26 16.24 2.84 10.05
C ASN A 26 16.70 3.95 11.00
N ARG A 27 17.78 4.63 10.62
CA ARG A 27 18.36 5.73 11.39
C ARG A 27 18.38 6.97 10.51
N ALA A 28 18.25 8.14 11.15
CA ALA A 28 18.19 9.39 10.41
C ALA A 28 19.54 9.80 9.83
N ILE A 29 20.62 9.11 10.19
CA ILE A 29 21.94 9.50 9.69
C ILE A 29 22.09 9.05 8.23
N PRO A 30 22.61 9.91 7.34
CA PRO A 30 22.75 9.51 5.94
C PRO A 30 24.02 8.73 5.68
N ASN A 31 23.93 7.81 4.72
CA ASN A 31 25.11 7.05 4.30
C ASN A 31 26.13 7.97 3.65
N MET A 32 27.40 7.61 3.77
CA MET A 32 28.44 8.48 3.23
C MET A 32 28.54 8.36 1.71
N ILE A 33 28.36 7.15 1.18
CA ILE A 33 28.56 6.96 -0.25
C ILE A 33 27.44 7.61 -1.05
N ASP A 34 26.22 7.09 -0.92
CA ASP A 34 25.12 7.57 -1.74
C ASP A 34 24.28 8.66 -1.10
N GLY A 35 24.52 8.97 0.16
CA GLY A 35 23.83 10.08 0.79
C GLY A 35 22.37 9.83 1.08
N PHE A 36 21.94 8.58 1.15
CA PHE A 36 20.55 8.23 1.37
C PHE A 36 20.33 7.80 2.81
N LYS A 37 19.33 8.38 3.45
CA LYS A 37 18.76 7.76 4.63
C LYS A 37 18.01 6.50 4.19
N PRO A 38 17.80 5.55 5.10
CA PRO A 38 17.16 4.30 4.67
C PRO A 38 15.82 4.50 3.99
N VAL A 39 14.99 5.42 4.50
CA VAL A 39 13.68 5.66 3.90
C VAL A 39 13.83 6.20 2.48
N GLN A 40 14.79 7.09 2.27
CA GLN A 40 15.03 7.63 0.93
C GLN A 40 15.53 6.54 0.00
N ARG A 41 16.37 5.64 0.50
CA ARG A 41 16.84 4.53 -0.33
C ARG A 41 15.69 3.63 -0.74
N PHE A 42 14.78 3.34 0.18
CA PHE A 42 13.63 2.52 -0.16
C PHE A 42 12.72 3.22 -1.17
N VAL A 43 12.52 4.52 -1.00
CA VAL A 43 11.71 5.28 -1.96
C VAL A 43 12.36 5.27 -3.33
N ILE A 44 13.68 5.43 -3.39
CA ILE A 44 14.39 5.40 -4.66
C ILE A 44 14.29 4.03 -5.31
N ALA A 45 14.47 2.97 -4.53
CA ALA A 45 14.37 1.63 -5.09
C ALA A 45 12.97 1.38 -5.63
N ARG A 46 11.96 1.86 -4.90
CA ARG A 46 10.59 1.70 -5.35
C ARG A 46 10.35 2.45 -6.65
N ALA A 47 10.78 3.71 -6.71
CA ALA A 47 10.60 4.48 -7.92
C ALA A 47 11.36 3.85 -9.07
N LEU A 48 12.49 3.20 -8.78
CA LEU A 48 13.27 2.57 -9.84
C LEU A 48 12.55 1.37 -10.44
N ASP A 49 12.09 0.43 -9.62
CA ASP A 49 11.46 -0.72 -10.26
C ASP A 49 10.05 -0.37 -10.74
N LEU A 50 9.48 0.73 -10.23
CA LEU A 50 8.29 1.26 -10.87
C LEU A 50 8.61 1.87 -12.22
N ALA A 51 9.82 2.39 -12.39
CA ALA A 51 10.25 2.97 -13.65
C ALA A 51 11.03 1.99 -14.51
N ARG A 52 11.02 0.70 -14.16
CA ARG A 52 11.68 -0.29 -15.00
C ARG A 52 11.06 -0.35 -16.38
N GLY A 53 9.74 -0.32 -16.46
CA GLY A 53 9.09 -0.38 -17.75
C GLY A 53 9.26 0.87 -18.58
N ASN A 54 8.65 1.98 -18.14
CA ASN A 54 8.72 3.26 -18.83
C ASN A 54 9.48 4.23 -17.95
N LYS A 55 10.58 4.78 -18.48
CA LYS A 55 11.47 5.57 -17.65
C LYS A 55 10.90 6.96 -17.38
N ASP A 56 10.16 7.53 -18.32
CA ASP A 56 9.65 8.89 -18.22
C ASP A 56 8.27 8.96 -17.56
N LYS A 57 7.70 7.83 -17.18
CA LYS A 57 6.33 7.79 -16.69
C LYS A 57 6.28 8.23 -15.23
N PHE A 58 5.42 9.21 -14.94
CA PHE A 58 5.20 9.66 -13.58
C PHE A 58 4.32 8.66 -12.84
N HIS A 59 4.60 8.46 -11.56
CA HIS A 59 3.85 7.55 -10.71
C HIS A 59 3.29 8.31 -9.52
N LYS A 60 2.05 7.99 -9.15
CA LYS A 60 1.45 8.61 -7.98
C LYS A 60 2.31 8.35 -6.76
N LEU A 61 2.52 9.40 -5.96
CA LEU A 61 3.39 9.26 -4.79
C LEU A 61 2.83 8.23 -3.81
N ALA A 62 1.52 8.01 -3.82
CA ALA A 62 0.94 6.99 -2.96
C ALA A 62 1.45 5.61 -3.32
N SER A 63 1.56 5.29 -4.61
CA SER A 63 2.09 4.00 -5.02
C SER A 63 3.55 3.86 -4.62
N ILE A 64 4.33 4.91 -4.82
CA ILE A 64 5.75 4.89 -4.47
C ILE A 64 5.93 4.65 -2.98
N ALA A 65 5.12 5.33 -2.16
CA ALA A 65 5.25 5.15 -0.71
C ALA A 65 4.70 3.81 -0.26
N GLY A 66 3.65 3.31 -0.90
CA GLY A 66 3.07 2.04 -0.50
C GLY A 66 3.87 0.83 -0.92
N GLY A 67 4.69 0.95 -1.96
CA GLY A 67 5.48 -0.19 -2.39
C GLY A 67 6.69 -0.49 -1.54
N VAL A 68 7.03 0.38 -0.57
CA VAL A 68 8.25 0.21 0.20
C VAL A 68 8.15 -0.96 1.17
N ALA A 69 6.95 -1.34 1.59
CA ALA A 69 6.82 -2.42 2.56
C ALA A 69 7.28 -3.75 1.96
N ASP A 70 7.00 -3.97 0.68
CA ASP A 70 7.53 -5.14 -0.01
C ASP A 70 9.06 -5.13 -0.01
N LEU A 71 9.65 -3.96 -0.24
CA LEU A 71 11.10 -3.86 -0.32
C LEU A 71 11.76 -4.18 1.00
N GLY A 72 11.18 -3.76 2.12
CA GLY A 72 11.75 -4.07 3.41
C GLY A 72 11.59 -2.95 4.43
N TYR A 73 11.01 -1.84 4.03
CA TYR A 73 10.79 -0.74 4.95
C TYR A 73 9.76 -1.12 6.01
N HIS A 74 10.00 -0.70 7.25
CA HIS A 74 9.16 -1.08 8.37
C HIS A 74 8.32 0.04 8.96
N HIS A 75 8.64 1.30 8.68
CA HIS A 75 7.96 2.42 9.31
C HIS A 75 6.80 2.97 8.48
N GLY A 76 6.14 2.12 7.70
CA GLY A 76 4.88 2.49 7.10
C GLY A 76 5.03 3.33 5.84
N GLU A 77 3.89 3.89 5.42
CA GLU A 77 3.83 4.64 4.17
C GLU A 77 3.82 6.15 4.36
N ASN A 78 3.63 6.65 5.58
CA ASN A 78 3.69 8.09 5.80
C ASN A 78 5.12 8.60 5.66
N SER A 79 6.07 7.89 6.26
CA SER A 79 7.47 8.30 6.17
C SER A 79 7.96 8.27 4.73
N ALA A 80 7.58 7.23 3.98
CA ALA A 80 7.97 7.15 2.58
C ALA A 80 7.35 8.29 1.77
N GLN A 81 6.08 8.63 2.07
CA GLN A 81 5.44 9.74 1.38
C GLN A 81 6.18 11.04 1.64
N ASP A 82 6.51 11.31 2.91
CA ASP A 82 7.20 12.56 3.24
C ASP A 82 8.59 12.60 2.60
N ALA A 83 9.31 11.49 2.64
CA ALA A 83 10.65 11.46 2.04
C ALA A 83 10.57 11.69 0.53
N GLY A 84 9.60 11.06 -0.15
CA GLY A 84 9.46 11.28 -1.57
C GLY A 84 9.09 12.71 -1.92
N ALA A 85 8.17 13.30 -1.14
CA ALA A 85 7.77 14.68 -1.40
C ALA A 85 8.93 15.64 -1.18
N LEU A 86 9.77 15.37 -0.18
CA LEU A 86 10.94 16.20 0.08
C LEU A 86 12.06 15.96 -0.92
N MET A 87 12.10 14.78 -1.54
CA MET A 87 13.16 14.44 -2.49
C MET A 87 12.83 14.83 -3.91
N ALA A 88 11.56 15.05 -4.24
CA ALA A 88 11.17 15.29 -5.62
C ALA A 88 11.22 16.76 -6.01
N ASN A 89 11.18 17.67 -5.04
CA ASN A 89 11.11 19.08 -5.36
C ASN A 89 12.49 19.65 -5.69
N THR A 90 12.49 20.82 -6.32
CA THR A 90 13.72 21.52 -6.68
C THR A 90 14.02 22.69 -5.74
N TRP A 91 13.05 23.16 -4.97
CA TRP A 91 13.30 24.24 -4.01
C TRP A 91 14.13 23.80 -2.83
N ASN A 92 14.16 22.50 -2.53
CA ASN A 92 14.89 21.97 -1.39
C ASN A 92 16.20 21.31 -1.78
N ASN A 93 16.35 20.88 -3.01
CA ASN A 93 17.49 20.09 -3.43
C ASN A 93 18.30 20.83 -4.47
N ASN A 94 19.62 20.83 -4.30
CA ASN A 94 20.49 21.33 -5.35
C ASN A 94 20.61 20.31 -6.47
N PHE A 95 20.46 19.03 -6.14
CA PHE A 95 20.56 17.93 -7.10
C PHE A 95 19.38 17.00 -6.89
N PRO A 96 18.22 17.31 -7.46
CA PRO A 96 17.02 16.49 -7.22
C PRO A 96 17.18 15.12 -7.82
N LEU A 97 16.98 14.10 -7.00
CA LEU A 97 17.08 12.71 -7.43
C LEU A 97 15.75 12.11 -7.83
N LEU A 98 14.65 12.84 -7.63
CA LEU A 98 13.32 12.45 -8.09
C LEU A 98 12.71 13.64 -8.83
N ASP A 99 12.19 13.40 -10.02
CA ASP A 99 11.50 14.45 -10.76
C ASP A 99 10.04 14.48 -10.35
N GLY A 100 9.45 15.67 -10.28
CA GLY A 100 8.12 15.85 -9.73
C GLY A 100 7.15 16.46 -10.73
N GLN A 101 5.89 16.04 -10.61
CA GLN A 101 4.77 16.67 -11.30
C GLN A 101 3.60 16.75 -10.32
N GLY A 102 3.09 17.95 -10.11
CA GLY A 102 2.11 18.22 -9.09
C GLY A 102 2.56 19.36 -8.23
N ASN A 103 1.98 19.48 -7.05
CA ASN A 103 2.32 20.55 -6.12
C ASN A 103 3.29 19.98 -5.08
N PHE A 104 4.57 20.24 -5.29
CA PHE A 104 5.61 19.80 -4.37
C PHE A 104 6.10 20.92 -3.48
N GLY A 105 5.33 21.99 -3.35
CA GLY A 105 5.72 23.11 -2.53
C GLY A 105 6.71 24.00 -3.24
N SER A 106 7.10 25.06 -2.53
CA SER A 106 8.13 25.96 -3.01
C SER A 106 8.82 26.56 -1.79
N ARG A 107 9.70 27.53 -2.03
CA ARG A 107 10.31 28.24 -0.92
C ARG A 107 9.27 28.99 -0.11
N THR A 108 8.27 29.56 -0.78
CA THR A 108 7.27 30.36 -0.09
C THR A 108 6.39 29.51 0.82
N VAL A 109 5.85 28.40 0.28
CA VAL A 109 5.09 27.45 1.06
C VAL A 109 5.72 26.08 0.87
N GLN A 110 6.17 25.47 1.95
CA GLN A 110 6.98 24.26 1.88
C GLN A 110 6.17 22.99 2.05
N LYS A 111 4.84 23.08 2.06
CA LYS A 111 4.01 21.89 2.16
C LYS A 111 3.59 21.43 0.77
N ALA A 112 3.87 20.18 0.45
CA ALA A 112 3.42 19.63 -0.82
C ALA A 112 1.96 19.22 -0.73
N ALA A 113 1.35 19.02 -1.89
CA ALA A 113 -0.05 18.61 -1.94
C ALA A 113 -0.19 17.18 -1.40
N ALA A 114 -1.44 16.73 -1.27
CA ALA A 114 -1.69 15.40 -0.75
C ALA A 114 -1.10 14.35 -1.68
N SER A 115 -0.59 13.28 -1.10
CA SER A 115 0.18 12.28 -1.85
C SER A 115 -0.64 11.61 -2.94
N ARG A 116 -1.97 11.66 -2.86
CA ARG A 116 -2.79 11.07 -3.89
C ARG A 116 -2.98 11.99 -5.09
N TYR A 117 -2.43 13.19 -5.06
CA TYR A 117 -2.51 14.12 -6.18
C TYR A 117 -1.20 14.33 -6.90
N ILE A 118 -0.06 14.13 -6.23
CA ILE A 118 1.24 14.49 -6.79
C ILE A 118 1.95 13.24 -7.28
N PHE A 119 2.73 13.41 -8.35
CA PHE A 119 3.41 12.32 -9.02
C PHE A 119 4.91 12.55 -8.99
N ALA A 120 5.67 11.46 -8.94
CA ALA A 120 7.13 11.57 -8.88
C ALA A 120 7.76 10.45 -9.70
N ARG A 121 8.96 10.75 -10.20
CA ARG A 121 9.71 9.81 -11.03
C ARG A 121 11.20 10.08 -10.82
N VAL A 122 12.01 9.09 -11.15
CA VAL A 122 13.46 9.22 -11.00
C VAL A 122 13.98 10.14 -12.09
N SER A 123 14.68 11.21 -11.70
CA SER A 123 15.08 12.25 -12.61
C SER A 123 16.31 11.82 -13.41
N LYS A 124 16.65 12.63 -14.41
CA LYS A 124 17.86 12.38 -15.18
C LYS A 124 19.10 12.58 -14.34
N ASN A 125 19.00 13.30 -13.22
CA ASN A 125 20.13 13.46 -12.32
C ASN A 125 20.58 12.14 -11.73
N PHE A 126 19.62 11.33 -11.26
CA PHE A 126 19.95 10.03 -10.70
C PHE A 126 20.65 9.15 -11.72
N TYR A 127 20.06 9.01 -12.91
CA TYR A 127 20.66 8.15 -13.92
C TYR A 127 21.99 8.71 -14.42
N ASN A 128 22.20 10.02 -14.31
CA ASN A 128 23.46 10.61 -14.72
C ASN A 128 24.57 10.36 -13.71
N VAL A 129 24.25 10.40 -12.41
CA VAL A 129 25.24 10.26 -11.36
C VAL A 129 25.30 8.83 -10.81
N TYR A 130 24.16 8.30 -10.39
CA TYR A 130 24.13 7.02 -9.68
C TYR A 130 24.39 5.90 -10.67
N LYS A 131 25.67 5.60 -10.89
CA LYS A 131 26.08 4.54 -11.79
C LYS A 131 26.50 3.31 -11.00
N ASP A 132 26.71 2.21 -11.73
CA ASP A 132 27.14 0.94 -11.13
C ASP A 132 26.19 0.52 -10.00
N THR A 133 24.89 0.73 -10.21
CA THR A 133 23.92 0.31 -9.22
C THR A 133 23.92 -1.20 -9.05
N GLU A 134 24.35 -1.94 -10.08
CA GLU A 134 24.43 -3.39 -10.00
C GLU A 134 25.50 -3.84 -9.02
N TYR A 135 26.57 -3.08 -8.88
CA TYR A 135 27.74 -3.49 -8.11
C TYR A 135 27.68 -3.02 -6.67
N ALA A 136 26.56 -2.43 -6.26
CA ALA A 136 26.41 -1.99 -4.88
C ALA A 136 26.39 -3.19 -3.95
N PRO A 137 26.89 -3.05 -2.73
CA PRO A 137 26.93 -4.19 -1.81
C PRO A 137 25.54 -4.72 -1.50
N VAL A 138 25.43 -6.05 -1.44
CA VAL A 138 24.18 -6.70 -1.08
C VAL A 138 24.00 -6.57 0.44
N HIS A 139 22.78 -6.23 0.85
CA HIS A 139 22.51 -6.06 2.27
C HIS A 139 22.67 -7.38 3.02
N GLN A 140 23.05 -7.26 4.30
CA GLN A 140 23.14 -8.44 5.15
C GLN A 140 21.78 -9.10 5.31
N ASP A 141 20.74 -8.30 5.51
CA ASP A 141 19.38 -8.80 5.65
C ASP A 141 18.85 -9.24 4.29
N LYS A 142 18.57 -10.53 4.15
CA LYS A 142 18.02 -11.03 2.90
C LYS A 142 16.64 -10.45 2.62
N GLU A 143 15.96 -9.93 3.64
CA GLU A 143 14.63 -9.35 3.44
C GLU A 143 14.71 -8.05 2.64
N HIS A 144 15.76 -7.26 2.83
CA HIS A 144 15.92 -5.97 2.18
C HIS A 144 16.34 -6.11 0.73
N ILE A 145 15.39 -5.93 -0.20
CA ILE A 145 15.73 -5.98 -1.63
C ILE A 145 16.74 -4.89 -2.03
N PRO A 146 16.57 -3.63 -1.63
CA PRO A 146 17.52 -2.59 -2.06
C PRO A 146 18.93 -2.88 -1.57
N PRO A 147 19.95 -2.49 -2.32
CA PRO A 147 21.32 -2.72 -1.90
C PRO A 147 21.67 -1.94 -0.64
N ALA A 148 22.84 -2.24 -0.09
CA ALA A 148 23.26 -1.60 1.15
C ALA A 148 23.38 -0.10 0.98
N PHE A 149 23.99 0.34 -0.13
CA PHE A 149 24.03 1.74 -0.50
C PHE A 149 24.27 1.84 -1.99
N TYR A 150 23.67 2.83 -2.63
CA TYR A 150 23.91 3.05 -4.05
C TYR A 150 25.27 3.68 -4.26
N LEU A 151 25.68 3.83 -5.51
CA LEU A 151 27.04 4.23 -5.86
C LEU A 151 27.02 5.46 -6.77
N PRO A 152 26.94 6.65 -6.20
CA PRO A 152 27.01 7.86 -7.01
C PRO A 152 28.42 8.12 -7.51
N ILE A 153 28.51 8.84 -8.62
CA ILE A 153 29.81 9.26 -9.13
C ILE A 153 30.41 10.34 -8.24
N ILE A 154 29.58 11.26 -7.75
CA ILE A 154 30.02 12.33 -6.87
C ILE A 154 29.31 12.15 -5.54
N PRO A 155 29.87 12.70 -4.46
CA PRO A 155 29.26 12.50 -3.14
C PRO A 155 27.96 13.24 -2.97
N THR A 156 26.85 12.60 -3.37
CA THR A 156 25.55 13.23 -3.35
C THR A 156 25.17 13.75 -1.97
N VAL A 157 25.76 13.17 -0.91
CA VAL A 157 25.46 13.64 0.45
C VAL A 157 25.80 15.12 0.59
N LEU A 158 26.81 15.61 -0.13
CA LEU A 158 27.21 17.00 -0.07
C LEU A 158 26.33 17.92 -0.92
N LEU A 159 25.46 17.39 -1.76
CA LEU A 159 24.76 18.21 -2.74
C LEU A 159 23.45 18.78 -2.18
N ASN A 160 22.50 17.92 -1.84
CA ASN A 160 21.17 18.39 -1.46
C ASN A 160 21.11 18.90 -0.02
N GLY A 161 22.04 18.50 0.83
CA GLY A 161 22.01 18.89 2.22
C GLY A 161 21.13 17.96 3.03
N VAL A 162 21.68 17.36 4.07
CA VAL A 162 20.99 16.35 4.85
C VAL A 162 21.02 16.76 6.32
N SER A 163 19.87 16.66 6.98
CA SER A 163 19.74 16.97 8.39
C SER A 163 19.00 15.84 9.07
N GLY A 164 19.30 15.63 10.35
CA GLY A 164 18.63 14.55 11.07
C GLY A 164 18.90 14.65 12.55
N ILE A 165 18.08 13.90 13.31
CA ILE A 165 18.25 13.73 14.74
C ILE A 165 18.21 12.24 15.02
N ALA A 166 19.25 11.73 15.67
CA ALA A 166 19.35 10.33 16.02
C ALA A 166 19.57 10.19 17.53
N THR A 167 19.43 8.97 18.02
CA THR A 167 19.63 8.68 19.44
C THR A 167 21.12 8.77 19.75
N GLY A 168 21.53 9.89 20.35
CA GLY A 168 22.91 10.12 20.70
C GLY A 168 23.76 10.76 19.61
N TYR A 169 23.20 10.95 18.42
CA TYR A 169 23.93 11.56 17.31
C TYR A 169 23.04 12.57 16.60
N ALA A 170 23.68 13.56 15.99
CA ALA A 170 22.99 14.54 15.16
C ALA A 170 23.85 14.87 13.96
N THR A 171 23.25 14.85 12.77
CA THR A 171 23.93 15.21 11.54
C THR A 171 23.37 16.52 11.01
N TYR A 172 24.22 17.28 10.32
CA TYR A 172 23.73 18.43 9.57
C TYR A 172 24.81 18.78 8.55
N ILE A 173 24.44 18.76 7.27
CA ILE A 173 25.37 18.98 6.17
C ILE A 173 24.79 20.05 5.26
N LEU A 174 25.59 21.06 4.94
CA LEU A 174 25.11 22.16 4.12
C LEU A 174 25.16 21.79 2.64
N PRO A 175 24.30 22.38 1.81
CA PRO A 175 24.28 22.02 0.38
C PRO A 175 25.43 22.67 -0.37
N HIS A 176 26.21 21.84 -1.05
CA HIS A 176 27.33 22.27 -1.87
C HIS A 176 26.90 22.28 -3.33
N SER A 177 27.47 23.21 -4.11
CA SER A 177 27.14 23.28 -5.52
C SER A 177 27.68 22.05 -6.24
N VAL A 178 26.97 21.63 -7.28
CA VAL A 178 27.39 20.46 -8.04
C VAL A 178 28.73 20.71 -8.72
N SER A 179 28.94 21.91 -9.24
CA SER A 179 30.20 22.21 -9.92
C SER A 179 31.38 22.12 -8.96
N SER A 180 31.23 22.70 -7.75
CA SER A 180 32.33 22.68 -6.79
C SER A 180 32.64 21.27 -6.33
N VAL A 181 31.60 20.46 -6.07
CA VAL A 181 31.81 19.09 -5.66
C VAL A 181 32.47 18.30 -6.78
N LYS A 182 32.02 18.48 -8.02
CA LYS A 182 32.62 17.75 -9.14
C LYS A 182 34.09 18.13 -9.31
N LYS A 183 34.40 19.42 -9.23
CA LYS A 183 35.79 19.85 -9.34
C LYS A 183 36.64 19.29 -8.20
N ALA A 184 36.10 19.31 -6.98
CA ALA A 184 36.85 18.78 -5.85
C ALA A 184 37.11 17.30 -6.00
N VAL A 185 36.12 16.55 -6.51
CA VAL A 185 36.32 15.12 -6.69
C VAL A 185 37.32 14.85 -7.81
N LEU A 186 37.29 15.67 -8.87
CA LEU A 186 38.29 15.52 -9.92
C LEU A 186 39.69 15.79 -9.39
N GLN A 187 39.83 16.78 -8.51
CA GLN A 187 41.13 17.03 -7.88
C GLN A 187 41.54 15.87 -6.98
N ALA A 188 40.60 15.32 -6.21
CA ALA A 188 40.95 14.22 -5.30
C ALA A 188 41.32 12.97 -6.06
N LEU A 189 40.68 12.71 -7.20
CA LEU A 189 41.02 11.55 -8.00
C LEU A 189 42.47 11.61 -8.49
N GLN A 190 42.91 12.78 -8.92
CA GLN A 190 44.27 12.97 -9.41
C GLN A 190 45.28 13.21 -8.29
N GLY A 191 44.82 13.27 -7.04
CA GLY A 191 45.72 13.44 -5.91
C GLY A 191 46.15 14.86 -5.63
N LYS A 192 45.50 15.86 -6.24
CA LYS A 192 45.87 17.24 -5.99
C LYS A 192 45.29 17.74 -4.67
N LYS A 193 45.62 18.98 -4.33
CA LYS A 193 45.03 19.64 -3.18
C LYS A 193 43.59 20.00 -3.50
N VAL A 194 42.65 19.44 -2.76
CA VAL A 194 41.24 19.62 -3.07
C VAL A 194 40.78 20.98 -2.55
N THR A 195 40.22 21.78 -3.44
CA THR A 195 39.63 23.05 -3.03
C THR A 195 38.31 22.79 -2.30
N LYS A 196 38.11 23.50 -1.20
CA LYS A 196 36.90 23.32 -0.43
C LYS A 196 35.71 23.73 -1.27
N PRO A 197 34.76 22.83 -1.51
CA PRO A 197 33.62 23.17 -2.38
C PRO A 197 32.78 24.29 -1.79
N LYS A 198 32.37 25.21 -2.66
CA LYS A 198 31.54 26.33 -2.25
C LYS A 198 30.11 25.87 -2.05
N VAL A 199 29.53 26.23 -0.91
CA VAL A 199 28.13 25.93 -0.67
C VAL A 199 27.27 26.85 -1.53
N GLU A 200 26.24 26.30 -2.15
CA GLU A 200 25.33 27.08 -2.99
C GLU A 200 23.92 26.53 -2.78
N PHE A 201 23.11 27.24 -2.01
CA PHE A 201 21.79 26.77 -1.70
C PHE A 201 20.90 26.83 -2.94
N PRO A 202 20.10 25.79 -3.18
CA PRO A 202 19.26 25.76 -4.38
C PRO A 202 18.23 26.88 -4.39
N GLU A 203 18.00 27.45 -5.57
CA GLU A 203 16.99 28.49 -5.76
C GLU A 203 17.18 29.63 -4.75
N PHE A 204 18.42 30.01 -4.51
CA PHE A 204 18.74 30.98 -3.49
C PHE A 204 19.53 32.12 -4.13
N ARG A 205 18.98 33.33 -4.06
CA ARG A 205 19.51 34.49 -4.75
C ARG A 205 20.37 35.38 -3.86
N GLY A 206 20.66 34.95 -2.64
CA GLY A 206 21.37 35.77 -1.68
C GLY A 206 22.87 35.57 -1.70
N GLU A 207 23.48 35.81 -0.54
CA GLU A 207 24.92 35.80 -0.38
C GLU A 207 25.30 34.79 0.70
N VAL A 208 26.36 34.01 0.46
CA VAL A 208 26.84 33.02 1.40
C VAL A 208 28.32 33.22 1.62
N VAL A 209 28.73 33.23 2.89
CA VAL A 209 30.11 33.49 3.30
C VAL A 209 30.45 32.58 4.48
N GLU A 210 31.75 32.43 4.76
CA GLU A 210 32.22 31.61 5.87
C GLU A 210 32.90 32.52 6.89
N ILE A 211 32.47 32.44 8.15
CA ILE A 211 33.05 33.20 9.25
C ILE A 211 33.46 32.22 10.34
N ASP A 212 34.76 32.26 10.69
CA ASP A 212 35.36 31.45 11.76
C ASP A 212 34.87 30.00 11.76
N GLY A 213 34.62 29.44 10.58
CA GLY A 213 34.09 28.10 10.47
C GLY A 213 32.60 27.99 10.54
N GLN A 214 31.89 29.09 10.82
CA GLN A 214 30.44 29.13 10.79
C GLN A 214 30.01 29.76 9.47
N TYR A 215 29.05 29.14 8.80
CA TYR A 215 28.52 29.64 7.55
C TYR A 215 27.45 30.67 7.86
N GLU A 216 27.59 31.87 7.30
CA GLU A 216 26.60 32.92 7.47
C GLU A 216 25.87 33.10 6.13
N ILE A 217 24.56 32.88 6.15
CA ILE A 217 23.73 33.00 4.95
C ILE A 217 23.15 34.40 4.97
N ARG A 218 23.62 35.25 4.05
CA ARG A 218 23.15 36.63 3.97
C ARG A 218 22.02 36.75 2.96
N GLY A 219 20.93 37.37 3.37
CA GLY A 219 19.92 37.82 2.43
C GLY A 219 20.27 39.17 1.84
N THR A 220 19.46 39.59 0.88
CA THR A 220 19.71 40.83 0.16
C THR A 220 18.48 41.73 0.23
N TYR A 221 18.72 43.02 0.44
CA TYR A 221 17.66 44.02 0.47
C TYR A 221 18.13 45.26 -0.27
N LYS A 222 17.18 46.13 -0.61
CA LYS A 222 17.47 47.37 -1.32
C LYS A 222 16.55 48.47 -0.79
N PHE A 223 17.13 49.65 -0.56
CA PHE A 223 16.37 50.82 -0.17
C PHE A 223 15.92 51.57 -1.42
N THR A 224 14.62 51.65 -1.63
CA THR A 224 14.07 52.43 -2.74
C THR A 224 13.87 53.89 -2.37
N SER A 225 13.51 54.18 -1.11
CA SER A 225 13.35 55.53 -0.63
C SER A 225 13.85 55.57 0.81
N ARG A 226 13.74 56.74 1.44
CA ARG A 226 14.26 56.90 2.79
C ARG A 226 13.52 56.00 3.79
N THR A 227 12.20 55.90 3.67
CA THR A 227 11.39 55.22 4.67
C THR A 227 10.74 53.94 4.16
N GLN A 228 11.06 53.50 2.94
CA GLN A 228 10.53 52.25 2.41
C GLN A 228 11.66 51.39 1.87
N MET A 229 11.56 50.09 2.08
CA MET A 229 12.60 49.13 1.72
C MET A 229 11.96 47.97 0.98
N HIS A 230 12.71 47.37 0.06
CA HIS A 230 12.25 46.23 -0.73
C HIS A 230 13.15 45.03 -0.43
N ILE A 231 12.66 44.11 0.40
CA ILE A 231 13.41 42.90 0.70
C ILE A 231 13.37 41.97 -0.51
N THR A 232 14.55 41.69 -1.07
CA THR A 232 14.63 40.88 -2.27
C THR A 232 14.89 39.41 -2.00
N GLU A 233 15.50 39.07 -0.86
CA GLU A 233 15.76 37.69 -0.50
C GLU A 233 15.93 37.59 0.99
N ILE A 234 15.64 36.40 1.52
CA ILE A 234 15.86 36.10 2.93
C ILE A 234 16.53 34.74 3.03
N PRO A 235 17.16 34.44 4.17
CA PRO A 235 17.84 33.15 4.33
C PRO A 235 16.98 31.94 4.00
N TYR A 236 17.63 30.79 3.84
CA TYR A 236 16.95 29.59 3.34
C TYR A 236 15.86 29.10 4.29
N LYS A 237 16.09 29.18 5.61
CA LYS A 237 15.22 28.46 6.52
C LYS A 237 13.83 29.08 6.67
N TYR A 238 13.57 30.27 6.13
CA TYR A 238 12.25 30.85 6.23
C TYR A 238 11.38 30.53 5.01
N ASP A 239 10.11 30.24 5.28
CA ASP A 239 9.03 30.34 4.32
C ASP A 239 8.17 31.55 4.68
N ARG A 240 7.14 31.82 3.87
CA ARG A 240 6.36 33.05 4.06
C ARG A 240 5.67 33.05 5.42
N GLU A 241 5.02 31.95 5.78
CA GLU A 241 4.26 31.91 7.03
C GLU A 241 5.17 32.09 8.23
N THR A 242 6.24 31.29 8.33
CA THR A 242 7.09 31.36 9.51
C THR A 242 7.85 32.67 9.56
N TYR A 243 8.33 33.17 8.41
CA TYR A 243 9.06 34.42 8.41
C TYR A 243 8.17 35.57 8.85
N VAL A 244 6.97 35.65 8.27
CA VAL A 244 6.05 36.72 8.64
C VAL A 244 5.71 36.62 10.12
N SER A 245 5.31 35.43 10.57
CA SER A 245 4.84 35.28 11.94
C SER A 245 5.94 35.57 12.96
N LYS A 246 7.18 35.15 12.67
CA LYS A 246 8.26 35.28 13.63
C LYS A 246 9.06 36.56 13.47
N ILE A 247 8.80 37.38 12.45
CA ILE A 247 9.49 38.66 12.36
C ILE A 247 8.50 39.81 12.32
N LEU A 248 7.65 39.84 11.28
CA LEU A 248 6.88 41.04 11.01
C LEU A 248 5.65 41.15 11.90
N ASP A 249 4.99 40.03 12.18
CA ASP A 249 3.80 40.08 13.04
C ASP A 249 4.11 40.63 14.43
N PRO A 250 5.12 40.15 15.17
CA PRO A 250 5.41 40.81 16.46
C PRO A 250 5.90 42.23 16.28
N LEU A 251 6.63 42.50 15.18
CA LEU A 251 7.16 43.84 14.96
C LEU A 251 6.07 44.79 14.50
N GLU A 252 5.08 44.29 13.74
CA GLU A 252 3.88 45.06 13.48
C GLU A 252 3.12 45.33 14.77
N ASN A 253 3.01 44.33 15.64
CA ASN A 253 2.33 44.52 16.91
C ASN A 253 3.01 45.60 17.74
N LYS A 254 4.35 45.62 17.73
CA LYS A 254 5.09 46.70 18.35
C LYS A 254 4.86 48.04 17.67
N GLY A 255 4.64 48.05 16.36
CA GLY A 255 4.34 49.27 15.64
C GLY A 255 5.50 49.90 14.90
N PHE A 256 6.60 49.16 14.70
CA PHE A 256 7.77 49.75 14.06
C PHE A 256 7.57 49.93 12.56
N ILE A 257 6.95 48.96 11.89
CA ILE A 257 6.80 48.99 10.44
C ILE A 257 5.36 48.72 10.06
N THR A 258 5.07 48.89 8.77
CA THR A 258 3.81 48.47 8.15
C THR A 258 4.20 47.77 6.85
N TRP A 259 4.42 46.46 6.91
CA TRP A 259 4.97 45.75 5.76
C TRP A 259 3.90 45.48 4.72
N ASP A 260 4.35 45.16 3.51
CA ASP A 260 3.49 44.79 2.40
C ASP A 260 4.07 43.57 1.72
N ASP A 261 3.21 42.68 1.25
CA ASP A 261 3.65 41.46 0.60
C ASP A 261 3.85 41.70 -0.88
N ALA A 262 4.98 41.23 -1.41
CA ALA A 262 5.26 41.32 -2.84
C ALA A 262 5.90 40.05 -3.38
N CYS A 263 5.86 38.96 -2.62
CA CYS A 263 6.48 37.72 -3.06
C CYS A 263 5.70 37.14 -4.24
N GLY A 264 6.43 36.77 -5.30
CA GLY A 264 5.82 36.24 -6.49
C GLY A 264 6.57 35.05 -7.05
N GLU A 265 6.65 34.95 -8.38
CA GLU A 265 7.35 33.84 -9.00
C GLU A 265 8.84 33.88 -8.67
N HIS A 266 9.42 35.07 -8.61
CA HIS A 266 10.84 35.24 -8.33
C HIS A 266 11.11 35.09 -6.83
N GLY A 267 10.76 33.92 -6.30
CA GLY A 267 11.04 33.62 -4.90
C GLY A 267 10.38 34.61 -3.96
N PHE A 268 11.14 35.02 -2.96
CA PHE A 268 10.61 35.89 -1.91
C PHE A 268 10.64 37.36 -2.34
N GLY A 269 9.98 38.19 -1.55
CA GLY A 269 9.92 39.61 -1.79
C GLY A 269 8.95 40.26 -0.82
N PHE A 270 9.35 41.39 -0.24
CA PHE A 270 8.54 42.07 0.77
C PHE A 270 8.85 43.55 0.70
N LYS A 271 7.82 44.37 0.52
CA LYS A 271 7.98 45.82 0.56
C LYS A 271 7.62 46.32 1.96
N VAL A 272 8.55 47.03 2.60
CA VAL A 272 8.42 47.42 3.99
C VAL A 272 8.36 48.94 4.08
N LYS A 273 7.49 49.45 4.94
CA LYS A 273 7.38 50.88 5.22
C LYS A 273 7.79 51.14 6.66
N PHE A 274 8.61 52.17 6.86
CA PHE A 274 9.14 52.48 8.18
C PHE A 274 8.33 53.59 8.84
N ARG A 275 7.91 53.35 10.07
CA ARG A 275 7.15 54.34 10.83
C ARG A 275 8.08 55.29 11.57
N LYS A 276 7.48 56.37 12.10
CA LYS A 276 8.25 57.37 12.84
C LYS A 276 8.77 56.83 14.16
N GLU A 277 8.03 55.91 14.80
CA GLU A 277 8.45 55.37 16.09
C GLU A 277 9.76 54.61 15.96
N TYR A 278 9.92 53.85 14.87
CA TYR A 278 11.18 53.17 14.61
C TYR A 278 12.29 54.20 14.33
N SER A 279 13.48 53.90 14.83
CA SER A 279 14.63 54.78 14.68
C SER A 279 15.65 54.13 13.74
N LEU A 280 16.10 54.89 12.75
CA LEU A 280 17.10 54.44 11.79
C LEU A 280 18.35 55.29 11.95
N SER A 281 19.49 54.64 12.16
CA SER A 281 20.76 55.35 12.29
C SER A 281 21.19 55.92 10.95
N ASP A 282 21.80 57.10 10.98
CA ASP A 282 22.29 57.73 9.76
C ASP A 282 23.46 56.97 9.16
N ASN A 283 24.30 56.37 10.00
CA ASN A 283 25.46 55.65 9.50
C ASN A 283 25.03 54.41 8.73
N GLU A 284 25.64 54.21 7.56
CA GLU A 284 25.21 53.15 6.67
C GLU A 284 25.49 51.78 7.27
N GLU A 285 26.69 51.58 7.82
CA GLU A 285 27.04 50.28 8.35
C GLU A 285 26.22 49.94 9.59
N GLU A 286 26.03 50.92 10.49
CA GLU A 286 25.24 50.66 11.68
C GLU A 286 23.79 50.38 11.34
N ARG A 287 23.21 51.15 10.41
CA ARG A 287 21.84 50.89 9.99
C ARG A 287 21.71 49.52 9.33
N HIS A 288 22.70 49.16 8.51
CA HIS A 288 22.68 47.85 7.85
C HIS A 288 22.72 46.73 8.88
N ALA A 289 23.59 46.87 9.90
CA ALA A 289 23.65 45.88 10.96
C ALA A 289 22.33 45.80 11.71
N LYS A 290 21.72 46.95 12.00
CA LYS A 290 20.46 46.94 12.72
C LYS A 290 19.37 46.24 11.91
N ILE A 291 19.31 46.51 10.60
CA ILE A 291 18.32 45.86 9.76
C ILE A 291 18.55 44.36 9.74
N MET A 292 19.78 43.92 9.49
CA MET A 292 20.06 42.49 9.42
C MET A 292 19.86 41.83 10.77
N LYS A 293 19.85 42.60 11.85
CA LYS A 293 19.56 42.00 13.16
C LYS A 293 18.05 41.86 13.38
N ASP A 294 17.31 42.96 13.23
CA ASP A 294 15.88 42.90 13.54
C ASP A 294 15.08 42.19 12.46
N PHE A 295 15.41 42.42 11.19
CA PHE A 295 14.65 41.79 10.11
C PHE A 295 15.12 40.37 9.80
N GLY A 296 16.13 39.88 10.51
CA GLY A 296 16.49 38.48 10.45
C GLY A 296 17.00 37.99 9.12
N LEU A 297 17.78 38.81 8.40
CA LEU A 297 18.39 38.34 7.18
C LEU A 297 19.78 37.74 7.41
N ILE A 298 20.24 37.68 8.66
CA ILE A 298 21.50 37.04 9.02
C ILE A 298 21.18 35.74 9.72
N GLU A 299 21.72 34.64 9.20
CA GLU A 299 21.64 33.36 9.89
C GLU A 299 22.99 32.67 9.83
N ARG A 300 23.32 31.95 10.91
CA ARG A 300 24.59 31.26 11.03
C ARG A 300 24.32 29.77 11.19
N ARG A 301 24.96 28.96 10.37
CA ARG A 301 24.76 27.51 10.41
C ARG A 301 26.12 26.82 10.42
N SER A 302 26.22 25.74 11.20
CA SER A 302 27.44 24.98 11.35
C SER A 302 27.23 23.57 10.86
N GLN A 303 28.29 22.93 10.39
CA GLN A 303 28.22 21.61 9.80
C GLN A 303 28.66 20.54 10.80
N ASN A 304 27.80 19.56 11.01
CA ASN A 304 28.09 18.38 11.83
C ASN A 304 28.05 17.18 10.90
N ILE A 305 29.19 16.89 10.28
CA ILE A 305 29.25 15.86 9.25
C ILE A 305 29.44 14.49 9.90
N THR A 306 28.35 13.83 10.26
CA THR A 306 28.42 12.46 10.75
C THR A 306 27.64 11.59 9.78
N VAL A 307 28.35 10.64 9.15
CA VAL A 307 27.80 9.81 8.10
C VAL A 307 28.26 8.38 8.28
N ILE A 308 27.49 7.45 7.75
CA ILE A 308 27.83 6.03 7.77
C ILE A 308 28.74 5.73 6.59
N ASN A 309 29.94 5.22 6.86
CA ASN A 309 30.88 4.94 5.79
C ASN A 309 30.46 3.64 5.09
N GLU A 310 31.35 3.08 4.29
CA GLU A 310 31.03 1.87 3.53
C GLU A 310 30.97 0.63 4.41
N LYS A 311 31.36 0.71 5.67
CA LYS A 311 31.34 -0.42 6.58
C LYS A 311 30.18 -0.39 7.57
N GLY A 312 29.19 0.46 7.34
CA GLY A 312 28.05 0.51 8.22
C GLY A 312 28.29 1.17 9.55
N LYS A 313 29.45 1.80 9.73
CA LYS A 313 29.85 2.37 11.01
C LYS A 313 29.74 3.89 10.98
N LEU A 314 29.40 4.48 12.12
CA LEU A 314 29.34 5.92 12.20
C LEU A 314 30.73 6.54 12.12
N GLN A 315 30.87 7.60 11.33
CA GLN A 315 32.12 8.34 11.22
C GLN A 315 31.81 9.82 11.15
N VAL A 316 32.54 10.62 11.93
CA VAL A 316 32.35 12.06 11.98
C VAL A 316 33.54 12.71 11.29
N TYR A 317 33.25 13.58 10.32
CA TYR A 317 34.27 14.28 9.55
C TYR A 317 34.35 15.72 10.01
N ASP A 318 35.57 16.19 10.26
CA ASP A 318 35.75 17.59 10.65
C ASP A 318 35.40 18.54 9.51
N ASN A 319 35.80 18.20 8.28
CA ASN A 319 35.52 19.04 7.13
C ASN A 319 35.19 18.16 5.93
N VAL A 320 34.51 18.75 4.95
CA VAL A 320 34.01 17.99 3.81
C VAL A 320 35.13 17.48 2.92
N VAL A 321 36.34 18.04 3.04
CA VAL A 321 37.43 17.61 2.18
C VAL A 321 37.83 16.17 2.50
N ASP A 322 37.88 15.84 3.79
CA ASP A 322 38.14 14.45 4.17
C ASP A 322 37.03 13.54 3.66
N LEU A 323 35.77 14.00 3.70
CA LEU A 323 34.67 13.22 3.16
C LEU A 323 34.89 12.94 1.69
N ILE A 324 35.30 13.95 0.94
CA ILE A 324 35.54 13.78 -0.49
C ILE A 324 36.68 12.79 -0.73
N LYS A 325 37.75 12.90 0.05
CA LYS A 325 38.89 12.00 -0.13
C LYS A 325 38.51 10.55 0.16
N ASP A 326 37.81 10.33 1.27
CA ASP A 326 37.38 8.97 1.62
C ASP A 326 36.42 8.42 0.57
N PHE A 327 35.48 9.24 0.10
CA PHE A 327 34.54 8.77 -0.91
C PHE A 327 35.26 8.42 -2.19
N VAL A 328 36.24 9.23 -2.60
CA VAL A 328 36.98 8.91 -3.82
C VAL A 328 37.71 7.59 -3.66
N GLU A 329 38.34 7.38 -2.49
CA GLU A 329 39.05 6.11 -2.28
C GLU A 329 38.11 4.92 -2.30
N VAL A 330 36.91 5.07 -1.73
CA VAL A 330 35.97 3.96 -1.73
C VAL A 330 35.45 3.70 -3.14
N ARG A 331 35.06 4.75 -3.87
CA ARG A 331 34.51 4.59 -5.20
C ARG A 331 35.54 4.09 -6.20
N LYS A 332 36.84 4.31 -5.93
CA LYS A 332 37.85 3.73 -6.80
C LYS A 332 37.80 2.22 -6.79
N THR A 333 37.52 1.63 -5.62
CA THR A 333 37.41 0.17 -5.56
C THR A 333 36.25 -0.34 -6.42
N TYR A 334 35.11 0.36 -6.38
CA TYR A 334 33.99 -0.08 -7.20
C TYR A 334 34.23 0.18 -8.68
N VAL A 335 34.99 1.22 -9.01
CA VAL A 335 35.36 1.41 -10.41
C VAL A 335 36.29 0.28 -10.87
N GLN A 336 37.20 -0.14 -10.00
CA GLN A 336 38.05 -1.29 -10.33
C GLN A 336 37.24 -2.56 -10.50
N LYS A 337 36.24 -2.76 -9.63
CA LYS A 337 35.33 -3.88 -9.77
C LYS A 337 34.64 -3.84 -11.13
N ARG A 338 34.12 -2.67 -11.50
CA ARG A 338 33.49 -2.51 -12.80
C ARG A 338 34.45 -2.83 -13.92
N ILE A 339 35.71 -2.40 -13.80
CA ILE A 339 36.72 -2.71 -14.81
C ILE A 339 36.85 -4.22 -14.96
N ASP A 340 36.93 -4.93 -13.83
CA ASP A 340 37.13 -6.38 -13.87
C ASP A 340 35.95 -7.08 -14.55
N ASN A 341 34.73 -6.83 -14.07
CA ASN A 341 33.61 -7.53 -14.66
C ASN A 341 33.36 -7.08 -16.09
N LYS A 342 33.65 -5.83 -16.42
CA LYS A 342 33.51 -5.40 -17.81
C LYS A 342 34.50 -6.13 -18.70
N ILE A 343 35.74 -6.32 -18.22
CA ILE A 343 36.69 -7.13 -18.98
C ILE A 343 36.12 -8.51 -19.22
N LYS A 344 35.54 -9.11 -18.19
CA LYS A 344 34.95 -10.45 -18.34
C LYS A 344 33.84 -10.46 -19.38
N GLU A 345 32.91 -9.50 -19.29
CA GLU A 345 31.78 -9.49 -20.21
C GLU A 345 32.22 -9.26 -21.65
N THR A 346 33.15 -8.34 -21.87
CA THR A 346 33.61 -8.11 -23.24
C THR A 346 34.42 -9.29 -23.77
N GLU A 347 35.16 -9.99 -22.91
CA GLU A 347 35.85 -11.20 -23.36
C GLU A 347 34.85 -12.26 -23.82
N SER A 348 33.82 -12.51 -23.02
CA SER A 348 32.80 -13.47 -23.40
C SER A 348 32.08 -13.03 -24.66
N ALA A 349 31.75 -11.74 -24.75
CA ALA A 349 31.07 -11.22 -25.93
C ALA A 349 31.93 -11.36 -27.17
N PHE A 350 33.23 -11.12 -27.04
CA PHE A 350 34.14 -11.29 -28.17
C PHE A 350 34.17 -12.73 -28.63
N ARG A 351 34.29 -13.67 -27.69
CA ARG A 351 34.34 -15.07 -28.11
C ARG A 351 33.04 -15.49 -28.80
N LEU A 352 31.90 -15.10 -28.22
CA LEU A 352 30.62 -15.48 -28.79
C LEU A 352 30.41 -14.82 -30.16
N ALA A 353 30.78 -13.55 -30.30
CA ALA A 353 30.61 -12.85 -31.57
C ALA A 353 31.55 -13.41 -32.64
N PHE A 354 32.77 -13.75 -32.26
CA PHE A 354 33.68 -14.42 -33.19
C PHE A 354 33.10 -15.75 -33.63
N ALA A 355 32.46 -16.47 -32.70
CA ALA A 355 31.80 -17.73 -33.06
C ALA A 355 30.69 -17.50 -34.07
N LYS A 356 29.87 -16.47 -33.88
CA LYS A 356 28.83 -16.19 -34.86
C LYS A 356 29.42 -15.84 -36.21
N ALA A 357 30.48 -15.02 -36.23
CA ALA A 357 31.11 -14.65 -37.49
C ALA A 357 31.63 -15.88 -38.22
N HIS A 358 32.30 -16.77 -37.49
CA HIS A 358 32.80 -17.99 -38.11
C HIS A 358 31.67 -18.90 -38.58
N PHE A 359 30.59 -19.00 -37.81
CA PHE A 359 29.44 -19.79 -38.24
C PHE A 359 28.88 -19.27 -39.56
N ILE A 360 28.68 -17.96 -39.65
CA ILE A 360 28.12 -17.38 -40.86
C ILE A 360 29.06 -17.62 -42.04
N LYS A 361 30.35 -17.41 -41.83
CA LYS A 361 31.31 -17.57 -42.91
C LYS A 361 31.33 -19.01 -43.42
N LYS A 362 31.39 -19.98 -42.50
CA LYS A 362 31.41 -21.38 -42.89
C LYS A 362 30.11 -21.77 -43.59
N VAL A 363 28.97 -21.28 -43.10
CA VAL A 363 27.69 -21.63 -43.70
C VAL A 363 27.61 -21.08 -45.12
N ILE A 364 28.03 -19.82 -45.32
CA ILE A 364 27.84 -19.21 -46.62
C ILE A 364 28.84 -19.75 -47.62
N SER A 365 30.06 -20.07 -47.19
CA SER A 365 31.08 -20.36 -48.20
C SER A 365 30.98 -21.79 -48.74
N GLY A 366 31.38 -22.79 -47.95
CA GLY A 366 31.13 -24.16 -48.34
C GLY A 366 31.08 -25.20 -47.24
N GLU A 367 31.21 -24.79 -45.99
CA GLU A 367 31.69 -25.71 -44.95
C GLU A 367 30.56 -26.42 -44.22
N ILE A 368 29.65 -25.67 -43.60
CA ILE A 368 28.62 -26.24 -42.75
C ILE A 368 27.35 -26.37 -43.57
N VAL A 369 26.81 -27.58 -43.64
CA VAL A 369 25.57 -27.84 -44.39
C VAL A 369 24.46 -28.10 -43.37
N VAL A 370 23.59 -27.11 -43.21
CA VAL A 370 22.35 -27.31 -42.44
C VAL A 370 21.20 -27.75 -43.33
N GLN A 371 21.45 -27.93 -44.63
CA GLN A 371 20.40 -28.20 -45.62
C GLN A 371 20.05 -29.69 -45.59
N GLY A 372 19.37 -30.08 -44.52
CA GLY A 372 18.97 -31.46 -44.35
C GLY A 372 19.85 -32.20 -43.37
N LYS A 373 19.39 -32.30 -42.13
CA LYS A 373 20.14 -32.94 -41.05
C LYS A 373 19.21 -33.03 -39.84
N THR A 374 19.74 -33.58 -38.75
CA THR A 374 19.02 -33.64 -37.49
C THR A 374 19.67 -32.65 -36.51
N ARG A 375 18.83 -32.01 -35.69
CA ARG A 375 19.31 -30.94 -34.82
C ARG A 375 20.39 -31.43 -33.88
N LYS A 376 20.19 -32.61 -33.28
CA LYS A 376 21.20 -33.15 -32.37
C LYS A 376 22.49 -33.49 -33.12
N GLU A 377 22.37 -34.03 -34.33
CA GLU A 377 23.57 -34.33 -35.12
C GLU A 377 24.29 -33.05 -35.51
N LEU A 378 23.54 -32.01 -35.88
CA LEU A 378 24.18 -30.73 -36.20
C LEU A 378 24.90 -30.15 -35.00
N THR A 379 24.26 -30.19 -33.83
CA THR A 379 24.89 -29.66 -32.62
C THR A 379 26.15 -30.43 -32.28
N GLU A 380 26.11 -31.76 -32.41
CA GLU A 380 27.28 -32.56 -32.08
C GLU A 380 28.39 -32.39 -33.11
N GLU A 381 28.04 -32.11 -34.36
CA GLU A 381 29.07 -31.97 -35.39
C GLU A 381 29.67 -30.57 -35.41
N LEU A 382 28.94 -29.55 -34.97
CA LEU A 382 29.50 -28.22 -34.81
C LEU A 382 30.01 -27.97 -33.40
N SER A 383 29.83 -28.93 -32.48
CA SER A 383 30.31 -28.79 -31.12
C SER A 383 31.62 -29.52 -30.86
N LYS A 384 31.96 -30.51 -31.68
CA LYS A 384 33.25 -31.18 -31.53
C LYS A 384 34.40 -30.22 -31.79
N ILE A 385 34.16 -29.17 -32.55
CA ILE A 385 35.16 -28.14 -32.78
C ILE A 385 35.40 -27.39 -31.47
N ASP A 386 36.68 -27.15 -31.16
CA ASP A 386 37.04 -26.55 -29.86
C ASP A 386 36.49 -25.14 -29.72
N MET A 387 36.47 -24.36 -30.80
CA MET A 387 36.03 -22.97 -30.71
C MET A 387 34.56 -22.88 -30.29
N TYR A 388 33.70 -23.73 -30.84
CA TYR A 388 32.28 -23.70 -30.52
C TYR A 388 31.97 -24.63 -29.35
N SER A 389 32.64 -24.40 -28.22
CA SER A 389 32.56 -25.34 -27.11
C SER A 389 31.30 -25.13 -26.28
N SER A 390 31.19 -23.97 -25.64
CA SER A 390 30.09 -23.70 -24.71
C SER A 390 29.09 -22.70 -25.27
N TYR A 391 29.15 -22.41 -26.58
CA TYR A 391 28.25 -21.45 -27.21
C TYR A 391 27.31 -22.11 -28.22
N VAL A 392 27.18 -23.43 -28.19
CA VAL A 392 26.39 -24.11 -29.21
C VAL A 392 24.94 -23.65 -29.17
N ASP A 393 24.39 -23.42 -27.97
CA ASP A 393 23.00 -23.00 -27.86
C ASP A 393 22.80 -21.61 -28.47
N LYS A 394 23.70 -20.67 -28.20
CA LYS A 394 23.60 -19.35 -28.81
C LYS A 394 24.01 -19.38 -30.27
N LEU A 395 25.03 -20.18 -30.60
CA LEU A 395 25.55 -20.23 -31.96
C LEU A 395 24.51 -20.78 -32.94
N VAL A 396 23.80 -21.84 -32.55
CA VAL A 396 22.76 -22.37 -33.42
C VAL A 396 21.48 -21.54 -33.30
N GLY A 397 21.37 -20.74 -32.24
CA GLY A 397 20.22 -19.87 -32.05
C GLY A 397 20.31 -18.58 -32.84
N MET A 398 20.99 -18.61 -33.97
CA MET A 398 21.07 -17.45 -34.85
C MET A 398 19.84 -17.39 -35.74
N ASN A 399 19.65 -16.24 -36.39
CA ASN A 399 18.46 -15.98 -37.19
C ASN A 399 18.75 -16.16 -38.68
N ILE A 400 17.68 -16.29 -39.45
CA ILE A 400 17.81 -16.60 -40.88
C ILE A 400 18.54 -15.48 -41.60
N PHE A 401 18.21 -14.23 -41.29
CA PHE A 401 18.77 -13.12 -42.04
C PHE A 401 20.26 -12.92 -41.77
N HIS A 402 20.82 -13.59 -40.76
CA HIS A 402 22.25 -13.47 -40.52
C HIS A 402 23.07 -14.04 -41.66
N MET A 403 22.53 -15.00 -42.41
CA MET A 403 23.27 -15.61 -43.51
C MET A 403 23.53 -14.66 -44.65
N THR A 404 22.72 -13.61 -44.80
CA THR A 404 22.91 -12.68 -45.91
C THR A 404 24.20 -11.88 -45.71
N SER A 405 24.76 -11.42 -46.83
CA SER A 405 26.09 -10.83 -46.81
C SER A 405 26.14 -9.59 -45.93
N ASP A 406 25.12 -8.74 -45.99
CA ASP A 406 25.14 -7.49 -45.23
C ASP A 406 25.25 -7.75 -43.73
N GLU A 407 24.39 -8.61 -43.19
CA GLU A 407 24.48 -8.92 -41.77
C GLU A 407 25.75 -9.69 -41.43
N ALA A 408 26.29 -10.47 -42.37
CA ALA A 408 27.58 -11.09 -42.14
C ALA A 408 28.66 -10.05 -41.90
N LYS A 409 28.72 -9.04 -42.77
CA LYS A 409 29.67 -7.96 -42.58
C LYS A 409 29.38 -7.19 -41.30
N LYS A 410 28.11 -6.98 -40.98
CA LYS A 410 27.75 -6.27 -39.76
C LYS A 410 28.24 -7.01 -38.52
N LEU A 411 28.09 -8.34 -38.50
CA LEU A 411 28.54 -9.10 -37.34
C LEU A 411 30.06 -9.17 -37.28
N ALA A 412 30.73 -9.20 -38.44
CA ALA A 412 32.19 -9.12 -38.42
C ALA A 412 32.66 -7.80 -37.83
N GLU A 413 32.03 -6.69 -38.25
CA GLU A 413 32.38 -5.39 -37.69
C GLU A 413 32.06 -5.33 -36.21
N GLU A 414 30.96 -5.95 -35.80
CA GLU A 414 30.62 -5.99 -34.38
C GLU A 414 31.66 -6.75 -33.59
N ALA A 415 32.16 -7.86 -34.12
CA ALA A 415 33.22 -8.60 -33.45
C ALA A 415 34.49 -7.77 -33.33
N LYS A 416 34.83 -7.03 -34.40
CA LYS A 416 36.01 -6.18 -34.34
C LYS A 416 35.84 -5.07 -33.31
N ALA A 417 34.65 -4.48 -33.24
CA ALA A 417 34.39 -3.44 -32.24
C ALA A 417 34.42 -4.01 -30.84
N LYS A 418 33.94 -5.25 -30.65
CA LYS A 418 34.02 -5.88 -29.35
C LYS A 418 35.47 -6.13 -28.95
N LYS A 419 36.31 -6.54 -29.91
CA LYS A 419 37.73 -6.65 -29.63
C LYS A 419 38.32 -5.31 -29.21
N GLU A 420 37.97 -4.23 -29.92
CA GLU A 420 38.49 -2.92 -29.57
C GLU A 420 38.05 -2.50 -28.17
N GLU A 421 36.79 -2.75 -27.84
CA GLU A 421 36.29 -2.44 -26.50
C GLU A 421 37.00 -3.27 -25.44
N ASN A 422 37.25 -4.55 -25.73
CA ASN A 422 37.99 -5.40 -24.80
C ASN A 422 39.38 -4.86 -24.55
N GLU A 423 40.07 -4.46 -25.62
CA GLU A 423 41.42 -3.92 -25.47
C GLU A 423 41.40 -2.61 -24.68
N TYR A 424 40.41 -1.75 -24.94
CA TYR A 424 40.31 -0.50 -24.20
C TYR A 424 40.06 -0.76 -22.72
N TRP A 425 39.17 -1.69 -22.40
CA TRP A 425 38.90 -1.99 -21.00
C TRP A 425 40.12 -2.60 -20.33
N LYS A 426 40.88 -3.43 -21.06
CA LYS A 426 42.06 -4.04 -20.48
C LYS A 426 43.19 -3.03 -20.27
N THR A 427 43.25 -2.00 -21.11
CA THR A 427 44.33 -1.03 -21.09
C THR A 427 43.95 0.29 -20.44
N THR A 428 43.06 0.27 -19.46
CA THR A 428 42.67 1.46 -18.73
C THR A 428 42.72 1.19 -17.23
N ASP A 429 42.88 2.25 -16.46
CA ASP A 429 42.91 2.12 -15.01
C ASP A 429 41.72 2.87 -14.41
N VAL A 430 41.67 2.92 -13.08
CA VAL A 430 40.54 3.56 -12.40
C VAL A 430 40.48 5.04 -12.74
N VAL A 431 41.64 5.69 -12.81
CA VAL A 431 41.66 7.15 -12.95
C VAL A 431 41.00 7.57 -14.26
N THR A 432 41.36 6.91 -15.37
CA THR A 432 40.85 7.31 -16.66
C THR A 432 39.35 7.10 -16.76
N GLU A 433 38.85 5.94 -16.32
CA GLU A 433 37.43 5.64 -16.44
C GLU A 433 36.58 6.42 -15.44
N TYR A 434 37.10 6.72 -14.26
CA TYR A 434 36.41 7.61 -13.34
C TYR A 434 36.37 9.03 -13.90
N THR A 435 37.46 9.49 -14.52
CA THR A 435 37.46 10.81 -15.14
C THR A 435 36.45 10.89 -16.28
N LYS A 436 36.39 9.83 -17.11
CA LYS A 436 35.46 9.84 -18.23
C LYS A 436 34.02 9.89 -17.75
N ASP A 437 33.70 9.15 -16.68
CA ASP A 437 32.34 9.18 -16.16
C ASP A 437 32.06 10.47 -15.40
N LEU A 438 33.11 11.15 -14.93
CA LEU A 438 32.95 12.45 -14.29
C LEU A 438 32.98 13.58 -15.31
N GLU A 439 32.20 13.42 -16.38
CA GLU A 439 32.16 14.46 -17.42
C GLU A 439 30.77 14.59 -18.03
N GLU A 440 29.81 13.78 -17.61
CA GLU A 440 28.45 13.86 -18.12
C GLU A 440 27.48 14.52 -17.16
N ILE A 441 27.93 14.89 -15.97
CA ILE A 441 27.05 15.44 -14.96
C ILE A 441 26.89 16.94 -15.15
N LYS A 442 25.65 17.39 -15.14
CA LYS A 442 25.35 18.80 -15.36
C LYS A 442 24.23 19.28 -14.43
N ALA B 392 -14.53 -16.58 38.76
CA ALA B 392 -15.75 -16.88 38.01
C ALA B 392 -15.41 -17.45 36.64
N LYS B 393 -16.44 -17.84 35.90
CA LYS B 393 -16.22 -18.40 34.57
C LYS B 393 -15.75 -17.33 33.60
N VAL B 394 -14.70 -17.66 32.85
CA VAL B 394 -14.10 -16.76 31.87
C VAL B 394 -14.51 -17.22 30.48
N HIS B 395 -14.94 -16.26 29.65
CA HIS B 395 -15.46 -16.59 28.33
C HIS B 395 -14.40 -17.23 27.46
N LYS B 396 -13.31 -16.49 27.19
CA LYS B 396 -12.24 -16.97 26.31
C LYS B 396 -11.24 -17.81 27.10
N HIS B 397 -11.73 -18.95 27.59
CA HIS B 397 -10.97 -19.86 28.43
C HIS B 397 -11.14 -21.30 27.95
N ILE B 398 -10.83 -21.54 26.68
CA ILE B 398 -10.74 -22.90 26.17
C ILE B 398 -9.87 -23.69 27.13
N LYS B 399 -10.44 -24.70 27.77
CA LYS B 399 -9.93 -25.24 29.03
C LYS B 399 -9.59 -26.71 28.90
N ALA B 400 -8.61 -27.15 29.69
CA ALA B 400 -8.23 -28.56 29.72
C ALA B 400 -9.14 -29.34 30.65
N ASN B 401 -9.38 -30.60 30.29
CA ASN B 401 -10.27 -31.44 31.09
C ASN B 401 -9.71 -31.70 32.49
N LEU B 402 -8.41 -31.98 32.58
CA LEU B 402 -7.78 -32.25 33.86
C LEU B 402 -7.26 -30.97 34.51
N CYS B 403 -8.12 -29.97 34.61
CA CYS B 403 -7.79 -28.72 35.26
C CYS B 403 -8.11 -28.83 36.75
N GLY B 404 -7.09 -28.69 37.58
CA GLY B 404 -7.26 -28.87 39.01
C GLY B 404 -7.60 -30.29 39.42
N LYS B 405 -6.92 -31.28 38.83
CA LYS B 405 -7.14 -32.67 39.18
C LYS B 405 -5.82 -33.36 39.48
N ASP B 406 -4.87 -32.63 40.05
CA ASP B 406 -3.57 -33.17 40.47
C ASP B 406 -2.86 -33.88 39.32
N ALA B 407 -2.99 -33.32 38.12
CA ALA B 407 -2.25 -33.79 36.96
C ALA B 407 -1.71 -32.60 36.20
N ASP B 408 -0.60 -32.81 35.51
CA ASP B 408 0.05 -31.70 34.81
C ASP B 408 -0.83 -31.18 33.68
N THR B 409 -0.73 -29.87 33.44
CA THR B 409 -1.39 -29.21 32.33
C THR B 409 -0.38 -28.34 31.63
N THR B 410 -0.77 -27.78 30.49
CA THR B 410 0.10 -26.91 29.71
C THR B 410 -0.67 -25.70 29.21
N LEU B 411 -1.35 -25.01 30.11
CA LEU B 411 -2.11 -23.82 29.74
C LEU B 411 -1.26 -22.88 28.89
N PHE B 412 -1.74 -22.59 27.68
CA PHE B 412 -1.04 -21.74 26.74
C PHE B 412 -1.53 -20.31 26.84
N LEU B 413 -0.63 -19.36 26.65
CA LEU B 413 -0.93 -17.93 26.70
C LEU B 413 -0.51 -17.34 25.36
N THR B 414 -1.40 -17.38 24.38
CA THR B 414 -1.09 -17.04 23.00
C THR B 414 -1.67 -15.67 22.65
N GLU B 415 -0.88 -14.86 21.93
CA GLU B 415 -1.36 -13.56 21.49
C GLU B 415 -2.42 -13.73 20.40
N GLY B 416 -3.46 -12.90 20.47
CA GLY B 416 -4.49 -12.90 19.45
C GLY B 416 -5.51 -14.01 19.63
N ASP B 417 -6.78 -13.68 19.40
CA ASP B 417 -7.83 -14.68 19.45
C ASP B 417 -7.79 -15.62 18.26
N SER B 418 -7.04 -15.27 17.21
CA SER B 418 -6.97 -16.12 16.03
C SER B 418 -6.07 -17.33 16.27
N ALA B 419 -4.96 -17.15 16.98
CA ALA B 419 -4.01 -18.24 17.17
C ALA B 419 -4.58 -19.36 18.02
N ILE B 420 -5.59 -19.08 18.84
CA ILE B 420 -6.28 -20.14 19.59
C ILE B 420 -7.19 -20.96 18.69
N GLY B 421 -7.50 -20.46 17.50
CA GLY B 421 -8.24 -21.27 16.54
C GLY B 421 -7.53 -22.57 16.24
N TYR B 422 -6.19 -22.51 16.12
CA TYR B 422 -5.42 -23.74 15.98
C TYR B 422 -5.42 -24.56 17.26
N LEU B 423 -5.22 -23.91 18.40
CA LEU B 423 -5.08 -24.66 19.64
C LEU B 423 -6.32 -25.49 19.93
N ILE B 424 -7.51 -24.92 19.70
CA ILE B 424 -8.74 -25.67 19.96
C ILE B 424 -8.78 -26.96 19.17
N ASP B 425 -8.32 -26.92 17.92
CA ASP B 425 -8.31 -28.11 17.08
C ASP B 425 -7.08 -28.99 17.28
N VAL B 426 -6.09 -28.55 18.04
CA VAL B 426 -4.88 -29.33 18.23
C VAL B 426 -4.67 -29.71 19.71
N ARG B 427 -5.52 -29.21 20.60
CA ARG B 427 -5.38 -29.55 22.01
C ARG B 427 -5.41 -31.06 22.22
N ASP B 428 -4.85 -31.48 23.35
CA ASP B 428 -4.97 -32.86 23.81
C ASP B 428 -6.35 -33.14 24.38
N LYS B 429 -7.15 -32.09 24.62
CA LYS B 429 -8.48 -32.18 25.22
C LYS B 429 -8.40 -32.70 26.65
N GLU B 430 -7.19 -32.94 27.14
CA GLU B 430 -6.98 -33.35 28.52
C GLU B 430 -6.16 -32.32 29.29
N LEU B 431 -4.97 -31.98 28.82
CA LEU B 431 -4.13 -30.94 29.40
C LEU B 431 -3.55 -29.99 28.34
N HIS B 432 -4.39 -29.11 27.81
CA HIS B 432 -3.88 -28.09 26.91
C HIS B 432 -4.74 -26.81 26.98
N GLY B 433 -5.07 -26.37 28.18
CA GLY B 433 -5.88 -25.17 28.30
C GLY B 433 -5.27 -23.97 27.58
N GLY B 434 -6.09 -22.96 27.36
CA GLY B 434 -5.62 -21.77 26.66
C GLY B 434 -6.42 -20.55 27.06
N TYR B 435 -5.83 -19.38 26.83
CA TYR B 435 -6.53 -18.13 27.07
C TYR B 435 -5.96 -17.06 26.13
N PRO B 436 -6.69 -16.65 25.11
CA PRO B 436 -6.21 -15.58 24.23
C PRO B 436 -5.98 -14.30 25.01
N LEU B 437 -4.99 -13.54 24.56
CA LEU B 437 -4.77 -12.20 25.11
C LEU B 437 -4.22 -11.31 24.00
N ARG B 438 -4.92 -10.21 23.74
CA ARG B 438 -4.59 -9.30 22.65
C ARG B 438 -4.17 -7.95 23.24
N GLY B 439 -3.01 -7.47 22.81
CA GLY B 439 -2.57 -6.12 23.17
C GLY B 439 -1.25 -6.08 23.89
N LYS B 440 -1.11 -5.12 24.80
CA LYS B 440 0.11 -4.93 25.58
C LYS B 440 -0.29 -4.82 27.05
N VAL B 441 0.12 -5.79 27.85
CA VAL B 441 -0.21 -5.75 29.28
C VAL B 441 0.60 -4.65 29.94
N LEU B 442 -0.08 -3.84 30.76
CA LEU B 442 0.52 -2.66 31.36
C LEU B 442 1.73 -3.02 32.23
N ASN B 443 2.58 -2.02 32.45
CA ASN B 443 3.74 -2.20 33.31
C ASN B 443 3.29 -2.49 34.73
N SER B 444 3.64 -3.68 35.24
CA SER B 444 3.17 -4.15 36.54
C SER B 444 4.19 -3.93 37.64
N TRP B 445 5.26 -3.19 37.38
CA TRP B 445 6.31 -2.99 38.38
C TRP B 445 6.26 -1.61 39.03
N GLY B 446 5.16 -0.87 38.86
CA GLY B 446 5.05 0.44 39.47
C GLY B 446 3.70 0.70 40.10
N MET B 447 2.87 -0.33 40.19
CA MET B 447 1.50 -0.20 40.68
C MET B 447 1.21 -1.31 41.69
N SER B 448 0.22 -1.07 42.54
CA SER B 448 0.00 -1.89 43.72
C SER B 448 -0.63 -3.24 43.37
N TYR B 449 -0.57 -4.15 44.34
CA TYR B 449 -1.23 -5.45 44.20
C TYR B 449 -2.75 -5.30 44.21
N ALA B 450 -3.26 -4.34 44.97
CA ALA B 450 -4.71 -4.20 45.11
C ALA B 450 -5.39 -3.89 43.78
N ASP B 451 -4.79 -3.02 42.97
CA ASP B 451 -5.35 -2.66 41.68
C ASP B 451 -4.85 -3.53 40.54
N MET B 452 -4.20 -4.66 40.84
CA MET B 452 -3.93 -5.67 39.83
C MET B 452 -5.21 -6.23 39.21
N LEU B 453 -6.21 -6.53 40.03
CA LEU B 453 -7.44 -7.14 39.53
C LEU B 453 -8.26 -6.17 38.69
N LYS B 454 -7.94 -4.87 38.73
CA LYS B 454 -8.68 -3.91 37.93
C LYS B 454 -8.51 -4.19 36.44
N ASN B 455 -7.30 -4.56 36.02
CA ASN B 455 -7.06 -4.96 34.64
C ASN B 455 -7.79 -6.27 34.35
N LYS B 456 -8.50 -6.31 33.22
CA LYS B 456 -9.32 -7.47 32.91
C LYS B 456 -8.46 -8.68 32.55
N GLU B 457 -7.45 -8.50 31.70
CA GLU B 457 -6.66 -9.63 31.24
C GLU B 457 -5.84 -10.23 32.38
N LEU B 458 -5.24 -9.38 33.22
CA LEU B 458 -4.42 -9.88 34.33
C LEU B 458 -5.27 -10.64 35.33
N PHE B 459 -6.44 -10.10 35.68
CA PHE B 459 -7.35 -10.78 36.59
C PHE B 459 -7.83 -12.09 35.98
N ASP B 460 -8.09 -12.10 34.66
CA ASP B 460 -8.53 -13.33 34.01
C ASP B 460 -7.45 -14.39 34.07
N ILE B 461 -6.18 -14.02 33.84
CA ILE B 461 -5.08 -14.96 33.98
C ILE B 461 -5.03 -15.50 35.40
N CYS B 462 -5.17 -14.61 36.39
CA CYS B 462 -5.15 -15.04 37.79
C CYS B 462 -6.26 -16.05 38.07
N ALA B 463 -7.46 -15.78 37.58
CA ALA B 463 -8.59 -16.68 37.84
C ALA B 463 -8.42 -18.01 37.11
N ILE B 464 -7.89 -17.97 35.89
CA ILE B 464 -7.73 -19.19 35.11
C ILE B 464 -6.66 -20.09 35.73
N THR B 465 -5.51 -19.53 36.05
CA THR B 465 -4.42 -20.31 36.60
C THR B 465 -4.61 -20.57 38.09
N GLY B 466 -5.44 -19.79 38.75
CA GLY B 466 -5.79 -20.05 40.13
C GLY B 466 -4.89 -19.44 41.18
N LEU B 467 -3.84 -18.74 40.78
CA LEU B 467 -2.95 -18.13 41.75
C LEU B 467 -3.60 -16.91 42.39
N VAL B 468 -3.29 -16.70 43.68
CA VAL B 468 -3.71 -15.52 44.41
C VAL B 468 -2.46 -14.67 44.65
N LEU B 469 -2.55 -13.39 44.34
CA LEU B 469 -1.40 -12.50 44.45
C LEU B 469 -1.03 -12.28 45.90
N GLY B 470 0.27 -12.38 46.19
CA GLY B 470 0.79 -12.18 47.52
C GLY B 470 1.08 -13.45 48.28
N GLU B 471 0.62 -14.61 47.78
CA GLU B 471 0.87 -15.89 48.41
C GLU B 471 1.64 -16.79 47.46
N LYS B 472 2.40 -17.71 48.04
CA LYS B 472 3.19 -18.64 47.25
C LYS B 472 2.28 -19.57 46.44
N ALA B 473 2.71 -19.88 45.21
CA ALA B 473 1.91 -20.73 44.34
C ALA B 473 1.96 -22.20 44.73
N PHE B 474 2.96 -22.60 45.52
CA PHE B 474 3.07 -23.99 45.97
C PHE B 474 3.37 -24.06 47.46
N GLU B 475 3.46 -25.28 47.99
CA GLU B 475 3.91 -25.51 49.36
C GLU B 475 5.01 -26.55 49.31
N GLU B 476 6.25 -26.11 49.57
CA GLU B 476 7.40 -27.01 49.51
C GLU B 476 7.37 -28.01 50.65
N LYS B 477 7.73 -29.26 50.34
CA LYS B 477 7.86 -30.30 51.35
C LYS B 477 9.32 -30.42 51.77
N GLU B 478 9.56 -30.45 53.08
CA GLU B 478 10.92 -30.46 53.59
C GLU B 478 11.60 -31.78 53.27
N ASP B 479 12.94 -31.74 53.25
CA ASP B 479 13.72 -32.88 52.81
C ASP B 479 15.03 -32.91 53.59
N GLY B 480 15.63 -34.09 53.66
CA GLY B 480 16.89 -34.26 54.36
C GLY B 480 17.84 -35.23 53.69
N GLU B 481 17.59 -35.53 52.42
CA GLU B 481 18.42 -36.45 51.66
C GLU B 481 18.77 -35.83 50.32
N TRP B 482 19.90 -36.27 49.76
CA TRP B 482 20.36 -35.77 48.47
C TRP B 482 21.06 -36.90 47.73
N PHE B 483 20.90 -36.90 46.40
CA PHE B 483 21.47 -37.95 45.56
C PHE B 483 21.90 -37.34 44.23
N THR B 484 22.82 -38.04 43.56
CA THR B 484 23.31 -37.62 42.25
C THR B 484 23.32 -38.82 41.31
N PHE B 485 23.17 -38.53 40.02
CA PHE B 485 23.17 -39.56 38.99
C PHE B 485 23.51 -38.93 37.65
N GLU B 486 23.78 -39.79 36.67
CA GLU B 486 24.13 -39.36 35.32
C GLU B 486 22.99 -39.66 34.37
N LEU B 487 22.57 -38.65 33.61
CA LEU B 487 21.49 -38.79 32.64
C LEU B 487 21.92 -38.14 31.33
N ASN B 488 21.94 -38.92 30.25
CA ASN B 488 22.31 -38.44 28.92
C ASN B 488 23.68 -37.78 28.92
N GLY B 489 24.60 -38.36 29.69
CA GLY B 489 25.95 -37.82 29.78
C GLY B 489 26.10 -36.60 30.64
N ASP B 490 25.08 -36.24 31.42
CA ASP B 490 25.12 -35.04 32.26
C ASP B 490 24.85 -35.42 33.71
N THR B 491 25.64 -34.83 34.61
CA THR B 491 25.45 -35.05 36.04
C THR B 491 24.24 -34.27 36.54
N ILE B 492 23.36 -34.95 37.27
CA ILE B 492 22.13 -34.36 37.79
C ILE B 492 22.14 -34.49 39.31
N ILE B 493 21.87 -33.39 40.00
CA ILE B 493 21.77 -33.36 41.45
C ILE B 493 20.29 -33.34 41.81
N VAL B 494 19.85 -34.33 42.59
CA VAL B 494 18.45 -34.50 42.92
C VAL B 494 18.28 -34.76 44.40
N ASN B 495 17.05 -34.59 44.87
CA ASN B 495 16.65 -34.88 46.24
C ASN B 495 15.68 -36.05 46.24
N GLU B 496 15.56 -36.70 47.40
CA GLU B 496 14.72 -37.89 47.50
C GLU B 496 13.24 -37.59 47.31
N ASN B 497 12.80 -36.36 47.62
CA ASN B 497 11.40 -35.98 47.46
C ASN B 497 11.15 -35.19 46.19
N ASP B 498 12.12 -35.10 45.30
CA ASP B 498 11.97 -34.32 44.08
C ASP B 498 11.35 -35.15 42.96
N GLU B 499 11.14 -34.50 41.82
CA GLU B 499 10.58 -35.13 40.63
C GLU B 499 11.59 -35.03 39.50
N VAL B 500 11.77 -36.12 38.77
CA VAL B 500 12.71 -36.18 37.65
C VAL B 500 11.94 -36.53 36.38
N GLN B 501 12.18 -35.76 35.32
CA GLN B 501 11.53 -35.96 34.04
C GLN B 501 12.43 -36.80 33.14
N ILE B 502 11.87 -37.87 32.59
CA ILE B 502 12.56 -38.74 31.64
C ILE B 502 11.67 -38.90 30.42
N ASN B 503 12.17 -38.48 29.26
CA ASN B 503 11.41 -38.54 28.00
C ASN B 503 10.08 -37.78 28.12
N GLY B 504 10.10 -36.66 28.84
CA GLY B 504 8.94 -35.82 28.97
C GLY B 504 7.94 -36.22 30.04
N LYS B 505 8.22 -37.25 30.82
CA LYS B 505 7.35 -37.68 31.92
C LYS B 505 8.08 -37.54 33.24
N TRP B 506 7.43 -36.89 34.21
CA TRP B 506 8.00 -36.69 35.53
C TRP B 506 7.75 -37.91 36.39
N ILE B 507 8.82 -38.44 37.00
CA ILE B 507 8.76 -39.61 37.85
C ILE B 507 9.33 -39.25 39.21
N THR B 508 8.67 -39.72 40.27
CA THR B 508 9.15 -39.47 41.62
C THR B 508 10.49 -40.14 41.84
N VAL B 509 11.34 -39.49 42.64
CA VAL B 509 12.67 -40.03 42.91
C VAL B 509 12.56 -41.34 43.69
N GLY B 510 11.57 -41.45 44.57
CA GLY B 510 11.37 -42.70 45.28
C GLY B 510 11.07 -43.86 44.34
N GLU B 511 10.23 -43.62 43.33
CA GLU B 511 9.96 -44.65 42.34
C GLU B 511 11.20 -44.98 41.52
N LEU B 512 11.98 -43.95 41.15
CA LEU B 512 13.17 -44.16 40.34
C LEU B 512 14.20 -45.00 41.08
N ARG B 513 14.35 -44.75 42.39
CA ARG B 513 15.28 -45.55 43.20
C ARG B 513 14.89 -47.01 43.24
N LYS B 514 13.61 -47.33 43.00
CA LYS B 514 13.16 -48.71 42.95
C LYS B 514 13.37 -49.34 41.58
N ASN B 515 13.82 -48.57 40.59
CA ASN B 515 14.09 -49.07 39.25
C ASN B 515 15.51 -49.59 39.08
N LEU B 516 16.31 -49.60 40.15
CA LEU B 516 17.67 -50.15 40.13
C LEU B 516 18.58 -49.40 39.18
N MET B 517 18.65 -48.07 39.34
CA MET B 517 19.60 -47.24 38.62
C MET B 517 20.47 -46.51 39.63
N LYS B 518 21.74 -46.34 39.29
CA LYS B 518 22.76 -45.94 40.26
C LYS B 518 22.48 -44.53 40.80
N PHE B 519 22.22 -44.45 42.11
CA PHE B 519 22.09 -43.19 42.81
C PHE B 519 23.26 -43.03 43.77
N VAL B 520 23.93 -41.89 43.70
CA VAL B 520 25.08 -41.58 44.54
C VAL B 520 24.64 -40.55 45.58
N LYS B 521 24.64 -40.95 46.84
CA LYS B 521 24.23 -40.06 47.93
C LYS B 521 25.38 -39.11 48.29
N ILE B 522 25.03 -37.85 48.52
CA ILE B 522 25.98 -36.82 48.91
C ILE B 522 25.42 -36.04 50.07
N ASP B 523 26.31 -35.37 50.81
CA ASP B 523 25.90 -34.54 51.92
C ASP B 523 25.23 -33.27 51.42
N SER B 524 24.34 -32.72 52.26
CA SER B 524 23.63 -31.50 51.88
C SER B 524 24.59 -30.31 51.73
N SER B 525 25.62 -30.25 52.57
CA SER B 525 26.58 -29.15 52.48
C SER B 525 27.38 -29.18 51.18
N SER B 526 27.47 -30.34 50.54
CA SER B 526 28.19 -30.46 49.28
C SER B 526 27.30 -30.29 48.06
N VAL B 527 26.02 -30.00 48.26
CA VAL B 527 25.10 -29.86 47.13
C VAL B 527 25.34 -28.52 46.44
N ASP B 528 25.55 -28.56 45.13
CA ASP B 528 25.75 -27.35 44.34
C ASP B 528 24.39 -26.68 44.18
N MET B 529 24.16 -25.62 44.95
CA MET B 529 22.86 -24.96 44.94
C MET B 529 22.54 -24.36 43.58
N LYS B 530 23.51 -23.69 42.95
CA LYS B 530 23.27 -23.06 41.66
C LYS B 530 22.98 -24.10 40.59
N LYS B 531 23.78 -25.17 40.55
CA LYS B 531 23.54 -26.23 39.57
C LYS B 531 22.19 -26.90 39.80
N TYR B 532 21.84 -27.13 41.07
CA TYR B 532 20.55 -27.73 41.38
C TYR B 532 19.41 -26.83 40.93
N LYS B 533 19.52 -25.53 41.15
CA LYS B 533 18.48 -24.60 40.74
C LYS B 533 18.45 -24.37 39.23
N LEU B 534 19.52 -24.73 38.51
CA LEU B 534 19.56 -24.56 37.06
C LEU B 534 19.23 -25.84 36.31
N GLN B 535 18.64 -26.83 36.97
CA GLN B 535 18.26 -28.09 36.33
C GLN B 535 16.79 -28.03 35.94
N ASN B 536 16.50 -28.35 34.68
CA ASN B 536 15.14 -28.36 34.18
C ASN B 536 14.47 -29.73 34.26
N ASN B 537 15.21 -30.77 34.60
CA ASN B 537 14.65 -32.10 34.77
C ASN B 537 14.39 -32.44 36.23
N VAL B 538 14.50 -31.47 37.13
CA VAL B 538 14.27 -31.69 38.55
C VAL B 538 13.20 -30.73 39.03
N ARG B 539 12.18 -31.26 39.71
CA ARG B 539 11.13 -30.45 40.31
C ARG B 539 11.28 -30.47 41.82
N ARG B 540 11.19 -29.27 42.43
CA ARG B 540 11.62 -29.05 43.80
C ARG B 540 10.49 -29.36 44.79
N SER B 541 10.20 -30.66 44.91
CA SER B 541 9.46 -31.22 46.06
C SER B 541 8.15 -30.48 46.32
N ILE B 542 7.24 -30.59 45.36
CA ILE B 542 5.90 -30.03 45.52
C ILE B 542 5.10 -30.96 46.43
N LYS B 543 4.54 -30.40 47.50
CA LYS B 543 3.69 -31.15 48.41
C LYS B 543 2.21 -30.98 48.07
N SER B 544 1.72 -29.75 48.15
CA SER B 544 0.33 -29.43 47.86
C SER B 544 0.27 -28.14 47.07
N SER B 545 -0.77 -27.99 46.27
CA SER B 545 -0.90 -26.81 45.41
C SER B 545 -2.37 -26.47 45.21
N SER B 546 -2.72 -25.21 45.46
CA SER B 546 -4.02 -24.69 45.07
C SER B 546 -4.05 -24.24 43.62
N MET B 547 -3.01 -24.56 42.86
CA MET B 547 -2.89 -24.08 41.49
C MET B 547 -3.28 -25.19 40.53
N ASN B 548 -4.24 -24.90 39.66
CA ASN B 548 -4.90 -25.95 38.90
C ASN B 548 -4.23 -26.25 37.57
N TYR B 549 -3.73 -25.25 36.87
CA TYR B 549 -3.01 -25.43 35.61
C TYR B 549 -1.52 -25.55 35.91
N ALA B 550 -1.00 -26.77 35.89
CA ALA B 550 0.34 -27.02 36.42
C ALA B 550 1.41 -26.17 35.74
N ASN B 551 1.42 -26.13 34.42
CA ASN B 551 2.41 -25.37 33.67
C ASN B 551 1.74 -24.28 32.84
N VAL B 552 2.49 -23.22 32.57
CA VAL B 552 2.05 -22.16 31.67
C VAL B 552 3.08 -22.07 30.55
N ALA B 553 2.60 -22.16 29.31
CA ALA B 553 3.49 -22.19 28.15
C ALA B 553 3.24 -20.93 27.32
N ILE B 554 3.94 -19.85 27.68
CA ILE B 554 3.81 -18.59 26.98
C ILE B 554 4.21 -18.78 25.53
N MET B 555 3.43 -18.21 24.61
CA MET B 555 3.66 -18.43 23.18
C MET B 555 3.31 -17.16 22.44
N THR B 556 4.30 -16.52 21.83
CA THR B 556 4.09 -15.21 21.21
C THR B 556 4.64 -15.15 19.79
N ASP B 557 4.59 -13.97 19.18
CA ASP B 557 5.12 -13.77 17.85
C ASP B 557 6.63 -13.53 17.92
N ALA B 558 7.28 -13.56 16.76
CA ALA B 558 8.72 -13.42 16.69
C ALA B 558 9.19 -12.07 16.18
N ASP B 559 8.34 -11.32 15.48
CA ASP B 559 8.73 -10.03 14.92
C ASP B 559 8.69 -8.97 16.03
N HIS B 560 8.76 -7.70 15.63
CA HIS B 560 8.75 -6.61 16.60
C HIS B 560 7.49 -6.61 17.46
N ASP B 561 6.40 -7.21 16.97
CA ASP B 561 5.24 -7.45 17.81
C ASP B 561 5.45 -8.62 18.77
N GLY B 562 6.66 -9.16 18.84
CA GLY B 562 7.00 -10.18 19.80
C GLY B 562 8.18 -9.77 20.67
N LEU B 563 9.00 -8.86 20.14
CA LEU B 563 10.19 -8.42 20.87
C LEU B 563 9.85 -7.31 21.86
N GLY B 564 9.41 -6.16 21.36
CA GLY B 564 8.91 -5.11 22.22
C GLY B 564 7.42 -5.30 22.45
N SER B 565 7.07 -6.34 23.20
CA SER B 565 5.72 -6.88 23.15
C SER B 565 5.36 -7.48 24.50
N ILE B 566 4.36 -8.36 24.49
CA ILE B 566 3.77 -8.99 25.66
C ILE B 566 4.80 -9.79 26.46
N TYR B 567 5.70 -10.49 25.76
CA TYR B 567 6.58 -11.49 26.38
C TYR B 567 7.25 -11.00 27.66
N PRO B 568 7.93 -9.84 27.68
CA PRO B 568 8.51 -9.37 28.94
C PRO B 568 7.47 -8.91 29.96
N SER B 569 6.31 -8.43 29.52
CA SER B 569 5.30 -7.97 30.48
C SER B 569 4.67 -9.15 31.22
N LEU B 570 4.36 -10.22 30.49
CA LEU B 570 3.86 -11.43 31.13
C LEU B 570 4.90 -12.02 32.09
N LEU B 571 6.17 -11.97 31.69
CA LEU B 571 7.23 -12.42 32.58
C LEU B 571 7.29 -11.56 33.85
N GLY B 572 7.15 -10.25 33.71
CA GLY B 572 7.12 -9.39 34.88
C GLY B 572 5.94 -9.68 35.79
N PHE B 573 4.78 -9.97 35.20
CA PHE B 573 3.63 -10.35 36.02
C PHE B 573 3.88 -11.66 36.75
N PHE B 574 4.38 -12.68 36.04
CA PHE B 574 4.70 -13.95 36.69
C PHE B 574 5.82 -13.82 37.70
N SER B 575 6.63 -12.76 37.61
CA SER B 575 7.69 -12.53 38.58
C SER B 575 7.17 -12.26 39.98
N ASN B 576 5.88 -11.98 40.15
CA ASN B 576 5.31 -11.90 41.49
C ASN B 576 5.44 -13.21 42.25
N TRP B 577 5.86 -14.29 41.58
CA TRP B 577 5.94 -15.62 42.17
C TRP B 577 7.30 -16.24 41.83
N PRO B 578 8.33 -15.95 42.64
CA PRO B 578 9.66 -16.51 42.37
C PRO B 578 9.68 -18.04 42.25
N GLU B 579 8.87 -18.74 43.03
CA GLU B 579 8.90 -20.19 43.06
C GLU B 579 8.42 -20.80 41.74
N LEU B 580 7.64 -20.05 40.97
CA LEU B 580 7.08 -20.59 39.73
C LEU B 580 8.18 -20.87 38.72
N PHE B 581 9.15 -19.96 38.60
CA PHE B 581 10.20 -20.12 37.59
C PHE B 581 11.22 -21.17 38.00
N GLU B 582 11.71 -21.09 39.24
CA GLU B 582 12.70 -22.06 39.71
C GLU B 582 12.15 -23.48 39.66
N GLN B 583 10.83 -23.63 39.82
CA GLN B 583 10.20 -24.92 39.67
C GLN B 583 10.20 -25.39 38.23
N GLY B 584 10.58 -24.52 37.30
CA GLY B 584 10.58 -24.88 35.89
C GLY B 584 9.20 -24.87 35.26
N ARG B 585 8.31 -24.00 35.72
CA ARG B 585 6.92 -24.02 35.31
C ARG B 585 6.59 -23.00 34.23
N ILE B 586 6.88 -21.72 34.44
CA ILE B 586 6.66 -20.71 33.43
C ILE B 586 7.62 -20.98 32.29
N ARG B 587 7.10 -21.14 31.08
CA ARG B 587 7.89 -21.56 29.94
C ARG B 587 7.54 -20.74 28.72
N PHE B 588 8.33 -20.90 27.67
CA PHE B 588 8.13 -20.23 26.40
C PHE B 588 8.29 -21.24 25.28
N VAL B 589 7.32 -21.29 24.38
CA VAL B 589 7.40 -22.18 23.23
C VAL B 589 8.17 -21.48 22.14
N LYS B 590 9.10 -22.20 21.52
CA LYS B 590 9.97 -21.62 20.50
C LYS B 590 9.36 -21.86 19.12
N THR B 591 8.82 -20.81 18.54
CA THR B 591 8.35 -20.87 17.15
C THR B 591 9.53 -20.71 16.21
N PRO B 592 9.73 -21.61 15.26
CA PRO B 592 10.85 -21.47 14.33
C PRO B 592 10.72 -20.19 13.52
N VAL B 593 11.85 -19.59 13.20
CA VAL B 593 11.90 -18.36 12.41
C VAL B 593 11.91 -18.67 10.91
N ILE B 594 12.66 -19.69 10.51
CA ILE B 594 12.72 -20.11 9.12
C ILE B 594 12.45 -21.60 9.05
N ILE B 595 11.56 -22.02 8.16
CA ILE B 595 11.20 -23.42 8.01
C ILE B 595 11.51 -23.85 6.58
N ALA B 596 12.28 -24.94 6.45
CA ALA B 596 12.64 -25.49 5.15
C ALA B 596 11.50 -26.34 4.60
N GLN B 597 11.65 -26.76 3.35
CA GLN B 597 10.64 -27.54 2.66
C GLN B 597 11.28 -28.66 1.85
N VAL B 598 12.26 -29.33 2.44
CA VAL B 598 13.01 -30.36 1.73
C VAL B 598 12.22 -31.66 1.74
N GLY B 599 12.15 -32.32 0.59
CA GLY B 599 11.45 -33.59 0.50
C GLY B 599 10.00 -33.45 0.91
N LYS B 600 9.53 -34.43 1.68
CA LYS B 600 8.16 -34.41 2.19
C LYS B 600 8.09 -33.71 3.54
N LYS B 601 9.13 -33.87 4.36
CA LYS B 601 9.17 -33.28 5.69
C LYS B 601 9.70 -31.85 5.62
N GLN B 602 10.00 -31.27 6.77
CA GLN B 602 10.52 -29.92 6.84
C GLN B 602 11.64 -29.86 7.88
N GLU B 603 12.42 -28.79 7.82
CA GLU B 603 13.45 -28.52 8.83
C GLU B 603 13.16 -27.18 9.49
N TRP B 604 13.30 -27.14 10.81
CA TRP B 604 12.94 -25.98 11.60
C TRP B 604 14.20 -25.31 12.13
N PHE B 605 14.29 -24.00 11.98
CA PHE B 605 15.48 -23.23 12.36
C PHE B 605 15.05 -22.14 13.33
N TYR B 606 15.34 -22.34 14.61
CA TYR B 606 14.88 -21.41 15.64
C TYR B 606 15.63 -20.09 15.62
N THR B 607 16.76 -20.01 14.91
CA THR B 607 17.50 -18.77 14.74
C THR B 607 17.91 -18.63 13.28
N VAL B 608 18.13 -17.39 12.86
CA VAL B 608 18.64 -17.16 11.51
C VAL B 608 20.08 -17.67 11.39
N ALA B 609 20.88 -17.53 12.45
CA ALA B 609 22.26 -17.99 12.40
C ALA B 609 22.34 -19.49 12.18
N GLU B 610 21.48 -20.25 12.83
CA GLU B 610 21.40 -21.68 12.56
C GLU B 610 21.03 -21.97 11.12
N TYR B 611 20.13 -21.18 10.54
CA TYR B 611 19.78 -21.38 9.14
C TYR B 611 20.98 -21.14 8.24
N GLU B 612 21.75 -20.09 8.52
CA GLU B 612 22.96 -19.83 7.74
C GLU B 612 23.97 -20.95 7.89
N SER B 613 24.15 -21.45 9.12
CA SER B 613 25.14 -22.49 9.37
C SER B 613 24.76 -23.83 8.74
N ALA B 614 23.47 -24.16 8.69
CA ALA B 614 23.04 -25.43 8.13
C ALA B 614 22.41 -25.28 6.75
N LYS B 615 22.58 -24.13 6.09
CA LYS B 615 22.01 -23.93 4.78
C LYS B 615 22.64 -24.85 3.74
N ASP B 616 23.95 -25.07 3.83
CA ASP B 616 24.67 -25.81 2.80
C ASP B 616 24.23 -27.27 2.75
N ALA B 617 23.81 -27.83 3.88
CA ALA B 617 23.35 -29.21 3.95
C ALA B 617 21.87 -29.35 3.65
N LEU B 618 21.29 -28.40 2.91
CA LEU B 618 19.85 -28.38 2.66
C LEU B 618 19.56 -28.63 1.19
N PRO B 619 19.11 -29.82 0.80
CA PRO B 619 18.81 -30.09 -0.61
C PRO B 619 17.50 -29.43 -1.02
N LYS B 620 17.56 -28.61 -2.07
CA LYS B 620 16.41 -27.92 -2.68
C LYS B 620 15.43 -27.41 -1.62
N HIS B 621 15.97 -26.68 -0.65
CA HIS B 621 15.15 -26.17 0.44
C HIS B 621 14.41 -24.91 0.01
N SER B 622 13.20 -24.75 0.53
CA SER B 622 12.43 -23.52 0.37
C SER B 622 12.39 -22.78 1.71
N ILE B 623 12.44 -21.47 1.65
CA ILE B 623 12.60 -20.64 2.83
C ILE B 623 11.25 -20.00 3.15
N ARG B 624 10.88 -20.02 4.44
CA ARG B 624 9.61 -19.45 4.88
C ARG B 624 9.84 -18.73 6.20
N TYR B 625 9.85 -17.40 6.15
CA TYR B 625 10.05 -16.61 7.36
C TYR B 625 8.78 -16.64 8.20
N ILE B 626 8.86 -17.25 9.39
CA ILE B 626 7.74 -17.19 10.34
C ILE B 626 7.99 -16.00 11.24
N LYS B 627 7.51 -14.84 10.81
CA LYS B 627 7.58 -13.63 11.61
C LYS B 627 6.28 -13.38 12.36
N GLY B 628 5.80 -14.39 13.06
CA GLY B 628 4.57 -14.28 13.81
C GLY B 628 3.87 -15.63 13.92
N LEU B 629 3.01 -15.73 14.94
CA LEU B 629 2.30 -16.98 15.18
C LEU B 629 1.33 -17.31 14.06
N GLY B 630 0.65 -16.30 13.53
CA GLY B 630 -0.35 -16.56 12.50
C GLY B 630 0.26 -16.75 11.14
N SER B 631 1.41 -17.40 11.09
CA SER B 631 2.05 -17.74 9.84
C SER B 631 2.35 -19.23 9.72
N LEU B 632 1.99 -20.02 10.73
CA LEU B 632 2.19 -21.47 10.71
C LEU B 632 0.89 -22.14 10.31
N GLU B 633 0.98 -23.06 9.35
CA GLU B 633 -0.17 -23.87 9.00
C GLU B 633 -0.58 -24.74 10.19
N LYS B 634 -1.72 -25.41 10.05
CA LYS B 634 -2.26 -26.20 11.15
C LYS B 634 -1.31 -27.33 11.53
N SER B 635 -0.73 -28.01 10.54
CA SER B 635 0.15 -29.14 10.83
C SER B 635 1.42 -28.68 11.53
N GLU B 636 1.99 -27.55 11.09
CA GLU B 636 3.19 -27.03 11.74
C GLU B 636 2.90 -26.63 13.18
N TYR B 637 1.75 -26.02 13.42
CA TYR B 637 1.32 -25.76 14.79
C TYR B 637 1.14 -27.04 15.59
N ARG B 638 0.59 -28.08 14.96
CA ARG B 638 0.41 -29.35 15.67
C ARG B 638 1.75 -29.94 16.09
N GLU B 639 2.73 -29.90 15.20
CA GLU B 639 4.07 -30.38 15.56
C GLU B 639 4.70 -29.50 16.63
N MET B 640 4.55 -28.18 16.52
CA MET B 640 5.12 -27.26 17.49
C MET B 640 4.43 -27.36 18.85
N ILE B 641 3.24 -27.95 18.90
CA ILE B 641 2.52 -28.12 20.16
C ILE B 641 2.82 -29.47 20.79
N GLN B 642 2.63 -30.56 20.04
CA GLN B 642 2.74 -31.89 20.63
C GLN B 642 4.20 -32.30 20.84
N ASN B 643 5.12 -31.76 20.04
CA ASN B 643 6.55 -32.05 20.17
C ASN B 643 7.29 -30.73 20.27
N PRO B 644 7.15 -30.03 21.39
CA PRO B 644 7.62 -28.65 21.47
C PRO B 644 9.03 -28.53 22.03
N VAL B 645 9.58 -27.32 21.87
CA VAL B 645 10.87 -26.95 22.42
C VAL B 645 10.63 -25.77 23.34
N TYR B 646 10.96 -25.91 24.62
CA TYR B 646 10.57 -24.91 25.62
C TYR B 646 11.77 -24.05 26.02
N ASP B 647 11.55 -22.74 26.04
CA ASP B 647 12.53 -21.79 26.52
C ASP B 647 12.23 -21.57 28.01
N VAL B 648 12.55 -22.58 28.81
CA VAL B 648 12.17 -22.55 30.22
C VAL B 648 12.92 -21.43 30.91
N VAL B 649 12.19 -20.37 31.25
CA VAL B 649 12.78 -19.16 31.79
C VAL B 649 13.07 -19.37 33.27
N LYS B 650 14.31 -19.12 33.68
CA LYS B 650 14.71 -19.14 35.07
C LYS B 650 15.10 -17.73 35.50
N LEU B 651 14.73 -17.37 36.69
CA LEU B 651 15.08 -16.05 37.18
C LEU B 651 16.32 -16.13 38.06
N PRO B 652 17.36 -15.33 37.79
CA PRO B 652 18.55 -15.34 38.66
C PRO B 652 18.43 -14.35 39.80
N GLU B 653 19.48 -14.25 40.62
CA GLU B 653 19.46 -13.30 41.72
C GLU B 653 19.47 -11.85 41.25
N ASN B 654 19.81 -11.62 39.98
CA ASN B 654 19.86 -10.28 39.41
C ASN B 654 18.54 -9.87 38.77
N TRP B 655 17.49 -10.68 38.92
CA TRP B 655 16.20 -10.34 38.32
C TRP B 655 15.64 -9.04 38.85
N LYS B 656 15.88 -8.75 40.14
CA LYS B 656 15.30 -7.56 40.75
C LYS B 656 15.95 -6.28 40.25
N GLU B 657 16.86 -6.36 39.28
CA GLU B 657 17.42 -5.16 38.66
C GLU B 657 17.04 -5.07 37.19
N LEU B 658 17.08 -6.20 36.48
CA LEU B 658 16.79 -6.19 35.05
C LEU B 658 15.37 -5.73 34.77
N PHE B 659 14.45 -5.94 35.72
CA PHE B 659 13.09 -5.46 35.52
C PHE B 659 12.98 -3.95 35.72
N GLU B 660 13.92 -3.34 36.45
CA GLU B 660 14.05 -1.89 36.44
C GLU B 660 14.70 -1.36 35.18
N MET B 661 15.78 -1.99 34.71
CA MET B 661 16.45 -1.48 33.53
C MET B 661 15.61 -1.64 32.27
N LEU B 662 14.81 -2.70 32.18
CA LEU B 662 13.93 -2.91 31.05
C LEU B 662 12.49 -2.85 31.53
N MET B 663 11.67 -2.03 30.86
CA MET B 663 10.26 -1.78 31.13
C MET B 663 10.03 -1.25 32.55
N GLY B 664 11.10 -0.88 33.24
CA GLY B 664 10.99 -0.34 34.57
C GLY B 664 10.82 1.16 34.61
N MET C 1 -11.90 36.04 -19.71
CA MET C 1 -12.55 35.16 -18.74
C MET C 1 -14.01 34.91 -19.13
N GLN C 2 -14.51 33.74 -18.79
CA GLN C 2 -15.86 33.31 -19.14
C GLN C 2 -16.67 33.09 -17.88
N LEU C 3 -17.89 33.64 -17.85
CA LEU C 3 -18.78 33.48 -16.70
C LEU C 3 -20.01 32.68 -17.12
N ASN C 4 -20.26 31.56 -16.44
CA ASN C 4 -21.42 30.72 -16.70
C ASN C 4 -22.57 31.05 -15.76
N ASN C 5 -23.65 30.30 -15.90
CA ASN C 5 -24.87 30.52 -15.13
C ASN C 5 -25.38 29.22 -14.50
N ARG C 6 -24.50 28.52 -13.80
CA ARG C 6 -24.79 27.15 -13.37
C ARG C 6 -25.96 27.06 -12.37
N ASP C 7 -26.32 28.17 -11.71
CA ASP C 7 -27.36 28.20 -10.68
C ASP C 7 -27.05 27.27 -9.52
N LEU C 8 -28.00 27.15 -8.58
CA LEU C 8 -27.82 26.31 -7.41
C LEU C 8 -28.47 24.94 -7.54
N LYS C 9 -29.50 24.81 -8.39
CA LYS C 9 -30.15 23.52 -8.57
C LYS C 9 -29.16 22.49 -9.11
N SER C 10 -28.37 22.88 -10.10
CA SER C 10 -27.36 21.99 -10.64
C SER C 10 -26.24 21.72 -9.64
N ILE C 11 -26.00 22.64 -8.71
CA ILE C 11 -24.99 22.40 -7.68
C ILE C 11 -25.37 21.21 -6.83
N ILE C 12 -26.61 21.19 -6.34
CA ILE C 12 -27.06 20.08 -5.50
C ILE C 12 -27.31 18.84 -6.35
N ASP C 13 -27.63 19.03 -7.64
CA ASP C 13 -27.79 17.90 -8.54
C ASP C 13 -26.47 17.16 -8.73
N ASN C 14 -25.38 17.91 -8.92
CA ASN C 14 -24.07 17.31 -9.07
C ASN C 14 -23.47 16.87 -7.74
N GLU C 15 -23.93 17.43 -6.62
CA GLU C 15 -23.56 16.88 -5.32
C GLU C 15 -24.09 15.47 -5.17
N ALA C 16 -25.33 15.23 -5.60
CA ALA C 16 -25.80 13.87 -5.84
C ALA C 16 -25.31 13.41 -7.21
N LEU C 17 -25.65 12.18 -7.57
CA LEU C 17 -25.24 11.58 -8.85
C LEU C 17 -23.71 11.37 -8.85
N ALA C 18 -23.06 11.84 -7.79
CA ALA C 18 -21.66 11.61 -7.53
C ALA C 18 -21.44 10.86 -6.23
N TYR C 19 -22.12 11.27 -5.15
CA TYR C 19 -22.23 10.43 -3.97
C TYR C 19 -22.99 9.16 -4.30
N ALA C 20 -24.06 9.28 -5.09
CA ALA C 20 -24.77 8.10 -5.58
C ALA C 20 -23.86 7.25 -6.46
N MET C 21 -23.08 7.90 -7.34
CA MET C 21 -22.10 7.18 -8.13
C MET C 21 -21.02 6.59 -7.24
N TYR C 22 -20.69 7.27 -6.13
CA TYR C 22 -19.74 6.74 -5.17
C TYR C 22 -20.23 5.46 -4.50
N THR C 23 -21.52 5.39 -4.16
CA THR C 23 -22.09 4.20 -3.54
C THR C 23 -22.33 3.09 -4.55
N VAL C 24 -22.68 3.44 -5.80
CA VAL C 24 -22.93 2.44 -6.82
C VAL C 24 -21.68 1.58 -7.06
N GLU C 25 -20.51 2.21 -7.10
CA GLU C 25 -19.28 1.44 -7.22
C GLU C 25 -18.99 0.63 -5.96
N ASN C 26 -19.69 0.90 -4.87
CA ASN C 26 -19.48 0.18 -3.61
C ASN C 26 -20.75 -0.49 -3.09
N ARG C 27 -21.62 -0.95 -3.99
CA ARG C 27 -22.79 -1.70 -3.55
C ARG C 27 -22.35 -3.05 -2.98
N ALA C 28 -22.87 -3.39 -1.81
CA ALA C 28 -22.54 -4.67 -1.20
C ALA C 28 -23.21 -5.84 -1.90
N ILE C 29 -24.19 -5.59 -2.75
CA ILE C 29 -24.89 -6.66 -3.46
C ILE C 29 -23.95 -7.32 -4.45
N PRO C 30 -23.81 -8.65 -4.43
CA PRO C 30 -22.85 -9.30 -5.33
C PRO C 30 -23.33 -9.29 -6.77
N ASN C 31 -22.38 -9.11 -7.68
CA ASN C 31 -22.71 -9.21 -9.09
C ASN C 31 -23.21 -10.62 -9.39
N MET C 32 -24.25 -10.72 -10.23
CA MET C 32 -24.84 -12.03 -10.51
C MET C 32 -23.85 -12.94 -11.23
N ILE C 33 -23.11 -12.40 -12.20
CA ILE C 33 -22.32 -13.25 -13.09
C ILE C 33 -21.16 -13.89 -12.36
N ASP C 34 -20.39 -13.08 -11.61
CA ASP C 34 -19.19 -13.60 -10.98
C ASP C 34 -19.31 -13.79 -9.47
N GLY C 35 -20.33 -13.22 -8.84
CA GLY C 35 -20.49 -13.36 -7.41
C GLY C 35 -19.55 -12.49 -6.60
N PHE C 36 -18.75 -11.66 -7.25
CA PHE C 36 -17.80 -10.80 -6.57
C PHE C 36 -18.48 -9.51 -6.17
N LYS C 37 -18.37 -9.16 -4.89
CA LYS C 37 -18.64 -7.80 -4.49
C LYS C 37 -17.54 -6.91 -5.07
N PRO C 38 -17.78 -5.60 -5.16
CA PRO C 38 -16.74 -4.72 -5.72
C PRO C 38 -15.40 -4.84 -5.02
N VAL C 39 -15.38 -4.98 -3.70
CA VAL C 39 -14.11 -5.11 -2.99
C VAL C 39 -13.44 -6.43 -3.33
N GLN C 40 -14.21 -7.51 -3.46
CA GLN C 40 -13.65 -8.81 -3.76
C GLN C 40 -13.06 -8.86 -5.15
N ARG C 41 -13.68 -8.18 -6.12
CA ARG C 41 -13.14 -8.15 -7.47
C ARG C 41 -11.76 -7.54 -7.50
N PHE C 42 -11.54 -6.49 -6.72
CA PHE C 42 -10.24 -5.83 -6.70
C PHE C 42 -9.19 -6.71 -6.03
N VAL C 43 -9.55 -7.39 -4.95
CA VAL C 43 -8.61 -8.32 -4.31
C VAL C 43 -8.22 -9.43 -5.27
N ILE C 44 -9.19 -9.98 -5.99
CA ILE C 44 -8.88 -11.04 -6.94
C ILE C 44 -8.03 -10.52 -8.09
N ALA C 45 -8.32 -9.32 -8.60
CA ALA C 45 -7.53 -8.74 -9.67
C ALA C 45 -6.11 -8.48 -9.22
N ARG C 46 -5.94 -7.97 -8.00
CA ARG C 46 -4.60 -7.75 -7.46
C ARG C 46 -3.85 -9.06 -7.27
N ALA C 47 -4.52 -10.10 -6.77
CA ALA C 47 -3.87 -11.38 -6.56
C ALA C 47 -3.47 -12.00 -7.89
N LEU C 48 -4.28 -11.79 -8.93
CA LEU C 48 -3.90 -12.24 -10.27
C LEU C 48 -2.72 -11.43 -10.81
N ASP C 49 -2.68 -10.13 -10.48
CA ASP C 49 -1.57 -9.28 -10.89
C ASP C 49 -0.27 -9.73 -10.25
N LEU C 50 -0.31 -10.07 -8.97
CA LEU C 50 0.90 -10.54 -8.28
C LEU C 50 1.30 -11.96 -8.69
N ALA C 51 0.43 -12.69 -9.36
CA ALA C 51 0.67 -14.09 -9.65
C ALA C 51 1.05 -14.35 -11.11
N ARG C 52 1.39 -13.32 -11.88
CA ARG C 52 1.80 -13.55 -13.26
C ARG C 52 3.11 -14.31 -13.31
N GLY C 53 4.06 -13.96 -12.45
CA GLY C 53 5.35 -14.62 -12.46
C GLY C 53 5.28 -16.06 -12.03
N ASN C 54 5.01 -16.29 -10.74
CA ASN C 54 4.85 -17.63 -10.20
C ASN C 54 3.41 -17.78 -9.74
N LYS C 55 2.72 -18.78 -10.29
CA LYS C 55 1.30 -18.95 -9.99
C LYS C 55 1.10 -19.56 -8.60
N ASP C 56 2.10 -20.31 -8.12
CA ASP C 56 2.00 -21.00 -6.83
C ASP C 56 2.65 -20.24 -5.69
N LYS C 57 3.14 -19.02 -5.92
CA LYS C 57 3.82 -18.28 -4.87
C LYS C 57 2.80 -17.63 -3.95
N PHE C 58 3.08 -17.67 -2.65
CA PHE C 58 2.17 -17.08 -1.67
C PHE C 58 2.61 -15.66 -1.35
N HIS C 59 1.72 -14.70 -1.57
CA HIS C 59 1.99 -13.30 -1.30
C HIS C 59 1.27 -12.86 -0.03
N LYS C 60 1.85 -11.89 0.67
CA LYS C 60 1.28 -11.43 1.92
C LYS C 60 -0.10 -10.85 1.68
N LEU C 61 -0.98 -10.99 2.68
CA LEU C 61 -2.30 -10.39 2.57
C LEU C 61 -2.22 -8.87 2.61
N ALA C 62 -1.28 -8.32 3.37
CA ALA C 62 -1.08 -6.88 3.37
C ALA C 62 -0.62 -6.40 1.99
N SER C 63 0.26 -7.17 1.35
CA SER C 63 0.69 -6.82 0.00
C SER C 63 -0.47 -6.88 -0.99
N ILE C 64 -1.33 -7.88 -0.84
CA ILE C 64 -2.49 -8.01 -1.73
C ILE C 64 -3.45 -6.84 -1.52
N ALA C 65 -3.71 -6.48 -0.27
CA ALA C 65 -4.66 -5.41 0.03
C ALA C 65 -4.10 -4.02 -0.24
N GLY C 66 -2.78 -3.86 -0.28
CA GLY C 66 -2.22 -2.56 -0.55
C GLY C 66 -2.16 -2.16 -2.01
N GLY C 67 -2.45 -3.08 -2.92
CA GLY C 67 -2.38 -2.79 -4.33
C GLY C 67 -3.72 -2.56 -4.99
N VAL C 68 -4.81 -2.74 -4.25
CA VAL C 68 -6.14 -2.54 -4.83
C VAL C 68 -6.39 -1.08 -5.11
N ALA C 69 -5.78 -0.17 -4.33
CA ALA C 69 -6.03 1.25 -4.52
C ALA C 69 -5.55 1.72 -5.89
N ASP C 70 -4.41 1.21 -6.35
CA ASP C 70 -3.94 1.55 -7.69
C ASP C 70 -4.89 1.00 -8.75
N LEU C 71 -5.57 -0.11 -8.45
CA LEU C 71 -6.45 -0.72 -9.44
C LEU C 71 -7.77 0.02 -9.56
N GLY C 72 -8.12 0.85 -8.59
CA GLY C 72 -9.33 1.63 -8.70
C GLY C 72 -10.18 1.64 -7.45
N TYR C 73 -9.82 0.82 -6.47
CA TYR C 73 -10.57 0.80 -5.22
C TYR C 73 -10.37 2.10 -4.46
N HIS C 74 -11.44 2.56 -3.82
CA HIS C 74 -11.44 3.85 -3.13
C HIS C 74 -11.61 3.74 -1.63
N HIS C 75 -11.93 2.56 -1.09
CA HIS C 75 -12.31 2.43 0.31
C HIS C 75 -11.19 1.86 1.18
N GLY C 76 -9.94 2.15 0.85
CA GLY C 76 -8.83 1.76 1.71
C GLY C 76 -8.49 0.28 1.59
N GLU C 77 -7.43 -0.08 2.30
CA GLU C 77 -6.94 -1.45 2.26
C GLU C 77 -7.50 -2.33 3.36
N ASN C 78 -8.19 -1.76 4.34
CA ASN C 78 -8.80 -2.57 5.39
C ASN C 78 -9.89 -3.46 4.82
N SER C 79 -10.73 -2.92 3.95
CA SER C 79 -11.79 -3.72 3.33
C SER C 79 -11.21 -4.83 2.47
N ALA C 80 -10.15 -4.53 1.72
CA ALA C 80 -9.49 -5.56 0.92
C ALA C 80 -8.84 -6.63 1.78
N GLN C 81 -8.23 -6.25 2.90
CA GLN C 81 -7.69 -7.23 3.83
C GLN C 81 -8.77 -8.15 4.35
N ASP C 82 -9.90 -7.58 4.78
CA ASP C 82 -10.99 -8.41 5.31
C ASP C 82 -11.57 -9.31 4.24
N ALA C 83 -11.76 -8.80 3.03
CA ALA C 83 -12.31 -9.61 1.96
C ALA C 83 -11.37 -10.76 1.61
N GLY C 84 -10.06 -10.50 1.56
CA GLY C 84 -9.12 -11.58 1.30
C GLY C 84 -9.12 -12.62 2.41
N ALA C 85 -9.21 -12.17 3.66
CA ALA C 85 -9.23 -13.10 4.78
C ALA C 85 -10.47 -13.98 4.74
N LEU C 86 -11.62 -13.42 4.38
CA LEU C 86 -12.84 -14.22 4.24
C LEU C 86 -12.86 -15.07 2.98
N MET C 87 -12.06 -14.72 1.98
CA MET C 87 -12.03 -15.46 0.72
C MET C 87 -11.13 -16.68 0.81
N ALA C 88 -9.98 -16.54 1.49
CA ALA C 88 -8.94 -17.57 1.38
C ALA C 88 -9.30 -18.84 2.14
N ASN C 89 -10.02 -18.71 3.25
CA ASN C 89 -10.28 -19.85 4.11
C ASN C 89 -11.26 -20.83 3.47
N THR C 90 -11.39 -22.01 4.08
CA THR C 90 -12.22 -23.08 3.55
C THR C 90 -13.47 -23.32 4.39
N TRP C 91 -13.48 -22.95 5.66
CA TRP C 91 -14.66 -23.15 6.48
C TRP C 91 -15.82 -22.26 6.04
N ASN C 92 -15.52 -21.05 5.58
CA ASN C 92 -16.56 -20.11 5.15
C ASN C 92 -16.96 -20.27 3.71
N ASN C 93 -16.22 -21.05 2.92
CA ASN C 93 -16.43 -21.09 1.48
C ASN C 93 -16.47 -22.53 0.99
N ASN C 94 -17.57 -22.88 0.34
CA ASN C 94 -17.69 -24.17 -0.30
C ASN C 94 -16.70 -24.30 -1.45
N PHE C 95 -16.37 -23.19 -2.11
CA PHE C 95 -15.51 -23.17 -3.29
C PHE C 95 -14.61 -21.94 -3.20
N PRO C 96 -13.54 -22.01 -2.40
CA PRO C 96 -12.74 -20.80 -2.15
C PRO C 96 -11.81 -20.49 -3.30
N LEU C 97 -11.93 -19.27 -3.82
CA LEU C 97 -11.16 -18.87 -4.98
C LEU C 97 -9.75 -18.42 -4.65
N LEU C 98 -9.45 -18.16 -3.37
CA LEU C 98 -8.11 -17.84 -2.93
C LEU C 98 -7.58 -18.97 -2.07
N ASP C 99 -6.40 -19.47 -2.40
CA ASP C 99 -5.72 -20.48 -1.60
C ASP C 99 -4.85 -19.76 -0.58
N GLY C 100 -5.02 -20.09 0.69
CA GLY C 100 -4.35 -19.38 1.78
C GLY C 100 -3.37 -20.25 2.54
N GLN C 101 -2.33 -19.63 3.05
CA GLN C 101 -1.39 -20.26 3.96
C GLN C 101 -1.20 -19.37 5.17
N GLY C 102 -1.41 -19.93 6.36
CA GLY C 102 -1.42 -19.17 7.59
C GLY C 102 -2.66 -19.49 8.39
N ASN C 103 -3.08 -18.53 9.19
CA ASN C 103 -4.26 -18.68 10.04
C ASN C 103 -5.40 -17.87 9.45
N PHE C 104 -6.27 -18.54 8.70
CA PHE C 104 -7.45 -17.90 8.14
C PHE C 104 -8.72 -18.26 8.89
N GLY C 105 -8.59 -18.81 10.10
CA GLY C 105 -9.74 -19.08 10.93
C GLY C 105 -10.34 -20.44 10.68
N SER C 106 -11.32 -20.77 11.51
CA SER C 106 -12.05 -22.03 11.40
C SER C 106 -13.48 -21.78 11.80
N ARG C 107 -14.29 -22.84 11.79
CA ARG C 107 -15.68 -22.72 12.26
C ARG C 107 -15.71 -22.37 13.74
N THR C 108 -14.82 -22.96 14.53
CA THR C 108 -14.81 -22.70 15.97
C THR C 108 -14.46 -21.24 16.25
N VAL C 109 -13.36 -20.76 15.69
CA VAL C 109 -12.97 -19.36 15.79
C VAL C 109 -12.84 -18.83 14.37
N GLN C 110 -13.66 -17.83 14.03
CA GLN C 110 -13.79 -17.32 12.68
C GLN C 110 -12.89 -16.13 12.41
N LYS C 111 -12.03 -15.76 13.35
CA LYS C 111 -11.15 -14.62 13.16
C LYS C 111 -9.81 -15.08 12.61
N ALA C 112 -9.40 -14.49 11.49
CA ALA C 112 -8.10 -14.79 10.93
C ALA C 112 -7.00 -14.00 11.63
N ALA C 113 -5.76 -14.40 11.40
CA ALA C 113 -4.63 -13.71 11.98
C ALA C 113 -4.45 -12.34 11.32
N ALA C 114 -3.40 -11.63 11.72
CA ALA C 114 -3.11 -10.34 11.13
C ALA C 114 -2.75 -10.50 9.66
N SER C 115 -3.11 -9.51 8.85
CA SER C 115 -2.91 -9.61 7.42
C SER C 115 -1.44 -9.64 7.01
N ARG C 116 -0.54 -9.13 7.86
CA ARG C 116 0.87 -9.13 7.55
C ARG C 116 1.54 -10.48 7.77
N TYR C 117 0.86 -11.41 8.44
CA TYR C 117 1.41 -12.75 8.66
C TYR C 117 0.88 -13.77 7.67
N ILE C 118 -0.38 -13.69 7.31
CA ILE C 118 -1.02 -14.70 6.50
C ILE C 118 -0.86 -14.35 5.02
N PHE C 119 -0.48 -15.36 4.23
CA PHE C 119 -0.27 -15.21 2.81
C PHE C 119 -1.47 -15.77 2.06
N ALA C 120 -1.67 -15.28 0.83
CA ALA C 120 -2.82 -15.69 0.04
C ALA C 120 -2.43 -15.76 -1.43
N ARG C 121 -3.08 -16.66 -2.14
CA ARG C 121 -2.85 -16.86 -3.57
C ARG C 121 -4.14 -17.35 -4.19
N VAL C 122 -4.27 -17.15 -5.50
CA VAL C 122 -5.46 -17.62 -6.21
C VAL C 122 -5.38 -19.13 -6.40
N SER C 123 -6.41 -19.84 -5.91
CA SER C 123 -6.37 -21.28 -5.84
C SER C 123 -6.62 -21.89 -7.21
N LYS C 124 -6.41 -23.21 -7.30
CA LYS C 124 -6.72 -23.93 -8.53
C LYS C 124 -8.22 -23.92 -8.82
N ASN C 125 -9.06 -23.68 -7.82
CA ASN C 125 -10.48 -23.50 -8.06
C ASN C 125 -10.72 -22.33 -8.99
N PHE C 126 -10.05 -21.20 -8.73
CA PHE C 126 -10.24 -20.01 -9.55
C PHE C 126 -9.88 -20.28 -10.99
N TYR C 127 -8.73 -20.90 -11.23
CA TYR C 127 -8.31 -21.15 -12.60
C TYR C 127 -9.13 -22.24 -13.27
N ASN C 128 -9.71 -23.16 -12.51
CA ASN C 128 -10.58 -24.16 -13.12
C ASN C 128 -11.92 -23.58 -13.51
N VAL C 129 -12.42 -22.58 -12.77
CA VAL C 129 -13.75 -22.03 -12.98
C VAL C 129 -13.71 -20.68 -13.68
N TYR C 130 -12.85 -19.78 -13.22
CA TYR C 130 -12.84 -18.42 -13.77
C TYR C 130 -12.07 -18.41 -15.08
N LYS C 131 -12.81 -18.60 -16.16
CA LYS C 131 -12.25 -18.63 -17.51
C LYS C 131 -12.67 -17.39 -18.28
N ASP C 132 -12.02 -17.19 -19.43
CA ASP C 132 -12.35 -16.08 -20.33
C ASP C 132 -12.30 -14.73 -19.62
N THR C 133 -11.30 -14.56 -18.76
CA THR C 133 -11.12 -13.28 -18.09
C THR C 133 -10.67 -12.19 -19.06
N GLU C 134 -9.86 -12.55 -20.06
CA GLU C 134 -9.45 -11.56 -21.06
C GLU C 134 -10.63 -11.03 -21.86
N TYR C 135 -11.74 -11.75 -21.85
CA TYR C 135 -12.92 -11.42 -22.65
C TYR C 135 -13.96 -10.66 -21.85
N ALA C 136 -13.64 -10.33 -20.59
CA ALA C 136 -14.62 -9.76 -19.69
C ALA C 136 -14.94 -8.33 -20.10
N PRO C 137 -16.13 -7.83 -19.78
CA PRO C 137 -16.48 -6.47 -20.20
C PRO C 137 -15.59 -5.43 -19.54
N VAL C 138 -15.05 -4.54 -20.36
CA VAL C 138 -14.21 -3.44 -19.85
C VAL C 138 -15.10 -2.48 -19.09
N HIS C 139 -14.57 -1.95 -17.99
CA HIS C 139 -15.36 -1.07 -17.15
C HIS C 139 -15.66 0.24 -17.87
N GLN C 140 -16.83 0.82 -17.57
CA GLN C 140 -17.14 2.14 -18.06
C GLN C 140 -16.14 3.16 -17.52
N ASP C 141 -15.80 3.08 -16.25
CA ASP C 141 -14.78 3.94 -15.65
C ASP C 141 -13.41 3.48 -16.12
N LYS C 142 -12.70 4.35 -16.84
CA LYS C 142 -11.38 3.98 -17.33
C LYS C 142 -10.37 3.85 -16.20
N GLU C 143 -10.68 4.35 -15.01
CA GLU C 143 -9.78 4.22 -13.88
C GLU C 143 -9.84 2.82 -13.27
N HIS C 144 -10.87 2.05 -13.59
CA HIS C 144 -11.05 0.70 -13.08
C HIS C 144 -10.34 -0.34 -13.95
N ILE C 145 -9.07 -0.65 -13.65
CA ILE C 145 -8.38 -1.69 -14.39
C ILE C 145 -9.04 -3.05 -14.28
N PRO C 146 -9.54 -3.49 -13.11
CA PRO C 146 -10.33 -4.72 -13.07
C PRO C 146 -11.56 -4.60 -13.96
N PRO C 147 -11.98 -5.68 -14.62
CA PRO C 147 -13.09 -5.58 -15.56
C PRO C 147 -14.40 -5.26 -14.86
N ALA C 148 -15.46 -5.13 -15.65
CA ALA C 148 -16.78 -4.93 -15.08
C ALA C 148 -17.17 -6.10 -14.18
N PHE C 149 -16.90 -7.32 -14.65
CA PHE C 149 -17.06 -8.51 -13.83
C PHE C 149 -16.28 -9.65 -14.49
N TYR C 150 -15.87 -10.62 -13.68
CA TYR C 150 -15.20 -11.79 -14.23
C TYR C 150 -16.23 -12.75 -14.80
N LEU C 151 -15.76 -13.87 -15.34
CA LEU C 151 -16.60 -14.78 -16.13
C LEU C 151 -16.45 -16.21 -15.63
N PRO C 152 -16.90 -16.51 -14.42
CA PRO C 152 -16.84 -17.88 -13.93
C PRO C 152 -17.81 -18.76 -14.69
N ILE C 153 -17.42 -20.03 -14.85
CA ILE C 153 -18.25 -20.97 -15.59
C ILE C 153 -19.59 -21.18 -14.88
N ILE C 154 -19.57 -21.30 -13.56
CA ILE C 154 -20.76 -21.61 -12.77
C ILE C 154 -21.01 -20.45 -11.83
N PRO C 155 -22.26 -20.29 -11.35
CA PRO C 155 -22.60 -19.10 -10.54
C PRO C 155 -22.00 -19.11 -9.15
N THR C 156 -20.77 -18.62 -9.03
CA THR C 156 -20.05 -18.67 -7.77
C THR C 156 -20.81 -17.99 -6.64
N VAL C 157 -21.70 -17.06 -6.97
CA VAL C 157 -22.55 -16.44 -5.96
C VAL C 157 -23.37 -17.50 -5.22
N LEU C 158 -23.78 -18.58 -5.91
CA LEU C 158 -24.41 -19.70 -5.25
C LEU C 158 -23.41 -20.72 -4.71
N LEU C 159 -22.15 -20.67 -5.15
CA LEU C 159 -21.15 -21.63 -4.66
C LEU C 159 -20.73 -21.27 -3.24
N ASN C 160 -20.24 -20.06 -3.02
CA ASN C 160 -19.71 -19.69 -1.72
C ASN C 160 -20.77 -19.19 -0.75
N GLY C 161 -21.86 -18.60 -1.24
CA GLY C 161 -22.89 -18.04 -0.39
C GLY C 161 -22.59 -16.63 0.01
N VAL C 162 -23.51 -15.70 -0.24
CA VAL C 162 -23.24 -14.28 -0.10
C VAL C 162 -24.28 -13.65 0.81
N SER C 163 -23.83 -12.69 1.63
CA SER C 163 -24.70 -11.90 2.49
C SER C 163 -24.22 -10.46 2.44
N GLY C 164 -25.16 -9.52 2.30
CA GLY C 164 -24.81 -8.12 2.19
C GLY C 164 -25.98 -7.18 2.42
N ILE C 165 -25.69 -5.98 2.91
CA ILE C 165 -26.69 -4.96 3.19
C ILE C 165 -26.31 -3.69 2.44
N ALA C 166 -27.28 -3.10 1.74
CA ALA C 166 -27.07 -1.87 1.00
C ALA C 166 -28.05 -0.82 1.47
N THR C 167 -28.00 0.34 0.83
CA THR C 167 -28.89 1.46 1.16
C THR C 167 -30.28 1.16 0.61
N GLY C 168 -31.16 0.64 1.46
CA GLY C 168 -32.50 0.28 1.06
C GLY C 168 -32.65 -1.06 0.38
N TYR C 169 -31.55 -1.79 0.20
CA TYR C 169 -31.55 -3.10 -0.45
C TYR C 169 -30.72 -4.07 0.36
N ALA C 170 -31.16 -5.33 0.37
CA ALA C 170 -30.47 -6.38 1.12
C ALA C 170 -30.43 -7.66 0.30
N THR C 171 -29.34 -8.40 0.45
CA THR C 171 -29.17 -9.71 -0.17
C THR C 171 -28.85 -10.72 0.91
N TYR C 172 -29.28 -11.96 0.69
CA TYR C 172 -28.91 -13.07 1.57
C TYR C 172 -29.12 -14.35 0.78
N ILE C 173 -28.03 -15.09 0.55
CA ILE C 173 -28.04 -16.27 -0.30
C ILE C 173 -27.40 -17.42 0.47
N LEU C 174 -27.99 -18.61 0.36
CA LEU C 174 -27.46 -19.76 1.07
C LEU C 174 -26.43 -20.48 0.20
N PRO C 175 -25.31 -20.93 0.79
CA PRO C 175 -24.26 -21.57 0.00
C PRO C 175 -24.71 -22.93 -0.52
N HIS C 176 -24.88 -23.02 -1.83
CA HIS C 176 -25.30 -24.26 -2.48
C HIS C 176 -24.08 -25.08 -2.86
N SER C 177 -24.25 -26.40 -2.86
CA SER C 177 -23.12 -27.29 -3.07
C SER C 177 -22.58 -27.12 -4.49
N VAL C 178 -21.30 -27.45 -4.66
CA VAL C 178 -20.66 -27.27 -5.96
C VAL C 178 -21.23 -28.23 -6.99
N SER C 179 -21.37 -29.52 -6.62
CA SER C 179 -21.79 -30.52 -7.60
C SER C 179 -23.24 -30.29 -8.03
N SER C 180 -24.11 -29.93 -7.09
CA SER C 180 -25.49 -29.66 -7.46
C SER C 180 -25.60 -28.43 -8.35
N VAL C 181 -24.78 -27.40 -8.08
CA VAL C 181 -24.79 -26.21 -8.93
C VAL C 181 -24.30 -26.55 -10.32
N LYS C 182 -23.26 -27.37 -10.42
CA LYS C 182 -22.76 -27.80 -11.74
C LYS C 182 -23.82 -28.59 -12.49
N LYS C 183 -24.53 -29.49 -11.80
CA LYS C 183 -25.58 -30.26 -12.44
C LYS C 183 -26.72 -29.36 -12.92
N ALA C 184 -27.13 -28.40 -12.07
CA ALA C 184 -28.19 -27.48 -12.46
C ALA C 184 -27.78 -26.64 -13.65
N VAL C 185 -26.54 -26.17 -13.67
CA VAL C 185 -26.07 -25.37 -14.80
C VAL C 185 -26.04 -26.21 -16.07
N LEU C 186 -25.61 -27.46 -15.97
CA LEU C 186 -25.59 -28.31 -17.16
C LEU C 186 -27.01 -28.57 -17.68
N GLN C 187 -27.96 -28.79 -16.77
CA GLN C 187 -29.34 -28.96 -17.18
C GLN C 187 -29.88 -27.70 -17.84
N ALA C 188 -29.50 -26.53 -17.33
CA ALA C 188 -29.88 -25.28 -17.98
C ALA C 188 -29.24 -25.16 -19.36
N LEU C 189 -28.00 -25.61 -19.50
CA LEU C 189 -27.32 -25.56 -20.80
C LEU C 189 -28.02 -26.43 -21.82
N GLN C 190 -28.43 -27.63 -21.44
CA GLN C 190 -29.16 -28.51 -22.35
C GLN C 190 -30.65 -28.20 -22.41
N GLY C 191 -31.12 -27.20 -21.66
CA GLY C 191 -32.50 -26.79 -21.71
C GLY C 191 -33.48 -27.69 -20.99
N LYS C 192 -32.99 -28.63 -20.20
CA LYS C 192 -33.86 -29.56 -19.48
C LYS C 192 -34.41 -28.90 -18.22
N LYS C 193 -35.30 -29.61 -17.54
CA LYS C 193 -35.88 -29.14 -16.28
C LYS C 193 -34.78 -28.98 -15.25
N VAL C 194 -34.67 -27.79 -14.68
CA VAL C 194 -33.55 -27.49 -13.80
C VAL C 194 -33.95 -27.81 -12.37
N THR C 195 -33.14 -28.63 -11.70
CA THR C 195 -33.39 -29.01 -10.32
C THR C 195 -33.11 -27.84 -9.39
N LYS C 196 -33.83 -27.78 -8.27
CA LYS C 196 -33.51 -26.80 -7.25
C LYS C 196 -32.20 -27.20 -6.59
N PRO C 197 -31.18 -26.35 -6.62
CA PRO C 197 -29.87 -26.73 -6.09
C PRO C 197 -29.93 -27.04 -4.60
N LYS C 198 -29.14 -28.04 -4.19
CA LYS C 198 -29.07 -28.43 -2.80
C LYS C 198 -28.11 -27.54 -2.04
N VAL C 199 -28.57 -26.98 -0.93
CA VAL C 199 -27.74 -26.13 -0.11
C VAL C 199 -26.91 -27.00 0.83
N GLU C 200 -25.60 -26.81 0.81
CA GLU C 200 -24.68 -27.59 1.64
C GLU C 200 -23.62 -26.66 2.18
N PHE C 201 -23.73 -26.30 3.46
CA PHE C 201 -22.79 -25.39 4.07
C PHE C 201 -21.41 -26.03 4.18
N PRO C 202 -20.35 -25.25 4.00
CA PRO C 202 -19.00 -25.82 4.08
C PRO C 202 -18.60 -26.14 5.51
N GLU C 203 -17.90 -27.25 5.68
CA GLU C 203 -17.49 -27.76 7.00
C GLU C 203 -18.69 -27.92 7.92
N PHE C 204 -19.77 -28.47 7.37
CA PHE C 204 -21.00 -28.70 8.11
C PHE C 204 -21.31 -30.19 8.07
N ARG C 205 -21.49 -30.79 9.24
CA ARG C 205 -21.84 -32.20 9.35
C ARG C 205 -23.27 -32.42 9.82
N GLY C 206 -24.04 -31.34 9.95
CA GLY C 206 -25.40 -31.42 10.45
C GLY C 206 -26.40 -31.69 9.35
N GLU C 207 -27.64 -31.25 9.59
CA GLU C 207 -28.77 -31.54 8.72
C GLU C 207 -29.37 -30.25 8.20
N VAL C 208 -29.71 -30.23 6.91
CA VAL C 208 -30.40 -29.12 6.28
C VAL C 208 -31.67 -29.64 5.61
N VAL C 209 -32.80 -29.02 5.94
CA VAL C 209 -34.09 -29.39 5.35
C VAL C 209 -34.85 -28.12 5.01
N GLU C 210 -35.54 -28.13 3.87
CA GLU C 210 -36.31 -26.99 3.40
C GLU C 210 -37.78 -27.21 3.75
N ILE C 211 -38.37 -26.24 4.45
CA ILE C 211 -39.75 -26.30 4.91
C ILE C 211 -40.43 -25.00 4.53
N ASP C 212 -41.61 -25.10 3.90
CA ASP C 212 -42.41 -23.96 3.44
C ASP C 212 -41.56 -22.91 2.73
N GLY C 213 -40.53 -23.34 2.00
CA GLY C 213 -39.66 -22.43 1.32
C GLY C 213 -38.56 -21.84 2.17
N GLN C 214 -38.51 -22.17 3.46
CA GLN C 214 -37.45 -21.76 4.35
C GLN C 214 -36.57 -22.96 4.66
N TYR C 215 -35.27 -22.74 4.68
CA TYR C 215 -34.30 -23.81 4.96
C TYR C 215 -34.08 -23.88 6.46
N GLU C 216 -34.43 -25.01 7.06
CA GLU C 216 -34.19 -25.25 8.48
C GLU C 216 -32.85 -25.94 8.63
N ILE C 217 -31.93 -25.30 9.35
CA ILE C 217 -30.60 -25.85 9.58
C ILE C 217 -30.62 -26.49 10.96
N ARG C 218 -30.36 -27.78 11.03
CA ARG C 218 -30.51 -28.54 12.25
C ARG C 218 -29.18 -29.17 12.65
N GLY C 219 -28.82 -29.03 13.93
CA GLY C 219 -27.68 -29.74 14.47
C GLY C 219 -28.01 -31.18 14.80
N THR C 220 -26.97 -31.98 15.01
CA THR C 220 -27.11 -33.40 15.30
C THR C 220 -26.65 -33.68 16.72
N TYR C 221 -27.42 -34.49 17.44
CA TYR C 221 -27.13 -34.81 18.82
C TYR C 221 -27.40 -36.28 19.09
N LYS C 222 -26.58 -36.85 19.97
CA LYS C 222 -26.70 -38.23 20.40
C LYS C 222 -26.60 -38.27 21.92
N PHE C 223 -27.50 -39.03 22.54
CA PHE C 223 -27.51 -39.18 23.99
C PHE C 223 -26.50 -40.24 24.41
N THR C 224 -25.44 -39.81 25.11
CA THR C 224 -24.47 -40.75 25.65
C THR C 224 -24.99 -41.50 26.87
N SER C 225 -25.76 -40.84 27.72
CA SER C 225 -26.33 -41.45 28.90
C SER C 225 -27.64 -40.73 29.20
N ARG C 226 -28.28 -41.10 30.31
CA ARG C 226 -29.59 -40.53 30.63
C ARG C 226 -29.49 -39.04 30.90
N THR C 227 -28.45 -38.61 31.59
CA THR C 227 -28.24 -37.19 31.89
C THR C 227 -27.10 -36.57 31.09
N GLN C 228 -26.46 -37.33 30.21
CA GLN C 228 -25.35 -36.84 29.40
C GLN C 228 -25.65 -37.02 27.92
N MET C 229 -25.50 -35.94 27.16
CA MET C 229 -25.71 -35.94 25.71
C MET C 229 -24.47 -35.36 25.05
N HIS C 230 -24.15 -35.87 23.86
CA HIS C 230 -22.95 -35.46 23.13
C HIS C 230 -23.39 -34.82 21.83
N ILE C 231 -23.47 -33.49 21.82
CA ILE C 231 -23.81 -32.75 20.60
C ILE C 231 -22.69 -32.94 19.60
N THR C 232 -23.05 -33.31 18.37
CA THR C 232 -22.07 -33.61 17.34
C THR C 232 -21.93 -32.49 16.32
N GLU C 233 -22.94 -31.62 16.20
CA GLU C 233 -22.89 -30.51 15.27
C GLU C 233 -23.84 -29.43 15.75
N ILE C 234 -23.58 -28.20 15.33
CA ILE C 234 -24.45 -27.06 15.67
C ILE C 234 -24.68 -26.24 14.42
N PRO C 235 -25.76 -25.43 14.39
CA PRO C 235 -26.04 -24.59 13.23
C PRO C 235 -24.86 -23.77 12.74
N TYR C 236 -24.90 -23.37 11.48
CA TYR C 236 -23.71 -22.83 10.83
C TYR C 236 -23.29 -21.50 11.44
N LYS C 237 -24.25 -20.60 11.67
CA LYS C 237 -23.88 -19.24 12.06
C LYS C 237 -23.29 -19.15 13.46
N TYR C 238 -23.36 -20.21 14.27
CA TYR C 238 -22.69 -20.21 15.55
C TYR C 238 -21.20 -20.50 15.38
N ASP C 239 -20.36 -19.67 16.00
CA ASP C 239 -19.01 -20.07 16.30
C ASP C 239 -18.93 -20.32 17.80
N ARG C 240 -17.83 -20.92 18.25
CA ARG C 240 -17.77 -21.40 19.63
C ARG C 240 -18.02 -20.28 20.64
N GLU C 241 -17.39 -19.12 20.45
CA GLU C 241 -17.54 -18.04 21.41
C GLU C 241 -18.97 -17.55 21.53
N THR C 242 -19.59 -17.17 20.39
CA THR C 242 -20.95 -16.62 20.45
C THR C 242 -21.96 -17.69 20.83
N TYR C 243 -21.80 -18.91 20.32
CA TYR C 243 -22.65 -20.02 20.74
C TYR C 243 -22.64 -20.16 22.25
N VAL C 244 -21.45 -20.25 22.84
CA VAL C 244 -21.36 -20.43 24.28
C VAL C 244 -22.00 -19.25 25.00
N SER C 245 -21.58 -18.03 24.66
CA SER C 245 -22.01 -16.85 25.41
C SER C 245 -23.51 -16.59 25.24
N LYS C 246 -24.11 -17.07 24.15
CA LYS C 246 -25.50 -16.76 23.87
C LYS C 246 -26.45 -17.88 24.25
N ILE C 247 -25.96 -19.11 24.43
CA ILE C 247 -26.80 -20.23 24.80
C ILE C 247 -26.30 -20.93 26.07
N LEU C 248 -25.04 -21.38 26.06
CA LEU C 248 -24.58 -22.25 27.14
C LEU C 248 -24.38 -21.47 28.43
N ASP C 249 -23.70 -20.32 28.36
CA ASP C 249 -23.44 -19.54 29.56
C ASP C 249 -24.70 -19.01 30.22
N PRO C 250 -25.64 -18.36 29.53
CA PRO C 250 -26.80 -17.81 30.26
C PRO C 250 -27.60 -18.89 30.94
N LEU C 251 -27.79 -20.03 30.28
CA LEU C 251 -28.61 -21.08 30.86
C LEU C 251 -27.82 -21.90 31.87
N GLU C 252 -26.49 -21.91 31.74
CA GLU C 252 -25.67 -22.48 32.81
C GLU C 252 -25.79 -21.64 34.07
N ASN C 253 -25.77 -20.32 33.91
CA ASN C 253 -26.05 -19.43 35.03
C ASN C 253 -27.47 -19.65 35.53
N LYS C 254 -28.38 -20.07 34.64
CA LYS C 254 -29.73 -20.43 35.02
C LYS C 254 -29.79 -21.81 35.66
N GLY C 255 -28.78 -22.65 35.45
CA GLY C 255 -28.55 -23.81 36.29
C GLY C 255 -29.23 -25.11 35.89
N PHE C 256 -29.26 -25.46 34.61
CA PHE C 256 -29.91 -26.71 34.23
C PHE C 256 -28.91 -27.76 33.78
N ILE C 257 -27.71 -27.34 33.36
CA ILE C 257 -26.69 -28.27 32.91
C ILE C 257 -25.31 -27.81 33.40
N THR C 258 -24.34 -28.72 33.27
CA THR C 258 -22.91 -28.43 33.45
C THR C 258 -22.21 -28.95 32.20
N TRP C 259 -22.16 -28.11 31.17
CA TRP C 259 -21.56 -28.50 29.91
C TRP C 259 -20.04 -28.48 30.02
N ASP C 260 -19.39 -29.07 29.02
CA ASP C 260 -17.93 -29.04 28.93
C ASP C 260 -17.49 -28.94 27.47
N ASP C 261 -16.26 -28.49 27.27
CA ASP C 261 -15.73 -28.30 25.93
C ASP C 261 -15.28 -29.64 25.35
N ALA C 262 -15.70 -29.92 24.12
CA ALA C 262 -15.27 -31.12 23.41
C ALA C 262 -14.97 -30.82 21.94
N CYS C 263 -14.86 -29.54 21.59
CA CYS C 263 -14.53 -29.17 20.22
C CYS C 263 -13.15 -29.69 19.85
N GLY C 264 -13.04 -30.26 18.67
CA GLY C 264 -11.77 -30.82 18.24
C GLY C 264 -11.45 -30.46 16.80
N GLU C 265 -10.56 -31.23 16.18
CA GLU C 265 -10.28 -31.03 14.76
C GLU C 265 -11.49 -31.41 13.90
N HIS C 266 -12.41 -32.19 14.46
CA HIS C 266 -13.61 -32.64 13.73
C HIS C 266 -14.76 -31.64 13.93
N GLY C 267 -14.46 -30.38 13.68
CA GLY C 267 -15.50 -29.37 13.80
C GLY C 267 -15.94 -29.17 15.23
N PHE C 268 -17.24 -29.03 15.43
CA PHE C 268 -17.79 -28.70 16.73
C PHE C 268 -18.09 -29.96 17.53
N GLY C 269 -18.55 -29.76 18.77
CA GLY C 269 -18.95 -30.86 19.63
C GLY C 269 -18.95 -30.46 21.08
N PHE C 270 -20.00 -30.84 21.82
CA PHE C 270 -20.13 -30.43 23.22
C PHE C 270 -20.77 -31.57 23.99
N LYS C 271 -20.09 -32.07 25.01
CA LYS C 271 -20.66 -33.07 25.89
C LYS C 271 -21.38 -32.36 27.03
N VAL C 272 -22.66 -32.68 27.23
CA VAL C 272 -23.51 -31.98 28.17
C VAL C 272 -23.88 -32.94 29.30
N LYS C 273 -23.96 -32.42 30.51
CA LYS C 273 -24.46 -33.16 31.67
C LYS C 273 -25.70 -32.47 32.20
N PHE C 274 -26.81 -33.20 32.28
CA PHE C 274 -28.09 -32.65 32.70
C PHE C 274 -28.18 -32.66 34.23
N ARG C 275 -28.59 -31.54 34.81
CA ARG C 275 -28.84 -31.47 36.24
C ARG C 275 -30.28 -31.87 36.55
N LYS C 276 -30.58 -31.98 37.84
CA LYS C 276 -31.93 -32.34 38.28
C LYS C 276 -32.92 -31.22 38.02
N GLU C 277 -32.45 -29.97 37.98
CA GLU C 277 -33.35 -28.85 37.73
C GLU C 277 -33.99 -28.94 36.36
N TYR C 278 -33.20 -29.32 35.35
CA TYR C 278 -33.73 -29.45 34.01
C TYR C 278 -34.72 -30.60 33.92
N SER C 279 -35.81 -30.37 33.20
CA SER C 279 -36.90 -31.34 33.08
C SER C 279 -36.88 -31.97 31.71
N LEU C 280 -36.82 -33.30 31.66
CA LEU C 280 -36.83 -34.05 30.42
C LEU C 280 -38.07 -34.95 30.41
N SER C 281 -38.95 -34.72 29.43
CA SER C 281 -40.11 -35.58 29.27
C SER C 281 -39.70 -36.92 28.67
N ASP C 282 -40.50 -37.95 28.97
CA ASP C 282 -40.18 -39.29 28.48
C ASP C 282 -40.45 -39.45 26.99
N ASN C 283 -41.27 -38.58 26.40
CA ASN C 283 -41.57 -38.67 24.99
C ASN C 283 -40.33 -38.33 24.15
N GLU C 284 -39.99 -39.22 23.21
CA GLU C 284 -38.83 -38.98 22.37
C GLU C 284 -39.02 -37.74 21.51
N GLU C 285 -40.19 -37.57 20.91
CA GLU C 285 -40.42 -36.42 20.04
C GLU C 285 -40.44 -35.12 20.83
N GLU C 286 -41.13 -35.12 21.98
CA GLU C 286 -41.18 -33.91 22.79
C GLU C 286 -39.81 -33.55 23.34
N ARG C 287 -39.05 -34.56 23.78
CA ARG C 287 -37.69 -34.31 24.25
C ARG C 287 -36.82 -33.76 23.12
N HIS C 288 -36.96 -34.33 21.92
CA HIS C 288 -36.21 -33.84 20.76
C HIS C 288 -36.56 -32.38 20.47
N ALA C 289 -37.85 -32.05 20.50
CA ALA C 289 -38.27 -30.68 20.22
C ALA C 289 -37.74 -29.71 21.27
N LYS C 290 -37.84 -30.06 22.55
CA LYS C 290 -37.37 -29.15 23.58
C LYS C 290 -35.85 -28.99 23.52
N ILE C 291 -35.13 -30.07 23.21
CA ILE C 291 -33.67 -29.97 23.09
C ILE C 291 -33.30 -29.04 21.95
N MET C 292 -33.89 -29.26 20.77
CA MET C 292 -33.56 -28.39 19.65
C MET C 292 -34.14 -27.00 19.78
N LYS C 293 -35.02 -26.76 20.76
CA LYS C 293 -35.51 -25.41 20.99
C LYS C 293 -34.62 -24.64 21.95
N ASP C 294 -34.40 -25.16 23.16
CA ASP C 294 -33.61 -24.42 24.14
C ASP C 294 -32.14 -24.37 23.75
N PHE C 295 -31.57 -25.51 23.35
CA PHE C 295 -30.16 -25.56 23.01
C PHE C 295 -29.87 -24.97 21.63
N GLY C 296 -30.90 -24.57 20.89
CA GLY C 296 -30.73 -23.80 19.68
C GLY C 296 -30.04 -24.53 18.55
N LEU C 297 -30.27 -25.83 18.43
CA LEU C 297 -29.74 -26.56 17.28
C LEU C 297 -30.56 -26.35 16.02
N ILE C 298 -31.68 -25.65 16.11
CA ILE C 298 -32.53 -25.34 14.96
C ILE C 298 -32.40 -23.86 14.66
N GLU C 299 -32.49 -23.50 13.38
CA GLU C 299 -32.41 -22.12 12.95
C GLU C 299 -33.02 -22.01 11.56
N ARG C 300 -33.68 -20.88 11.30
CA ARG C 300 -34.36 -20.66 10.03
C ARG C 300 -33.68 -19.50 9.30
N ARG C 301 -33.35 -19.73 8.03
CA ARG C 301 -32.77 -18.70 7.18
C ARG C 301 -33.59 -18.57 5.91
N SER C 302 -33.83 -17.33 5.48
CA SER C 302 -34.61 -17.05 4.29
C SER C 302 -33.73 -16.36 3.26
N GLN C 303 -33.78 -16.84 2.02
CA GLN C 303 -33.03 -16.22 0.95
C GLN C 303 -33.76 -15.00 0.41
N ASN C 304 -33.03 -13.89 0.27
CA ASN C 304 -33.48 -12.69 -0.42
C ASN C 304 -32.47 -12.45 -1.52
N ILE C 305 -32.71 -13.05 -2.68
CA ILE C 305 -31.74 -13.06 -3.77
C ILE C 305 -31.85 -11.77 -4.56
N THR C 306 -31.03 -10.78 -4.21
CA THR C 306 -30.86 -9.57 -5.00
C THR C 306 -29.47 -9.62 -5.59
N VAL C 307 -29.37 -9.53 -6.91
CA VAL C 307 -28.10 -9.62 -7.62
C VAL C 307 -28.04 -8.53 -8.68
N ILE C 308 -26.84 -8.30 -9.17
CA ILE C 308 -26.59 -7.28 -10.19
C ILE C 308 -26.35 -7.99 -11.52
N ASN C 309 -27.21 -7.70 -12.51
CA ASN C 309 -27.20 -8.43 -13.77
C ASN C 309 -26.04 -7.92 -14.64
N GLU C 310 -25.94 -8.44 -15.86
CA GLU C 310 -24.92 -8.00 -16.81
C GLU C 310 -25.08 -6.56 -17.22
N LYS C 311 -26.27 -5.98 -17.06
CA LYS C 311 -26.52 -4.58 -17.37
C LYS C 311 -26.27 -3.67 -16.18
N GLY C 312 -25.72 -4.19 -15.09
CA GLY C 312 -25.42 -3.37 -13.94
C GLY C 312 -26.62 -2.88 -13.18
N LYS C 313 -27.81 -3.38 -13.50
CA LYS C 313 -29.05 -2.97 -12.87
C LYS C 313 -29.40 -3.94 -11.77
N LEU C 314 -29.84 -3.40 -10.63
CA LEU C 314 -30.15 -4.23 -9.47
C LEU C 314 -31.41 -5.04 -9.71
N GLN C 315 -31.33 -6.34 -9.45
CA GLN C 315 -32.41 -7.27 -9.75
C GLN C 315 -32.72 -8.14 -8.54
N VAL C 316 -33.95 -8.63 -8.46
CA VAL C 316 -34.39 -9.53 -7.42
C VAL C 316 -34.94 -10.79 -8.07
N TYR C 317 -34.74 -11.93 -7.43
CA TYR C 317 -35.19 -13.21 -7.96
C TYR C 317 -36.04 -13.95 -6.95
N ASP C 318 -37.11 -14.57 -7.44
CA ASP C 318 -37.98 -15.37 -6.57
C ASP C 318 -37.25 -16.62 -6.10
N ASN C 319 -36.53 -17.29 -7.01
CA ASN C 319 -35.90 -18.56 -6.70
C ASN C 319 -34.60 -18.69 -7.48
N VAL C 320 -33.72 -19.57 -6.97
CA VAL C 320 -32.38 -19.71 -7.53
C VAL C 320 -32.39 -20.27 -8.95
N VAL C 321 -33.42 -21.05 -9.30
CA VAL C 321 -33.41 -21.68 -10.62
C VAL C 321 -33.50 -20.62 -11.71
N ASP C 322 -34.25 -19.55 -11.45
CA ASP C 322 -34.29 -18.43 -12.39
C ASP C 322 -32.92 -17.75 -12.48
N LEU C 323 -32.22 -17.63 -11.35
CA LEU C 323 -30.88 -17.06 -11.38
C LEU C 323 -29.96 -17.88 -12.27
N ILE C 324 -30.04 -19.21 -12.16
CA ILE C 324 -29.20 -20.07 -12.98
C ILE C 324 -29.60 -19.96 -14.46
N LYS C 325 -30.90 -19.88 -14.73
CA LYS C 325 -31.36 -19.79 -16.11
C LYS C 325 -30.92 -18.49 -16.76
N ASP C 326 -30.90 -17.40 -16.00
CA ASP C 326 -30.38 -16.16 -16.55
C ASP C 326 -28.86 -16.18 -16.68
N PHE C 327 -28.16 -16.78 -15.71
CA PHE C 327 -26.71 -16.83 -15.74
C PHE C 327 -26.22 -17.60 -16.96
N VAL C 328 -26.85 -18.73 -17.27
CA VAL C 328 -26.40 -19.50 -18.43
C VAL C 328 -26.65 -18.73 -19.71
N GLU C 329 -27.77 -18.00 -19.80
CA GLU C 329 -28.05 -17.20 -20.99
C GLU C 329 -27.01 -16.10 -21.15
N VAL C 330 -26.63 -15.43 -20.06
CA VAL C 330 -25.61 -14.39 -20.15
C VAL C 330 -24.26 -14.98 -20.52
N ARG C 331 -23.87 -16.10 -19.90
CA ARG C 331 -22.58 -16.71 -20.13
C ARG C 331 -22.46 -17.31 -21.53
N LYS C 332 -23.57 -17.70 -22.13
CA LYS C 332 -23.52 -18.27 -23.48
C LYS C 332 -22.99 -17.25 -24.48
N THR C 333 -23.36 -15.99 -24.33
CA THR C 333 -22.86 -14.94 -25.21
C THR C 333 -21.34 -14.79 -25.11
N TYR C 334 -20.79 -14.83 -23.90
CA TYR C 334 -19.35 -14.68 -23.74
C TYR C 334 -18.61 -15.92 -24.24
N VAL C 335 -19.18 -17.10 -24.08
CA VAL C 335 -18.59 -18.28 -24.69
C VAL C 335 -18.60 -18.14 -26.21
N GLN C 336 -19.67 -17.55 -26.77
CA GLN C 336 -19.70 -17.29 -28.21
C GLN C 336 -18.63 -16.29 -28.64
N LYS C 337 -18.39 -15.26 -27.83
CA LYS C 337 -17.31 -14.33 -28.12
C LYS C 337 -15.98 -15.06 -28.14
N ARG C 338 -15.76 -15.95 -27.17
CA ARG C 338 -14.57 -16.80 -27.18
C ARG C 338 -14.51 -17.62 -28.46
N ILE C 339 -15.64 -18.18 -28.89
CA ILE C 339 -15.67 -19.00 -30.10
C ILE C 339 -15.19 -18.19 -31.29
N ASP C 340 -15.78 -17.00 -31.47
CA ASP C 340 -15.46 -16.19 -32.65
C ASP C 340 -14.01 -15.73 -32.65
N ASN C 341 -13.55 -15.20 -31.51
CA ASN C 341 -12.18 -14.72 -31.46
C ASN C 341 -11.19 -15.88 -31.64
N LYS C 342 -11.58 -17.07 -31.16
CA LYS C 342 -10.77 -18.25 -31.39
C LYS C 342 -10.73 -18.62 -32.87
N ILE C 343 -11.85 -18.49 -33.58
CA ILE C 343 -11.82 -18.72 -35.03
C ILE C 343 -10.80 -17.81 -35.69
N LYS C 344 -10.86 -16.52 -35.36
CA LYS C 344 -9.94 -15.57 -35.98
C LYS C 344 -8.49 -15.89 -35.66
N GLU C 345 -8.20 -16.13 -34.38
CA GLU C 345 -6.83 -16.42 -33.97
C GLU C 345 -6.32 -17.70 -34.61
N THR C 346 -7.16 -18.74 -34.64
CA THR C 346 -6.75 -20.00 -35.25
C THR C 346 -6.48 -19.83 -36.73
N GLU C 347 -7.32 -19.05 -37.43
CA GLU C 347 -7.10 -18.83 -38.86
C GLU C 347 -5.79 -18.12 -39.11
N SER C 348 -5.53 -17.04 -38.36
CA SER C 348 -4.27 -16.31 -38.54
C SER C 348 -3.06 -17.18 -38.21
N ALA C 349 -3.15 -17.96 -37.12
CA ALA C 349 -2.04 -18.82 -36.74
C ALA C 349 -1.81 -19.91 -37.79
N PHE C 350 -2.89 -20.46 -38.35
CA PHE C 350 -2.73 -21.46 -39.39
C PHE C 350 -2.03 -20.88 -40.62
N ARG C 351 -2.45 -19.69 -41.04
CA ARG C 351 -1.80 -19.08 -42.21
C ARG C 351 -0.32 -18.81 -41.92
N LEU C 352 -0.02 -18.27 -40.73
CA LEU C 352 1.37 -17.96 -40.40
C LEU C 352 2.22 -19.23 -40.34
N ALA C 353 1.71 -20.28 -39.69
CA ALA C 353 2.47 -21.52 -39.58
C ALA C 353 2.63 -22.18 -40.94
N PHE C 354 1.61 -22.11 -41.79
CA PHE C 354 1.72 -22.69 -43.13
C PHE C 354 2.79 -21.98 -43.94
N ALA C 355 2.81 -20.64 -43.88
CA ALA C 355 3.85 -19.90 -44.59
C ALA C 355 5.24 -20.21 -44.04
N LYS C 356 5.36 -20.30 -42.71
CA LYS C 356 6.64 -20.60 -42.10
C LYS C 356 7.14 -21.98 -42.51
N ALA C 357 6.23 -22.96 -42.55
CA ALA C 357 6.62 -24.30 -43.00
C ALA C 357 6.99 -24.30 -44.48
N HIS C 358 6.28 -23.55 -45.31
CA HIS C 358 6.59 -23.50 -46.74
C HIS C 358 7.92 -22.82 -47.02
N PHE C 359 8.35 -21.90 -46.16
CA PHE C 359 9.70 -21.35 -46.28
C PHE C 359 10.74 -22.46 -46.28
N ILE C 360 10.59 -23.43 -45.37
CA ILE C 360 11.54 -24.54 -45.27
C ILE C 360 11.50 -25.38 -46.54
N LYS C 361 10.29 -25.68 -47.02
CA LYS C 361 10.15 -26.51 -48.21
C LYS C 361 10.78 -25.84 -49.43
N LYS C 362 10.70 -24.52 -49.52
CA LYS C 362 11.37 -23.82 -50.62
C LYS C 362 12.88 -23.78 -50.41
N VAL C 363 13.32 -23.55 -49.17
CA VAL C 363 14.74 -23.34 -48.91
C VAL C 363 15.53 -24.62 -49.14
N ILE C 364 15.02 -25.75 -48.66
CA ILE C 364 15.84 -26.95 -48.57
C ILE C 364 16.25 -27.45 -49.95
N SER C 365 15.33 -27.48 -50.91
CA SER C 365 15.64 -28.18 -52.15
C SER C 365 16.41 -27.29 -53.13
N GLY C 366 15.74 -26.30 -53.74
CA GLY C 366 16.43 -25.43 -54.66
C GLY C 366 15.90 -24.03 -54.85
N GLU C 367 14.89 -23.63 -54.09
CA GLU C 367 14.09 -22.48 -54.49
C GLU C 367 14.60 -21.16 -53.93
N ILE C 368 14.64 -21.03 -52.61
CA ILE C 368 15.02 -19.78 -51.96
C ILE C 368 16.50 -19.86 -51.59
N VAL C 369 17.27 -18.89 -52.06
CA VAL C 369 18.72 -18.86 -51.79
C VAL C 369 18.97 -17.65 -50.89
N VAL C 370 19.07 -17.93 -49.59
CA VAL C 370 19.49 -16.91 -48.63
C VAL C 370 21.02 -16.84 -48.58
N GLN C 371 21.70 -17.80 -49.21
CA GLN C 371 23.15 -17.93 -49.15
C GLN C 371 23.79 -16.82 -49.98
N GLY C 372 23.82 -15.63 -49.41
CA GLY C 372 24.42 -14.48 -50.07
C GLY C 372 23.41 -13.56 -50.72
N LYS C 373 23.08 -12.47 -50.04
CA LYS C 373 22.11 -11.49 -50.52
C LYS C 373 22.14 -10.29 -49.59
N THR C 374 21.30 -9.31 -49.89
CA THR C 374 21.05 -8.17 -49.01
C THR C 374 19.71 -8.38 -48.32
N ARG C 375 19.63 -7.98 -47.05
CA ARG C 375 18.45 -8.27 -46.26
C ARG C 375 17.19 -7.68 -46.89
N LYS C 376 17.21 -6.40 -47.23
CA LYS C 376 16.06 -5.78 -47.88
C LYS C 376 15.82 -6.40 -49.25
N GLU C 377 16.88 -6.78 -49.96
CA GLU C 377 16.71 -7.48 -51.22
C GLU C 377 15.96 -8.78 -51.03
N LEU C 378 16.31 -9.55 -49.99
CA LEU C 378 15.61 -10.80 -49.73
C LEU C 378 14.16 -10.57 -49.36
N THR C 379 13.89 -9.56 -48.51
CA THR C 379 12.51 -9.30 -48.12
C THR C 379 11.67 -8.92 -49.34
N GLU C 380 12.21 -8.07 -50.22
CA GLU C 380 11.47 -7.72 -51.43
C GLU C 380 11.31 -8.92 -52.36
N GLU C 381 12.35 -9.73 -52.49
CA GLU C 381 12.33 -10.88 -53.40
C GLU C 381 11.34 -11.95 -52.96
N LEU C 382 11.09 -12.09 -51.66
CA LEU C 382 10.09 -13.04 -51.20
C LEU C 382 8.73 -12.41 -50.92
N SER C 383 8.63 -11.08 -50.85
CA SER C 383 7.35 -10.45 -50.58
C SER C 383 6.45 -10.38 -51.81
N LYS C 384 7.00 -10.64 -53.00
CA LYS C 384 6.16 -10.65 -54.20
C LYS C 384 5.15 -11.78 -54.15
N ILE C 385 5.53 -12.92 -53.56
CA ILE C 385 4.59 -14.02 -53.41
C ILE C 385 3.51 -13.62 -52.41
N ASP C 386 2.25 -13.85 -52.80
CA ASP C 386 1.14 -13.41 -51.96
C ASP C 386 1.13 -14.10 -50.61
N MET C 387 1.41 -15.41 -50.59
CA MET C 387 1.35 -16.16 -49.33
C MET C 387 2.50 -15.78 -48.40
N TYR C 388 3.60 -15.27 -48.96
CA TYR C 388 4.75 -14.87 -48.15
C TYR C 388 4.66 -13.44 -47.65
N SER C 389 3.94 -12.57 -48.37
CA SER C 389 4.02 -11.14 -48.11
C SER C 389 3.45 -10.77 -46.74
N SER C 390 2.38 -11.44 -46.32
CA SER C 390 1.63 -10.98 -45.16
C SER C 390 2.45 -11.03 -43.87
N TYR C 391 3.27 -12.06 -43.71
CA TYR C 391 3.97 -12.30 -42.44
C TYR C 391 5.48 -12.31 -42.65
N VAL C 392 5.99 -11.44 -43.52
CA VAL C 392 7.40 -11.51 -43.92
C VAL C 392 8.33 -11.23 -42.74
N ASP C 393 7.95 -10.28 -41.89
CA ASP C 393 8.83 -9.89 -40.78
C ASP C 393 9.07 -11.05 -39.83
N LYS C 394 7.99 -11.76 -39.44
CA LYS C 394 8.17 -12.96 -38.64
C LYS C 394 8.78 -14.09 -39.47
N LEU C 395 8.46 -14.13 -40.75
CA LEU C 395 8.85 -15.26 -41.59
C LEU C 395 10.36 -15.32 -41.73
N VAL C 396 11.02 -14.16 -41.81
CA VAL C 396 12.47 -14.12 -42.01
C VAL C 396 13.20 -14.10 -40.67
N GLY C 397 12.70 -13.34 -39.70
CA GLY C 397 13.36 -13.28 -38.41
C GLY C 397 13.17 -14.56 -37.64
N MET C 398 13.78 -15.63 -38.14
CA MET C 398 13.48 -16.99 -37.72
C MET C 398 14.79 -17.75 -37.57
N ASN C 399 14.83 -18.66 -36.59
CA ASN C 399 16.11 -19.16 -36.09
C ASN C 399 16.77 -20.13 -37.05
N ILE C 400 18.05 -20.40 -36.80
CA ILE C 400 18.86 -21.20 -37.71
C ILE C 400 18.48 -22.66 -37.65
N PHE C 401 18.28 -23.21 -36.44
CA PHE C 401 18.06 -24.65 -36.34
C PHE C 401 16.78 -25.10 -37.04
N HIS C 402 16.05 -24.19 -37.67
CA HIS C 402 14.77 -24.54 -38.27
C HIS C 402 14.92 -25.24 -39.61
N MET C 403 16.08 -25.20 -40.27
CA MET C 403 16.24 -25.89 -41.54
C MET C 403 16.58 -27.36 -41.39
N THR C 404 16.85 -27.83 -40.17
CA THR C 404 17.09 -29.25 -39.96
C THR C 404 15.83 -30.04 -40.27
N SER C 405 16.03 -31.31 -40.64
CA SER C 405 14.91 -32.14 -41.09
C SER C 405 13.87 -32.30 -39.99
N ASP C 406 14.31 -32.56 -38.76
CA ASP C 406 13.35 -32.79 -37.67
C ASP C 406 12.48 -31.56 -37.44
N GLU C 407 13.07 -30.37 -37.43
CA GLU C 407 12.27 -29.15 -37.29
C GLU C 407 11.41 -28.90 -38.52
N ALA C 408 11.84 -29.35 -39.70
CA ALA C 408 10.97 -29.26 -40.87
C ALA C 408 9.70 -30.06 -40.68
N LYS C 409 9.83 -31.33 -40.27
CA LYS C 409 8.63 -32.13 -40.00
C LYS C 409 7.84 -31.56 -38.84
N LYS C 410 8.53 -31.00 -37.83
CA LYS C 410 7.81 -30.41 -36.70
C LYS C 410 6.96 -29.24 -37.14
N LEU C 411 7.50 -28.36 -37.98
CA LEU C 411 6.73 -27.21 -38.46
C LEU C 411 5.58 -27.66 -39.35
N ALA C 412 5.82 -28.65 -40.21
CA ALA C 412 4.74 -29.17 -41.05
C ALA C 412 3.61 -29.73 -40.19
N GLU C 413 3.95 -30.55 -39.20
CA GLU C 413 2.93 -31.15 -38.34
C GLU C 413 2.22 -30.09 -37.51
N GLU C 414 2.94 -29.05 -37.09
CA GLU C 414 2.31 -27.98 -36.34
C GLU C 414 1.30 -27.23 -37.21
N ALA C 415 1.64 -27.00 -38.48
CA ALA C 415 0.69 -26.36 -39.38
C ALA C 415 -0.55 -27.21 -39.58
N LYS C 416 -0.37 -28.53 -39.78
CA LYS C 416 -1.52 -29.41 -39.91
C LYS C 416 -2.36 -29.42 -38.63
N ALA C 417 -1.69 -29.40 -37.47
CA ALA C 417 -2.41 -29.39 -36.19
C ALA C 417 -3.21 -28.11 -36.03
N LYS C 418 -2.65 -26.97 -36.43
CA LYS C 418 -3.39 -25.72 -36.36
C LYS C 418 -4.59 -25.75 -37.30
N LYS C 419 -4.44 -26.36 -38.48
CA LYS C 419 -5.59 -26.49 -39.38
C LYS C 419 -6.68 -27.36 -38.75
N GLU C 420 -6.32 -28.48 -38.12
CA GLU C 420 -7.35 -29.28 -37.47
C GLU C 420 -8.01 -28.52 -36.33
N GLU C 421 -7.22 -27.77 -35.55
CA GLU C 421 -7.82 -26.96 -34.51
C GLU C 421 -8.78 -25.92 -35.08
N ASN C 422 -8.42 -25.35 -36.23
CA ASN C 422 -9.29 -24.37 -36.87
C ASN C 422 -10.61 -24.99 -37.30
N GLU C 423 -10.57 -26.16 -37.94
CA GLU C 423 -11.84 -26.70 -38.43
C GLU C 423 -12.64 -27.27 -37.27
N TYR C 424 -11.96 -27.59 -36.17
CA TYR C 424 -12.67 -27.97 -34.95
C TYR C 424 -13.41 -26.78 -34.37
N TRP C 425 -12.75 -25.64 -34.26
CA TRP C 425 -13.42 -24.45 -33.74
C TRP C 425 -14.53 -23.98 -34.66
N LYS C 426 -14.37 -24.20 -35.98
CA LYS C 426 -15.40 -23.80 -36.93
C LYS C 426 -16.61 -24.71 -36.82
N THR C 427 -16.41 -25.96 -36.38
CA THR C 427 -17.48 -26.95 -36.27
C THR C 427 -17.89 -27.19 -34.83
N THR C 428 -17.79 -26.17 -33.97
CA THR C 428 -18.26 -26.27 -32.60
C THR C 428 -19.16 -25.09 -32.30
N ASP C 429 -20.03 -25.27 -31.31
CA ASP C 429 -20.97 -24.23 -30.89
C ASP C 429 -20.84 -24.02 -29.38
N VAL C 430 -21.70 -23.17 -28.84
CA VAL C 430 -21.64 -22.83 -27.43
C VAL C 430 -21.89 -24.06 -26.57
N VAL C 431 -22.83 -24.90 -26.96
CA VAL C 431 -23.24 -26.02 -26.12
C VAL C 431 -22.07 -26.98 -25.89
N THR C 432 -21.39 -27.38 -26.96
CA THR C 432 -20.31 -28.33 -26.82
C THR C 432 -19.13 -27.74 -26.05
N GLU C 433 -18.73 -26.51 -26.40
CA GLU C 433 -17.59 -25.88 -25.75
C GLU C 433 -17.85 -25.48 -24.31
N TYR C 434 -19.11 -25.34 -23.92
CA TYR C 434 -19.43 -25.09 -22.53
C TYR C 434 -19.60 -26.38 -21.74
N THR C 435 -20.15 -27.43 -22.34
CA THR C 435 -20.22 -28.72 -21.66
C THR C 435 -18.82 -29.32 -21.46
N LYS C 436 -17.92 -29.13 -22.42
CA LYS C 436 -16.56 -29.66 -22.27
C LYS C 436 -15.82 -28.93 -21.15
N ASP C 437 -15.96 -27.61 -21.08
CA ASP C 437 -15.32 -26.86 -20.00
C ASP C 437 -16.06 -27.07 -18.68
N LEU C 438 -17.29 -27.53 -18.73
CA LEU C 438 -18.04 -27.91 -17.53
C LEU C 438 -17.80 -29.37 -17.20
N GLU C 439 -16.53 -29.77 -17.18
CA GLU C 439 -16.16 -31.13 -16.80
C GLU C 439 -14.83 -31.16 -16.06
N GLU C 440 -14.15 -30.02 -15.92
CA GLU C 440 -12.92 -29.94 -15.15
C GLU C 440 -13.13 -29.49 -13.72
N ILE C 441 -14.30 -29.01 -13.38
CA ILE C 441 -14.56 -28.57 -12.01
C ILE C 441 -14.65 -29.79 -11.11
N LYS C 442 -13.93 -29.74 -9.99
CA LYS C 442 -13.96 -30.79 -8.99
C LYS C 442 -13.75 -30.21 -7.59
N ALA D 392 -8.99 41.50 13.38
CA ALA D 392 -7.56 41.35 13.58
C ALA D 392 -6.90 40.73 12.35
N LYS D 393 -5.57 40.73 12.33
CA LYS D 393 -4.83 40.17 11.22
C LYS D 393 -4.99 38.65 11.18
N VAL D 394 -5.06 38.10 9.97
CA VAL D 394 -5.16 36.66 9.76
C VAL D 394 -3.86 36.18 9.17
N HIS D 395 -3.28 35.13 9.76
CA HIS D 395 -1.98 34.63 9.33
C HIS D 395 -2.04 34.12 7.88
N LYS D 396 -3.01 33.26 7.58
CA LYS D 396 -3.15 32.65 6.26
C LYS D 396 -4.06 33.49 5.37
N HIS D 397 -3.63 34.72 5.11
CA HIS D 397 -4.39 35.74 4.39
C HIS D 397 -3.55 36.35 3.29
N ILE D 398 -3.01 35.53 2.40
CA ILE D 398 -2.38 36.08 1.20
C ILE D 398 -3.38 37.02 0.57
N LYS D 399 -3.02 38.30 0.52
CA LYS D 399 -3.98 39.38 0.34
C LYS D 399 -3.60 40.24 -0.86
N ALA D 400 -4.57 40.48 -1.74
CA ALA D 400 -4.36 41.31 -2.90
C ALA D 400 -4.16 42.77 -2.49
N ASN D 401 -3.31 43.48 -3.24
CA ASN D 401 -2.99 44.85 -2.90
C ASN D 401 -4.22 45.76 -2.96
N LEU D 402 -5.06 45.57 -3.97
CA LEU D 402 -6.27 46.37 -4.11
C LEU D 402 -7.43 45.76 -3.32
N CYS D 403 -7.22 45.53 -2.03
CA CYS D 403 -8.25 45.00 -1.16
C CYS D 403 -8.88 46.16 -0.40
N GLY D 404 -10.19 46.35 -0.59
CA GLY D 404 -10.89 47.46 0.04
C GLY D 404 -10.47 48.82 -0.46
N LYS D 405 -10.30 48.97 -1.77
CA LYS D 405 -9.90 50.25 -2.36
C LYS D 405 -10.81 50.59 -3.53
N ASP D 406 -12.08 50.21 -3.43
CA ASP D 406 -13.10 50.52 -4.45
C ASP D 406 -12.70 49.99 -5.82
N ALA D 407 -12.11 48.80 -5.84
CA ALA D 407 -11.73 48.12 -7.08
C ALA D 407 -12.03 46.64 -6.95
N ASP D 408 -12.23 45.99 -8.08
CA ASP D 408 -12.62 44.58 -8.07
C ASP D 408 -11.48 43.69 -7.58
N THR D 409 -11.85 42.70 -6.79
CA THR D 409 -10.94 41.65 -6.36
C THR D 409 -11.57 40.31 -6.67
N THR D 410 -10.78 39.25 -6.52
CA THR D 410 -11.25 37.90 -6.82
C THR D 410 -10.79 36.92 -5.75
N LEU D 411 -11.04 37.26 -4.48
CA LEU D 411 -10.63 36.43 -3.36
C LEU D 411 -10.93 34.95 -3.61
N PHE D 412 -9.88 34.14 -3.62
CA PHE D 412 -9.99 32.71 -3.86
C PHE D 412 -9.98 31.95 -2.55
N LEU D 413 -10.93 31.04 -2.39
CA LEU D 413 -10.99 30.16 -1.23
C LEU D 413 -10.51 28.78 -1.69
N THR D 414 -9.20 28.60 -1.68
CA THR D 414 -8.59 27.37 -2.14
C THR D 414 -8.40 26.40 -0.98
N GLU D 415 -8.82 25.16 -1.20
CA GLU D 415 -8.75 24.16 -0.13
C GLU D 415 -7.29 23.81 0.14
N GLY D 416 -6.95 23.65 1.41
CA GLY D 416 -5.61 23.23 1.76
C GLY D 416 -4.58 24.32 1.60
N ASP D 417 -3.63 24.39 2.54
CA ASP D 417 -2.56 25.37 2.44
C ASP D 417 -1.53 24.98 1.38
N SER D 418 -1.62 23.77 0.85
CA SER D 418 -0.63 23.32 -0.12
C SER D 418 -0.93 23.86 -1.51
N ALA D 419 -2.17 23.67 -1.98
CA ALA D 419 -2.52 24.02 -3.36
C ALA D 419 -2.58 25.53 -3.58
N ILE D 420 -2.50 26.33 -2.51
CA ILE D 420 -2.44 27.78 -2.65
C ILE D 420 -1.00 28.24 -2.81
N GLY D 421 -0.03 27.32 -2.82
CA GLY D 421 1.35 27.68 -3.07
C GLY D 421 1.55 28.28 -4.45
N TYR D 422 0.86 27.72 -5.45
CA TYR D 422 0.87 28.33 -6.78
C TYR D 422 0.29 29.73 -6.77
N LEU D 423 -0.81 29.94 -6.03
CA LEU D 423 -1.47 31.23 -6.07
C LEU D 423 -0.52 32.36 -5.76
N ILE D 424 0.36 32.17 -4.77
CA ILE D 424 1.32 33.20 -4.40
C ILE D 424 2.20 33.58 -5.57
N ASP D 425 2.67 32.59 -6.34
CA ASP D 425 3.52 32.84 -7.50
C ASP D 425 2.74 33.15 -8.77
N VAL D 426 1.41 33.13 -8.72
CA VAL D 426 0.59 33.24 -9.91
C VAL D 426 -0.35 34.44 -9.82
N ARG D 427 -0.56 34.95 -8.60
CA ARG D 427 -1.41 36.10 -8.38
C ARG D 427 -1.03 37.26 -9.28
N ASP D 428 -1.99 38.16 -9.47
CA ASP D 428 -1.73 39.43 -10.12
C ASP D 428 -1.12 40.45 -9.18
N LYS D 429 -1.01 40.12 -7.88
CA LYS D 429 -0.49 40.97 -6.82
C LYS D 429 -1.33 42.21 -6.61
N GLU D 430 -2.40 42.41 -7.38
CA GLU D 430 -3.30 43.53 -7.20
C GLU D 430 -4.69 43.07 -6.80
N LEU D 431 -5.30 42.18 -7.60
CA LEU D 431 -6.62 41.66 -7.30
C LEU D 431 -6.65 40.13 -7.47
N HIS D 432 -6.01 39.41 -6.54
CA HIS D 432 -6.13 37.96 -6.55
C HIS D 432 -5.95 37.39 -5.15
N GLY D 433 -6.61 37.98 -4.16
CA GLY D 433 -6.45 37.51 -2.79
C GLY D 433 -6.75 36.03 -2.66
N GLY D 434 -6.37 35.47 -1.52
CA GLY D 434 -6.56 34.04 -1.30
C GLY D 434 -6.68 33.72 0.16
N TYR D 435 -7.29 32.57 0.44
CA TYR D 435 -7.41 32.06 1.79
C TYR D 435 -7.47 30.55 1.78
N PRO D 436 -6.45 29.85 2.29
CA PRO D 436 -6.49 28.39 2.31
C PRO D 436 -7.42 27.88 3.39
N LEU D 437 -8.04 26.74 3.12
CA LEU D 437 -8.90 26.09 4.11
C LEU D 437 -8.69 24.59 4.05
N ARG D 438 -8.30 24.00 5.18
CA ARG D 438 -8.14 22.57 5.30
C ARG D 438 -9.20 22.05 6.27
N GLY D 439 -10.03 21.12 5.80
CA GLY D 439 -11.01 20.48 6.63
C GLY D 439 -12.40 20.63 6.05
N LYS D 440 -13.39 20.37 6.90
CA LYS D 440 -14.80 20.43 6.52
C LYS D 440 -15.48 21.49 7.38
N VAL D 441 -15.99 22.54 6.74
CA VAL D 441 -16.69 23.60 7.45
C VAL D 441 -18.00 23.05 8.00
N LEU D 442 -18.28 23.36 9.27
CA LEU D 442 -19.50 22.89 9.91
C LEU D 442 -20.72 23.44 9.17
N ASN D 443 -21.77 22.62 9.09
CA ASN D 443 -23.01 23.05 8.45
C ASN D 443 -23.50 24.33 9.08
N SER D 444 -23.79 25.32 8.25
CA SER D 444 -24.30 26.61 8.71
C SER D 444 -25.81 26.74 8.54
N TRP D 445 -26.48 25.70 8.06
CA TRP D 445 -27.90 25.76 7.78
C TRP D 445 -28.63 25.31 9.04
N GLY D 446 -29.43 26.21 9.62
CA GLY D 446 -30.02 25.97 10.92
C GLY D 446 -29.04 26.13 12.06
N MET D 447 -27.84 26.62 11.80
CA MET D 447 -26.78 26.68 12.80
C MET D 447 -26.76 28.06 13.46
N SER D 448 -26.78 28.07 14.78
CA SER D 448 -26.97 29.31 15.53
C SER D 448 -25.78 30.25 15.38
N TYR D 449 -26.07 31.55 15.39
CA TYR D 449 -25.05 32.55 15.15
C TYR D 449 -24.06 32.67 16.30
N ALA D 450 -24.35 32.09 17.47
CA ALA D 450 -23.48 32.27 18.62
C ALA D 450 -22.09 31.69 18.37
N ASP D 451 -22.04 30.46 17.87
CA ASP D 451 -20.77 29.80 17.58
C ASP D 451 -20.39 29.85 16.10
N MET D 452 -21.08 30.65 15.29
CA MET D 452 -20.58 30.94 13.95
C MET D 452 -19.24 31.65 14.01
N LEU D 453 -19.11 32.62 14.91
CA LEU D 453 -17.85 33.32 15.12
C LEU D 453 -16.91 32.55 16.04
N LYS D 454 -17.44 31.73 16.94
CA LYS D 454 -16.60 30.87 17.76
C LYS D 454 -15.84 29.87 16.89
N ASN D 455 -16.49 29.35 15.86
CA ASN D 455 -15.81 28.55 14.85
C ASN D 455 -14.74 29.40 14.17
N LYS D 456 -13.51 28.90 14.14
CA LYS D 456 -12.38 29.71 13.73
C LYS D 456 -12.45 30.07 12.24
N GLU D 457 -12.65 29.07 11.37
CA GLU D 457 -12.64 29.32 9.94
C GLU D 457 -13.75 30.26 9.49
N LEU D 458 -14.96 30.05 9.98
CA LEU D 458 -16.08 30.88 9.54
C LEU D 458 -15.87 32.32 9.94
N PHE D 459 -15.42 32.56 11.17
CA PHE D 459 -15.10 33.93 11.60
C PHE D 459 -13.97 34.53 10.78
N ASP D 460 -12.95 33.72 10.46
CA ASP D 460 -11.87 34.23 9.63
C ASP D 460 -12.36 34.64 8.25
N ILE D 461 -13.32 33.90 7.70
CA ILE D 461 -13.87 34.25 6.38
C ILE D 461 -14.58 35.60 6.44
N CYS D 462 -15.40 35.83 7.45
CA CYS D 462 -16.05 37.14 7.59
C CYS D 462 -15.03 38.23 7.89
N ALA D 463 -13.91 37.87 8.50
CA ALA D 463 -12.86 38.85 8.73
C ALA D 463 -12.17 39.25 7.43
N ILE D 464 -11.84 38.26 6.59
CA ILE D 464 -11.11 38.53 5.36
C ILE D 464 -12.01 39.24 4.34
N THR D 465 -13.26 38.77 4.21
CA THR D 465 -14.18 39.38 3.25
C THR D 465 -14.76 40.70 3.77
N GLY D 466 -14.76 40.91 5.07
CA GLY D 466 -15.26 42.17 5.62
C GLY D 466 -16.76 42.21 5.83
N LEU D 467 -17.38 41.07 6.10
CA LEU D 467 -18.83 41.01 6.25
C LEU D 467 -19.23 40.82 7.71
N VAL D 468 -20.36 41.41 8.07
CA VAL D 468 -20.98 41.23 9.38
C VAL D 468 -22.24 40.40 9.19
N LEU D 469 -22.31 39.26 9.86
CA LEU D 469 -23.45 38.36 9.72
C LEU D 469 -24.73 39.05 10.20
N GLY D 470 -25.82 38.80 9.49
CA GLY D 470 -27.11 39.37 9.83
C GLY D 470 -27.38 40.74 9.25
N GLU D 471 -26.45 41.28 8.47
CA GLU D 471 -26.62 42.58 7.82
C GLU D 471 -26.45 42.42 6.32
N LYS D 472 -27.26 43.16 5.56
CA LYS D 472 -27.12 43.14 4.11
C LYS D 472 -25.70 43.54 3.71
N ALA D 473 -25.08 42.73 2.87
CA ALA D 473 -23.71 43.00 2.45
C ALA D 473 -23.62 44.25 1.61
N PHE D 474 -24.66 44.53 0.81
CA PHE D 474 -24.62 45.54 -0.24
C PHE D 474 -25.53 46.70 0.11
N GLU D 475 -25.67 47.63 -0.85
CA GLU D 475 -26.62 48.73 -0.72
C GLU D 475 -27.00 49.17 -2.13
N GLU D 476 -28.16 48.71 -2.61
CA GLU D 476 -28.56 49.00 -3.98
C GLU D 476 -29.08 50.43 -4.11
N LYS D 477 -28.69 51.10 -5.20
CA LYS D 477 -29.14 52.46 -5.47
C LYS D 477 -30.43 52.42 -6.27
N GLU D 478 -31.37 53.30 -5.92
CA GLU D 478 -32.66 53.34 -6.59
C GLU D 478 -32.52 53.87 -8.01
N ASP D 479 -33.41 53.40 -8.87
CA ASP D 479 -33.41 53.80 -10.28
C ASP D 479 -34.79 53.57 -10.86
N GLY D 480 -35.06 54.25 -11.98
CA GLY D 480 -36.35 54.13 -12.64
C GLY D 480 -36.26 54.12 -14.15
N GLU D 481 -35.11 53.69 -14.68
CA GLU D 481 -34.90 53.63 -16.12
C GLU D 481 -34.32 52.27 -16.48
N TRP D 482 -34.68 51.80 -17.67
CA TRP D 482 -34.23 50.49 -18.13
C TRP D 482 -33.86 50.55 -19.61
N PHE D 483 -32.87 49.76 -20.00
CA PHE D 483 -32.43 49.66 -21.38
C PHE D 483 -32.31 48.20 -21.78
N THR D 484 -32.28 47.97 -23.09
CA THR D 484 -31.99 46.65 -23.65
C THR D 484 -31.03 46.82 -24.82
N PHE D 485 -30.12 45.86 -24.96
CA PHE D 485 -29.14 45.89 -26.04
C PHE D 485 -28.65 44.48 -26.33
N GLU D 486 -28.01 44.34 -27.48
CA GLU D 486 -27.44 43.07 -27.91
C GLU D 486 -25.95 43.03 -27.59
N LEU D 487 -25.49 41.92 -27.01
CA LEU D 487 -24.07 41.73 -26.73
C LEU D 487 -23.68 40.32 -27.17
N ASN D 488 -22.78 40.25 -28.15
CA ASN D 488 -22.35 38.98 -28.73
C ASN D 488 -23.53 38.17 -29.24
N GLY D 489 -24.52 38.85 -29.82
CA GLY D 489 -25.69 38.19 -30.34
C GLY D 489 -26.75 37.82 -29.31
N ASP D 490 -26.56 38.20 -28.05
CA ASP D 490 -27.50 37.89 -26.99
C ASP D 490 -28.11 39.17 -26.45
N THR D 491 -29.43 39.20 -26.37
CA THR D 491 -30.13 40.36 -25.83
C THR D 491 -29.87 40.47 -24.34
N ILE D 492 -29.45 41.65 -23.90
CA ILE D 492 -29.10 41.91 -22.50
C ILE D 492 -29.97 43.04 -21.99
N ILE D 493 -30.61 42.81 -20.84
CA ILE D 493 -31.47 43.80 -20.20
C ILE D 493 -30.68 44.46 -19.08
N VAL D 494 -30.53 45.78 -19.16
CA VAL D 494 -29.72 46.53 -18.20
C VAL D 494 -30.49 47.75 -17.73
N ASN D 495 -30.03 48.30 -16.60
CA ASN D 495 -30.58 49.51 -16.01
C ASN D 495 -29.60 50.65 -16.21
N GLU D 496 -30.11 51.89 -16.12
CA GLU D 496 -29.26 53.06 -16.30
C GLU D 496 -28.16 53.13 -15.23
N ASN D 497 -28.40 52.51 -14.08
CA ASN D 497 -27.43 52.51 -12.98
C ASN D 497 -26.68 51.18 -12.87
N ASP D 498 -26.84 50.28 -13.84
CA ASP D 498 -26.20 48.98 -13.77
C ASP D 498 -24.76 49.04 -14.28
N GLU D 499 -24.04 47.94 -14.06
CA GLU D 499 -22.69 47.75 -14.57
C GLU D 499 -22.69 46.60 -15.56
N VAL D 500 -22.07 46.83 -16.72
CA VAL D 500 -21.99 45.82 -17.78
C VAL D 500 -20.52 45.46 -17.98
N GLN D 501 -20.23 44.16 -18.01
CA GLN D 501 -18.89 43.65 -18.21
C GLN D 501 -18.69 43.34 -19.70
N ILE D 502 -17.68 43.98 -20.29
CA ILE D 502 -17.34 43.75 -21.69
C ILE D 502 -15.85 43.42 -21.76
N ASN D 503 -15.53 42.29 -22.38
CA ASN D 503 -14.14 41.82 -22.51
C ASN D 503 -13.46 41.71 -21.15
N GLY D 504 -14.22 41.27 -20.14
CA GLY D 504 -13.67 41.06 -18.82
C GLY D 504 -13.53 42.30 -17.97
N LYS D 505 -14.00 43.45 -18.45
CA LYS D 505 -13.94 44.70 -17.71
C LYS D 505 -15.34 45.26 -17.53
N TRP D 506 -15.67 45.67 -16.31
CA TRP D 506 -16.98 46.22 -16.00
C TRP D 506 -17.02 47.71 -16.34
N ILE D 507 -18.00 48.11 -17.14
CA ILE D 507 -18.17 49.50 -17.55
C ILE D 507 -19.57 49.96 -17.15
N THR D 508 -19.66 51.16 -16.60
CA THR D 508 -20.95 51.71 -16.21
C THR D 508 -21.83 51.94 -17.43
N VAL D 509 -23.14 51.79 -17.22
CA VAL D 509 -24.09 51.98 -18.32
C VAL D 509 -24.05 53.42 -18.81
N GLY D 510 -23.91 54.38 -17.89
CA GLY D 510 -23.81 55.77 -18.30
C GLY D 510 -22.62 56.03 -19.20
N GLU D 511 -21.48 55.40 -18.89
CA GLU D 511 -20.30 55.56 -19.74
C GLU D 511 -20.46 54.84 -21.07
N LEU D 512 -21.14 53.69 -21.06
CA LEU D 512 -21.37 52.96 -22.31
C LEU D 512 -22.29 53.73 -23.24
N ARG D 513 -23.29 54.43 -22.68
CA ARG D 513 -24.18 55.24 -23.50
C ARG D 513 -23.44 56.33 -24.25
N LYS D 514 -22.29 56.77 -23.74
CA LYS D 514 -21.48 57.76 -24.44
C LYS D 514 -20.62 57.15 -25.54
N ASN D 515 -20.61 55.83 -25.67
CA ASN D 515 -19.82 55.15 -26.68
C ASN D 515 -20.55 55.02 -28.02
N LEU D 516 -21.74 55.61 -28.13
CA LEU D 516 -22.54 55.64 -29.36
C LEU D 516 -22.93 54.24 -29.84
N MET D 517 -23.20 53.31 -28.94
CA MET D 517 -23.75 52.01 -29.31
C MET D 517 -25.23 51.97 -28.93
N LYS D 518 -25.98 51.16 -29.68
CA LYS D 518 -27.44 51.24 -29.62
C LYS D 518 -27.99 50.78 -28.27
N PHE D 519 -28.86 51.60 -27.69
CA PHE D 519 -29.63 51.26 -26.49
C PHE D 519 -31.10 51.42 -26.80
N VAL D 520 -31.91 50.49 -26.31
CA VAL D 520 -33.36 50.52 -26.51
C VAL D 520 -34.02 50.66 -25.15
N LYS D 521 -34.80 51.73 -24.97
CA LYS D 521 -35.46 51.98 -23.70
C LYS D 521 -36.81 51.26 -23.66
N ILE D 522 -37.08 50.57 -22.55
CA ILE D 522 -38.32 49.86 -22.34
C ILE D 522 -38.90 50.25 -20.98
N ASP D 523 -40.19 50.01 -20.82
CA ASP D 523 -40.86 50.32 -19.57
C ASP D 523 -40.44 49.34 -18.48
N SER D 524 -40.54 49.79 -17.23
CA SER D 524 -40.17 48.94 -16.10
C SER D 524 -41.08 47.71 -16.00
N SER D 525 -42.37 47.87 -16.35
CA SER D 525 -43.29 46.75 -16.31
C SER D 525 -43.00 45.72 -17.40
N SER D 526 -42.24 46.10 -18.43
CA SER D 526 -41.89 45.18 -19.52
C SER D 526 -40.56 44.47 -19.29
N VAL D 527 -39.90 44.71 -18.16
CA VAL D 527 -38.61 44.08 -17.90
C VAL D 527 -38.83 42.66 -17.40
N ASP D 528 -38.13 41.71 -18.01
CA ASP D 528 -38.17 40.31 -17.59
C ASP D 528 -37.24 40.16 -16.39
N MET D 529 -37.83 40.05 -15.19
CA MET D 529 -37.03 39.98 -13.97
C MET D 529 -36.21 38.71 -13.92
N LYS D 530 -36.77 37.58 -14.36
CA LYS D 530 -36.04 36.31 -14.30
C LYS D 530 -34.79 36.35 -15.17
N LYS D 531 -34.91 36.83 -16.41
CA LYS D 531 -33.73 36.93 -17.27
C LYS D 531 -32.74 37.95 -16.73
N TYR D 532 -33.24 39.08 -16.24
CA TYR D 532 -32.35 40.13 -15.73
C TYR D 532 -31.53 39.62 -14.54
N LYS D 533 -32.17 38.88 -13.63
CA LYS D 533 -31.46 38.33 -12.49
C LYS D 533 -30.52 37.19 -12.86
N LEU D 534 -30.68 36.61 -14.05
CA LEU D 534 -29.83 35.51 -14.51
C LEU D 534 -28.70 35.97 -15.41
N GLN D 535 -28.53 37.28 -15.60
CA GLN D 535 -27.46 37.80 -16.43
C GLN D 535 -26.20 37.98 -15.58
N ASN D 536 -25.11 37.37 -16.02
CA ASN D 536 -23.84 37.43 -15.29
C ASN D 536 -22.93 38.54 -15.79
N ASN D 537 -23.26 39.19 -16.90
CA ASN D 537 -22.52 40.35 -17.38
C ASN D 537 -23.12 41.65 -16.88
N VAL D 538 -24.09 41.58 -15.98
CA VAL D 538 -24.80 42.75 -15.46
C VAL D 538 -24.65 42.78 -13.94
N ARG D 539 -24.32 43.95 -13.39
CA ARG D 539 -24.27 44.17 -11.96
C ARG D 539 -25.42 45.11 -11.57
N ARG D 540 -26.05 44.84 -10.43
CA ARG D 540 -27.34 45.44 -10.11
C ARG D 540 -27.20 46.63 -9.16
N SER D 541 -26.86 47.77 -9.75
CA SER D 541 -27.06 49.09 -9.13
C SER D 541 -26.33 49.21 -7.78
N ILE D 542 -25.00 49.13 -7.85
CA ILE D 542 -24.19 49.20 -6.65
C ILE D 542 -23.93 50.65 -6.26
N LYS D 543 -24.28 50.99 -5.01
CA LYS D 543 -23.96 52.28 -4.41
C LYS D 543 -22.74 52.21 -3.50
N SER D 544 -22.80 51.38 -2.45
CA SER D 544 -21.73 51.28 -1.47
C SER D 544 -21.63 49.86 -0.98
N SER D 545 -20.39 49.41 -0.72
CA SER D 545 -20.10 48.04 -0.32
C SER D 545 -19.24 48.06 0.94
N SER D 546 -19.66 47.27 1.94
CA SER D 546 -18.89 47.14 3.16
C SER D 546 -17.78 46.10 3.05
N MET D 547 -17.81 45.25 2.03
CA MET D 547 -16.76 44.26 1.87
C MET D 547 -15.51 44.90 1.30
N ASN D 548 -14.35 44.33 1.61
CA ASN D 548 -13.11 44.80 1.03
C ASN D 548 -12.68 43.97 -0.17
N TYR D 549 -13.25 42.79 -0.34
CA TYR D 549 -13.01 41.94 -1.50
C TYR D 549 -14.29 41.92 -2.32
N ALA D 550 -14.19 42.25 -3.61
CA ALA D 550 -15.38 42.38 -4.44
C ALA D 550 -16.04 41.02 -4.67
N ASN D 551 -15.26 40.02 -5.09
CA ASN D 551 -15.79 38.73 -5.47
C ASN D 551 -15.30 37.66 -4.50
N VAL D 552 -15.89 36.47 -4.61
CA VAL D 552 -15.41 35.27 -3.93
C VAL D 552 -15.42 34.15 -4.95
N ALA D 553 -14.25 33.66 -5.32
CA ALA D 553 -14.13 32.53 -6.24
C ALA D 553 -13.72 31.31 -5.42
N ILE D 554 -14.53 30.25 -5.50
CA ILE D 554 -14.25 29.05 -4.74
C ILE D 554 -13.37 28.12 -5.57
N MET D 555 -12.31 27.59 -4.95
CA MET D 555 -11.40 26.65 -5.62
C MET D 555 -11.32 25.39 -4.78
N THR D 556 -11.87 24.29 -5.30
CA THR D 556 -11.92 23.04 -4.57
C THR D 556 -11.54 21.88 -5.49
N ASP D 557 -11.36 20.70 -4.88
CA ASP D 557 -10.94 19.52 -5.60
C ASP D 557 -12.08 19.00 -6.47
N ALA D 558 -11.75 18.11 -7.40
CA ALA D 558 -12.71 17.54 -8.33
C ALA D 558 -13.19 16.16 -7.94
N ASP D 559 -12.44 15.44 -7.10
CA ASP D 559 -12.83 14.11 -6.67
C ASP D 559 -13.72 14.19 -5.42
N HIS D 560 -13.96 13.04 -4.80
CA HIS D 560 -14.86 12.95 -3.66
C HIS D 560 -14.38 13.76 -2.46
N ASP D 561 -13.11 14.17 -2.43
CA ASP D 561 -12.62 15.03 -1.36
C ASP D 561 -13.24 16.43 -1.42
N GLY D 562 -13.97 16.74 -2.49
CA GLY D 562 -14.68 18.00 -2.59
C GLY D 562 -16.17 17.84 -2.79
N LEU D 563 -16.58 16.69 -3.32
CA LEU D 563 -17.99 16.42 -3.59
C LEU D 563 -18.80 16.42 -2.30
N GLY D 564 -18.51 15.49 -1.40
CA GLY D 564 -19.11 15.51 -0.07
C GLY D 564 -18.29 16.32 0.90
N SER D 565 -17.97 17.55 0.51
CA SER D 565 -17.03 18.39 1.27
C SER D 565 -17.40 19.85 1.03
N ILE D 566 -16.44 20.73 1.29
CA ILE D 566 -16.58 22.19 1.38
C ILE D 566 -17.52 22.80 0.34
N TYR D 567 -17.56 22.22 -0.87
CA TYR D 567 -18.21 22.88 -2.02
C TYR D 567 -19.63 23.38 -1.76
N PRO D 568 -20.59 22.60 -1.25
CA PRO D 568 -21.89 23.18 -0.92
C PRO D 568 -21.98 23.78 0.48
N SER D 569 -21.11 23.36 1.41
CA SER D 569 -21.14 23.95 2.74
C SER D 569 -20.81 25.44 2.69
N LEU D 570 -19.85 25.81 1.86
CA LEU D 570 -19.48 27.22 1.73
C LEU D 570 -20.63 28.03 1.14
N LEU D 571 -21.35 27.48 0.17
CA LEU D 571 -22.54 28.15 -0.33
C LEU D 571 -23.61 28.27 0.74
N GLY D 572 -23.78 27.22 1.56
CA GLY D 572 -24.71 27.31 2.67
C GLY D 572 -24.36 28.43 3.62
N PHE D 573 -23.06 28.65 3.85
CA PHE D 573 -22.65 29.77 4.69
C PHE D 573 -22.90 31.11 4.00
N PHE D 574 -22.52 31.22 2.72
CA PHE D 574 -22.67 32.46 1.96
C PHE D 574 -24.12 32.83 1.72
N SER D 575 -25.05 31.90 1.87
CA SER D 575 -26.46 32.22 1.68
C SER D 575 -27.01 33.21 2.70
N ASN D 576 -26.28 33.46 3.78
CA ASN D 576 -26.73 34.43 4.78
C ASN D 576 -26.87 35.84 4.19
N TRP D 577 -26.22 36.10 3.06
CA TRP D 577 -26.40 37.35 2.30
C TRP D 577 -26.84 36.96 0.91
N PRO D 578 -28.14 36.79 0.69
CA PRO D 578 -28.62 36.30 -0.61
C PRO D 578 -28.31 37.24 -1.78
N GLU D 579 -28.01 38.51 -1.50
CA GLU D 579 -27.73 39.47 -2.56
C GLU D 579 -26.50 39.10 -3.38
N LEU D 580 -25.53 38.40 -2.78
CA LEU D 580 -24.29 38.10 -3.48
C LEU D 580 -24.54 37.19 -4.68
N PHE D 581 -25.29 36.11 -4.48
CA PHE D 581 -25.52 35.15 -5.56
C PHE D 581 -26.27 35.79 -6.72
N GLU D 582 -27.31 36.56 -6.43
CA GLU D 582 -28.09 37.19 -7.51
C GLU D 582 -27.33 38.35 -8.14
N GLN D 583 -26.36 38.93 -7.41
CA GLN D 583 -25.51 39.96 -7.99
C GLN D 583 -24.44 39.36 -8.89
N GLY D 584 -24.15 38.08 -8.74
CA GLY D 584 -23.08 37.44 -9.46
C GLY D 584 -21.77 37.36 -8.71
N ARG D 585 -21.76 37.65 -7.42
CA ARG D 585 -20.51 37.72 -6.67
C ARG D 585 -19.91 36.35 -6.39
N ILE D 586 -20.72 35.39 -5.96
CA ILE D 586 -20.18 34.07 -5.60
C ILE D 586 -19.95 33.28 -6.87
N ARG D 587 -18.74 32.77 -7.04
CA ARG D 587 -18.36 32.02 -8.23
C ARG D 587 -17.60 30.77 -7.85
N PHE D 588 -17.29 29.95 -8.85
CA PHE D 588 -16.52 28.74 -8.67
C PHE D 588 -15.59 28.58 -9.87
N VAL D 589 -14.30 28.38 -9.61
CA VAL D 589 -13.32 28.20 -10.67
C VAL D 589 -13.35 26.75 -11.11
N LYS D 590 -13.70 26.53 -12.38
CA LYS D 590 -13.87 25.18 -12.89
C LYS D 590 -12.52 24.52 -13.13
N THR D 591 -12.11 23.65 -12.20
CA THR D 591 -10.88 22.90 -12.38
C THR D 591 -11.04 21.91 -13.51
N PRO D 592 -10.13 21.86 -14.48
CA PRO D 592 -10.19 20.80 -15.48
C PRO D 592 -10.01 19.44 -14.84
N VAL D 593 -10.67 18.43 -15.39
CA VAL D 593 -10.60 17.07 -14.87
C VAL D 593 -9.69 16.20 -15.73
N ILE D 594 -9.65 16.44 -17.03
CA ILE D 594 -8.79 15.69 -17.94
C ILE D 594 -8.07 16.70 -18.83
N ILE D 595 -6.76 16.53 -18.98
CA ILE D 595 -5.93 17.45 -19.76
C ILE D 595 -5.22 16.68 -20.86
N ALA D 596 -5.29 17.20 -22.09
CA ALA D 596 -4.54 16.65 -23.20
C ALA D 596 -3.16 17.29 -23.29
N GLN D 597 -2.27 16.64 -24.03
CA GLN D 597 -0.88 17.08 -24.16
C GLN D 597 -0.42 17.00 -25.61
N VAL D 598 -1.24 17.54 -26.51
CA VAL D 598 -0.94 17.50 -27.94
C VAL D 598 0.02 18.63 -28.29
N GLY D 599 1.11 18.28 -28.98
CA GLY D 599 2.06 19.29 -29.43
C GLY D 599 2.66 20.06 -28.28
N LYS D 600 2.78 21.38 -28.47
CA LYS D 600 3.37 22.23 -27.45
C LYS D 600 2.32 22.67 -26.43
N LYS D 601 1.17 23.17 -26.89
CA LYS D 601 0.11 23.62 -26.00
C LYS D 601 -0.67 22.42 -25.49
N GLN D 602 -1.83 22.67 -24.87
CA GLN D 602 -2.59 21.63 -24.20
C GLN D 602 -4.07 21.98 -24.21
N GLU D 603 -4.90 20.94 -24.14
CA GLU D 603 -6.36 21.06 -24.14
C GLU D 603 -6.92 20.71 -22.78
N TRP D 604 -7.99 21.40 -22.38
CA TRP D 604 -8.60 21.25 -21.07
C TRP D 604 -10.02 20.73 -21.23
N PHE D 605 -10.36 19.70 -20.47
CA PHE D 605 -11.67 19.07 -20.53
C PHE D 605 -12.28 19.10 -19.14
N TYR D 606 -13.28 19.96 -18.93
CA TYR D 606 -13.77 20.21 -17.59
C TYR D 606 -14.54 19.03 -17.02
N THR D 607 -15.19 18.22 -17.86
CA THR D 607 -15.82 16.97 -17.46
C THR D 607 -15.63 15.93 -18.56
N VAL D 608 -15.86 14.67 -18.19
CA VAL D 608 -15.50 13.54 -19.06
C VAL D 608 -16.25 13.58 -20.38
N ALA D 609 -17.46 14.14 -20.41
CA ALA D 609 -18.26 14.09 -21.65
C ALA D 609 -17.58 14.84 -22.78
N GLU D 610 -17.07 16.03 -22.52
CA GLU D 610 -16.32 16.76 -23.54
C GLU D 610 -15.05 16.02 -23.95
N TYR D 611 -14.37 15.38 -23.00
CA TYR D 611 -13.17 14.62 -23.36
C TYR D 611 -13.51 13.50 -24.33
N GLU D 612 -14.56 12.73 -24.03
CA GLU D 612 -14.95 11.64 -24.92
C GLU D 612 -15.40 12.17 -26.28
N SER D 613 -16.11 13.30 -26.30
CA SER D 613 -16.58 13.83 -27.57
C SER D 613 -15.44 14.34 -28.45
N ALA D 614 -14.45 15.02 -27.86
CA ALA D 614 -13.38 15.62 -28.63
C ALA D 614 -12.10 14.80 -28.62
N LYS D 615 -12.16 13.54 -28.16
CA LYS D 615 -11.00 12.67 -28.20
C LYS D 615 -10.56 12.39 -29.63
N ASP D 616 -11.51 12.25 -30.54
CA ASP D 616 -11.20 11.85 -31.91
C ASP D 616 -10.33 12.88 -32.62
N ALA D 617 -10.59 14.16 -32.38
CA ALA D 617 -9.85 15.23 -33.03
C ALA D 617 -8.52 15.55 -32.35
N LEU D 618 -8.01 14.65 -31.53
CA LEU D 618 -6.80 14.91 -30.77
C LEU D 618 -5.64 14.09 -31.32
N PRO D 619 -4.67 14.73 -31.99
CA PRO D 619 -3.54 13.99 -32.57
C PRO D 619 -2.46 13.71 -31.54
N LYS D 620 -2.28 12.43 -31.22
CA LYS D 620 -1.27 11.97 -30.26
C LYS D 620 -1.46 12.66 -28.90
N HIS D 621 -2.59 12.37 -28.29
CA HIS D 621 -3.00 13.01 -27.04
C HIS D 621 -2.73 12.13 -25.83
N SER D 622 -2.47 12.78 -24.69
CA SER D 622 -2.09 12.12 -23.44
C SER D 622 -3.06 12.51 -22.34
N ILE D 623 -3.22 11.65 -21.34
CA ILE D 623 -4.22 11.85 -20.30
C ILE D 623 -3.54 12.08 -18.96
N ARG D 624 -4.03 13.08 -18.22
CA ARG D 624 -3.58 13.32 -16.84
C ARG D 624 -4.82 13.61 -16.00
N TYR D 625 -5.32 12.61 -15.29
CA TYR D 625 -6.54 12.76 -14.50
C TYR D 625 -6.28 13.75 -13.38
N ILE D 626 -6.86 14.93 -13.47
CA ILE D 626 -6.71 15.95 -12.42
C ILE D 626 -7.85 15.70 -11.43
N LYS D 627 -7.59 14.79 -10.50
CA LYS D 627 -8.53 14.51 -9.41
C LYS D 627 -8.14 15.27 -8.15
N GLY D 628 -7.93 16.56 -8.28
CA GLY D 628 -7.51 17.39 -7.17
C GLY D 628 -6.72 18.59 -7.64
N LEU D 629 -6.66 19.59 -6.77
CA LEU D 629 -5.98 20.84 -7.12
C LEU D 629 -4.47 20.67 -7.13
N GLY D 630 -3.95 19.78 -6.30
CA GLY D 630 -2.52 19.56 -6.25
C GLY D 630 -2.04 18.58 -7.30
N SER D 631 -2.65 18.65 -8.49
CA SER D 631 -2.20 17.84 -9.60
C SER D 631 -1.87 18.68 -10.83
N LEU D 632 -2.07 19.99 -10.77
CA LEU D 632 -1.74 20.89 -11.85
C LEU D 632 -0.34 21.47 -11.61
N GLU D 633 0.47 21.49 -12.66
CA GLU D 633 1.77 22.14 -12.55
C GLU D 633 1.58 23.65 -12.41
N LYS D 634 2.70 24.36 -12.25
CA LYS D 634 2.64 25.80 -12.02
C LYS D 634 2.02 26.54 -13.20
N SER D 635 2.41 26.17 -14.43
CA SER D 635 1.94 26.90 -15.60
C SER D 635 0.45 26.69 -15.83
N GLU D 636 -0.04 25.47 -15.64
CA GLU D 636 -1.46 25.19 -15.83
C GLU D 636 -2.30 25.94 -14.81
N TYR D 637 -1.85 25.98 -13.55
CA TYR D 637 -2.53 26.77 -12.54
C TYR D 637 -2.48 28.26 -12.87
N ARG D 638 -1.36 28.72 -13.45
CA ARG D 638 -1.28 30.11 -13.88
C ARG D 638 -2.31 30.42 -14.94
N GLU D 639 -2.44 29.56 -15.94
CA GLU D 639 -3.45 29.76 -16.96
C GLU D 639 -4.85 29.70 -16.37
N MET D 640 -5.09 28.77 -15.44
CA MET D 640 -6.40 28.62 -14.83
C MET D 640 -6.79 29.80 -13.95
N ILE D 641 -5.81 30.49 -13.36
CA ILE D 641 -6.09 31.64 -12.51
C ILE D 641 -6.22 32.92 -13.32
N GLN D 642 -5.30 33.15 -14.26
CA GLN D 642 -5.31 34.39 -15.02
C GLN D 642 -6.45 34.42 -16.04
N ASN D 643 -6.83 33.27 -16.58
CA ASN D 643 -7.91 33.16 -17.57
C ASN D 643 -8.95 32.20 -17.00
N PRO D 644 -9.71 32.62 -16.00
CA PRO D 644 -10.58 31.70 -15.27
C PRO D 644 -11.92 31.50 -15.97
N VAL D 645 -12.59 30.42 -15.58
CA VAL D 645 -13.94 30.11 -16.05
C VAL D 645 -14.79 29.89 -14.80
N TYR D 646 -15.84 30.68 -14.66
CA TYR D 646 -16.61 30.73 -13.42
C TYR D 646 -17.98 30.10 -13.62
N ASP D 647 -18.34 29.21 -12.69
CA ASP D 647 -19.71 28.70 -12.59
C ASP D 647 -20.44 29.59 -11.58
N VAL D 648 -20.85 30.76 -12.06
CA VAL D 648 -21.42 31.77 -11.17
C VAL D 648 -22.75 31.24 -10.64
N VAL D 649 -22.77 30.81 -9.38
CA VAL D 649 -23.97 30.22 -8.81
C VAL D 649 -24.98 31.31 -8.51
N LYS D 650 -26.26 30.94 -8.60
CA LYS D 650 -27.36 31.85 -8.34
C LYS D 650 -28.44 31.14 -7.54
N LEU D 651 -29.22 31.92 -6.81
CA LEU D 651 -30.26 31.36 -5.95
C LEU D 651 -31.60 31.38 -6.68
N PRO D 652 -32.23 30.24 -6.93
CA PRO D 652 -33.61 30.25 -7.41
C PRO D 652 -34.55 30.45 -6.25
N GLU D 653 -35.86 30.57 -6.51
CA GLU D 653 -36.81 30.76 -5.42
C GLU D 653 -36.89 29.53 -4.52
N ASN D 654 -36.39 28.39 -4.99
CA ASN D 654 -36.41 27.15 -4.21
C ASN D 654 -35.17 27.00 -3.32
N TRP D 655 -34.27 27.98 -3.29
CA TRP D 655 -33.05 27.86 -2.50
C TRP D 655 -33.38 27.75 -1.02
N LYS D 656 -34.62 28.09 -0.66
CA LYS D 656 -35.05 27.82 0.70
C LYS D 656 -35.14 26.32 0.96
N GLU D 657 -35.17 25.50 -0.10
CA GLU D 657 -35.51 24.09 0.06
C GLU D 657 -34.31 23.17 -0.18
N LEU D 658 -33.52 23.43 -1.22
CA LEU D 658 -32.41 22.52 -1.52
C LEU D 658 -31.34 22.55 -0.44
N PHE D 659 -31.30 23.60 0.38
CA PHE D 659 -30.37 23.61 1.50
C PHE D 659 -30.86 22.76 2.66
N GLU D 660 -32.14 22.40 2.69
CA GLU D 660 -32.63 21.45 3.67
C GLU D 660 -32.66 20.03 3.14
N MET D 661 -32.90 19.86 1.83
CA MET D 661 -32.94 18.51 1.27
C MET D 661 -31.58 17.82 1.41
N LEU D 662 -30.50 18.60 1.40
CA LEU D 662 -29.15 18.08 1.55
C LEU D 662 -28.39 19.00 2.50
N MET D 663 -27.59 18.41 3.39
CA MET D 663 -26.69 19.14 4.27
C MET D 663 -27.46 19.89 5.36
N GLY D 664 -28.79 19.91 5.25
CA GLY D 664 -29.62 20.60 6.21
C GLY D 664 -30.01 19.77 7.41
#